data_8HB9
#
_entry.id   8HB9
#
_cell.length_a   84.759
_cell.length_b   76.426
_cell.length_c   171.971
_cell.angle_alpha   90.000
_cell.angle_beta   98.270
_cell.angle_gamma   90.000
#
_symmetry.space_group_name_H-M   'P 1 21 1'
#
loop_
_entity.id
_entity.type
_entity.pdbx_description
1 polymer 'Isocitrate dehydrogenase [NADP] cytoplasmic'
2 non-polymer [2-[2-[[1-[4-[(1S)-1-[[5-fluoranyl-4-[(4S)-2-oxidanylidene-4-propan-2-yl-1,3-oxazolidin-3-yl]pyrimidin-2-yl]amino]ethyl]phenyl]piperidin-4-yl]sulfamoyl]ethylsulfanylmethyl]-3-oxidanylidene-propyl]-trimethyl-azanium
3 non-polymer 'NADPH DIHYDRO-NICOTINAMIDE-ADENINE-DINUCLEOTIDE PHOSPHATE'
4 non-polymer GLYCEROL
5 non-polymer DI(HYDROXYETHYL)ETHER
6 water water
#
_entity_poly.entity_id   1
_entity_poly.type   'polypeptide(L)'
_entity_poly.pdbx_seq_one_letter_code
;MSKKISGGSVVEMQGDEMTRIIWELIKEKLIFPYVELDLHSYDLGIENRDATNDQVTKDAAEAIKKHNVGVKCATITPDE
KRVEEFKLKQMWKSPNGTIRNILGGTVFREAIICKNIPRLVSGWVKPIIIGHHAYGDQYRATDFVVPGPGKVEITYTPSD
GTQKVTYLVHNFEEGGGVAMGMYNQDKSIEDFAHSSFQMALSKGWPLYLSTKNTILKKYDGRFKDIFQEIYDKQYKSQFE
AQKIWYEHRLIDDMVAQAMKSEGGFIWACKNYDGDVQSDSVAQGYGSLGMMTSVLVCPDGKTVEAEAAHGTVTRHYRMYQ
KGQETSTNPIASIFAWTRGLAHRAKLDNNKELAFFANALEEVSIETIEAGFMTKDLAACIKGLPNVQRSDYLNTFEFMDK
LGENLKIKLAQAKL
;
_entity_poly.pdbx_strand_id   AAA,BBB,CCC,DDD
#
loop_
_chem_comp.id
_chem_comp.type
_chem_comp.name
_chem_comp.formula
GOL non-polymer GLYCEROL 'C3 H8 O3'
NDP non-polymer 'NADPH DIHYDRO-NICOTINAMIDE-ADENINE-DINUCLEOTIDE PHOSPHATE' 'C21 H30 N7 O17 P3'
PEG non-polymer DI(HYDROXYETHYL)ETHER 'C4 H10 O3'
R1R non-polymer [2-[2-[[1-[4-[(1S)-1-[[5-fluoranyl-4-[(4S)-2-oxidanylidene-4-propan-2-yl-1,3-oxazolidin-3-yl]pyrimidin-2-yl]amino]ethyl]phenyl]piperidin-4-yl]sulfamoyl]ethylsulfanylmethyl]-3-oxidanylidene-propyl]-trimethyl-azanium 'C32 H49 F N7 O5 S2 1'
#
# COMPACT_ATOMS: atom_id res chain seq x y z
N LYS A 3 -15.50 22.87 7.34
CA LYS A 3 -14.76 22.11 8.39
C LYS A 3 -15.50 22.24 9.74
N LYS A 4 -15.79 21.12 10.39
CA LYS A 4 -16.49 21.00 11.70
C LYS A 4 -15.52 21.29 12.85
N ILE A 5 -16.02 21.29 14.09
CA ILE A 5 -15.23 21.54 15.34
C ILE A 5 -14.70 20.20 15.86
N SER A 6 -13.48 20.20 16.42
CA SER A 6 -12.85 19.01 17.07
C SER A 6 -13.30 18.96 18.53
N GLY A 7 -14.38 18.22 18.80
CA GLY A 7 -15.01 18.13 20.14
C GLY A 7 -14.12 17.41 21.15
N GLY A 8 -13.50 16.30 20.73
CA GLY A 8 -12.60 15.49 21.57
C GLY A 8 -13.29 14.22 22.05
N SER A 9 -12.90 13.72 23.23
CA SER A 9 -13.36 12.44 23.81
C SER A 9 -14.66 12.65 24.59
N VAL A 10 -15.77 12.07 24.11
CA VAL A 10 -17.10 12.14 24.75
C VAL A 10 -17.69 10.71 24.81
N VAL A 11 -18.14 10.29 26.00
CA VAL A 11 -18.86 9.00 26.21
C VAL A 11 -20.36 9.27 26.03
N GLU A 12 -21.00 8.57 25.09
CA GLU A 12 -22.43 8.70 24.75
C GLU A 12 -23.15 7.39 25.09
N MET A 13 -24.31 7.47 25.73
CA MET A 13 -25.12 6.30 26.15
C MET A 13 -26.54 6.41 25.57
N GLN A 14 -26.88 5.54 24.62
CA GLN A 14 -28.22 5.48 23.97
C GLN A 14 -29.21 4.84 24.97
N GLY A 15 -30.49 5.20 24.89
CA GLY A 15 -31.52 4.85 25.89
C GLY A 15 -32.70 4.12 25.27
N ASP A 16 -33.92 4.38 25.77
CA ASP A 16 -35.13 3.57 25.52
C ASP A 16 -36.30 4.45 25.08
N GLU A 17 -37.23 3.86 24.32
CA GLU A 17 -38.58 4.40 24.02
C GLU A 17 -38.46 5.79 23.39
N MET A 18 -39.15 6.80 23.93
CA MET A 18 -39.36 8.11 23.25
C MET A 18 -38.06 8.93 23.25
N THR A 19 -37.34 8.94 24.37
CA THR A 19 -36.07 9.69 24.54
C THR A 19 -35.02 9.17 23.54
N ARG A 20 -35.03 7.87 23.25
CA ARG A 20 -34.11 7.22 22.28
C ARG A 20 -34.31 7.85 20.90
N ILE A 21 -35.56 8.08 20.49
CA ILE A 21 -35.93 8.68 19.17
C ILE A 21 -35.40 10.12 19.11
N ILE A 22 -35.66 10.91 20.16
CA ILE A 22 -35.22 12.33 20.31
C ILE A 22 -33.69 12.39 20.35
N TRP A 23 -33.05 11.46 21.06
CA TRP A 23 -31.57 11.38 21.23
C TRP A 23 -30.89 11.29 19.86
N GLU A 24 -31.44 10.45 18.97
CA GLU A 24 -30.91 10.21 17.60
C GLU A 24 -31.10 11.48 16.76
N LEU A 25 -32.25 12.15 16.88
CA LEU A 25 -32.56 13.42 16.16
C LEU A 25 -31.57 14.51 16.59
N ILE A 26 -31.28 14.62 17.89
CA ILE A 26 -30.32 15.63 18.47
C ILE A 26 -28.95 15.42 17.80
N LYS A 27 -28.45 14.19 17.80
CA LYS A 27 -27.13 13.83 17.20
C LYS A 27 -27.13 14.19 15.71
N GLU A 28 -28.18 13.79 14.99
CA GLU A 28 -28.28 13.89 13.51
C GLU A 28 -28.37 15.37 13.08
N LYS A 29 -29.19 16.18 13.79
CA LYS A 29 -29.62 17.52 13.33
C LYS A 29 -28.83 18.64 14.02
N LEU A 30 -28.45 18.48 15.30
CA LEU A 30 -27.89 19.57 16.14
C LEU A 30 -26.38 19.41 16.37
N ILE A 31 -25.89 18.18 16.56
CA ILE A 31 -24.49 17.91 17.00
C ILE A 31 -23.60 17.60 15.78
N PHE A 32 -23.81 16.44 15.13
CA PHE A 32 -22.91 15.84 14.11
C PHE A 32 -22.66 16.80 12.94
N PRO A 33 -23.65 17.57 12.44
CA PRO A 33 -23.41 18.50 11.34
C PRO A 33 -22.35 19.58 11.59
N TYR A 34 -22.02 19.87 12.86
CA TYR A 34 -21.14 20.99 13.27
C TYR A 34 -19.94 20.52 14.11
N VAL A 35 -20.01 19.32 14.71
CA VAL A 35 -18.99 18.84 15.70
C VAL A 35 -18.60 17.40 15.35
N GLU A 36 -17.29 17.14 15.24
CA GLU A 36 -16.68 15.81 15.10
C GLU A 36 -16.16 15.38 16.49
N LEU A 37 -16.49 14.15 16.91
CA LEU A 37 -16.16 13.63 18.26
C LEU A 37 -15.41 12.31 18.14
N ASP A 38 -14.39 12.10 18.98
CA ASP A 38 -13.87 10.76 19.35
C ASP A 38 -14.93 10.09 20.25
N LEU A 39 -15.98 9.58 19.62
CA LEU A 39 -17.25 9.19 20.32
C LEU A 39 -17.13 7.75 20.83
N HIS A 40 -17.30 7.57 22.14
CA HIS A 40 -17.38 6.26 22.84
C HIS A 40 -18.86 5.92 23.08
N SER A 41 -19.52 5.32 22.08
CA SER A 41 -20.97 5.01 22.10
C SER A 41 -21.22 3.67 22.79
N TYR A 42 -22.17 3.65 23.72
CA TYR A 42 -22.64 2.45 24.46
C TYR A 42 -24.17 2.43 24.41
N ASP A 43 -24.75 1.31 23.97
CA ASP A 43 -26.23 1.14 23.85
C ASP A 43 -26.77 0.59 25.18
N LEU A 44 -27.33 1.45 26.01
CA LEU A 44 -27.99 1.08 27.29
C LEU A 44 -29.50 0.90 27.08
N GLY A 45 -29.91 0.63 25.83
CA GLY A 45 -31.26 0.11 25.51
C GLY A 45 -31.52 -1.20 26.25
N ILE A 46 -32.75 -1.41 26.72
CA ILE A 46 -33.14 -2.54 27.61
C ILE A 46 -32.80 -3.88 26.93
N GLU A 47 -33.03 -3.98 25.61
CA GLU A 47 -32.80 -5.22 24.82
C GLU A 47 -31.31 -5.57 24.83
N ASN A 48 -30.42 -4.60 24.63
CA ASN A 48 -28.95 -4.82 24.57
C ASN A 48 -28.40 -5.10 25.96
N ARG A 49 -28.92 -4.42 26.99
CA ARG A 49 -28.55 -4.66 28.42
C ARG A 49 -28.87 -6.12 28.78
N ASP A 50 -30.03 -6.61 28.35
CA ASP A 50 -30.48 -8.02 28.56
C ASP A 50 -29.54 -8.97 27.81
N ALA A 51 -29.20 -8.63 26.57
CA ALA A 51 -28.36 -9.44 25.65
C ALA A 51 -26.93 -9.58 26.21
N THR A 52 -26.40 -8.54 26.84
CA THR A 52 -25.00 -8.46 27.35
C THR A 52 -24.95 -8.78 28.85
N ASN A 53 -26.11 -9.06 29.47
CA ASN A 53 -26.26 -9.30 30.93
C ASN A 53 -25.76 -8.06 31.69
N ASP A 54 -26.10 -6.87 31.18
CA ASP A 54 -25.85 -5.55 31.82
C ASP A 54 -24.35 -5.25 31.84
N GLN A 55 -23.54 -5.92 31.01
CA GLN A 55 -22.07 -5.71 30.92
C GLN A 55 -21.80 -4.37 30.23
N VAL A 56 -22.66 -4.00 29.27
CA VAL A 56 -22.57 -2.71 28.51
C VAL A 56 -22.66 -1.54 29.51
N THR A 57 -23.50 -1.66 30.55
CA THR A 57 -23.73 -0.62 31.59
C THR A 57 -22.46 -0.40 32.40
N LYS A 58 -21.76 -1.48 32.77
CA LYS A 58 -20.51 -1.44 33.58
C LYS A 58 -19.39 -0.84 32.73
N ASP A 59 -19.30 -1.23 31.45
CA ASP A 59 -18.32 -0.72 30.46
C ASP A 59 -18.52 0.78 30.28
N ALA A 60 -19.78 1.22 30.17
CA ALA A 60 -20.19 2.64 30.01
C ALA A 60 -19.66 3.46 31.20
N ALA A 61 -19.82 2.93 32.42
CA ALA A 61 -19.38 3.58 33.68
C ALA A 61 -17.85 3.74 33.68
N GLU A 62 -17.13 2.66 33.37
CA GLU A 62 -15.63 2.63 33.39
C GLU A 62 -15.11 3.62 32.33
N ALA A 63 -15.84 3.76 31.21
CA ALA A 63 -15.51 4.67 30.09
C ALA A 63 -15.61 6.13 30.55
N ILE A 64 -16.67 6.47 31.28
CA ILE A 64 -16.91 7.84 31.83
C ILE A 64 -15.75 8.19 32.79
N LYS A 65 -15.35 7.23 33.63
CA LYS A 65 -14.25 7.40 34.63
C LYS A 65 -12.94 7.69 33.89
N LYS A 66 -12.74 7.11 32.71
CA LYS A 66 -11.50 7.23 31.91
C LYS A 66 -11.48 8.56 31.16
N HIS A 67 -12.58 8.93 30.50
CA HIS A 67 -12.65 10.03 29.50
C HIS A 67 -13.28 11.30 30.10
N ASN A 68 -13.91 11.21 31.28
CA ASN A 68 -14.28 12.36 32.16
C ASN A 68 -15.63 12.98 31.77
N VAL A 69 -16.12 12.75 30.54
CA VAL A 69 -17.37 13.38 30.03
C VAL A 69 -18.35 12.29 29.58
N GLY A 70 -19.52 12.23 30.21
CA GLY A 70 -20.63 11.32 29.85
C GLY A 70 -21.89 12.09 29.52
N VAL A 71 -22.60 11.69 28.46
CA VAL A 71 -23.96 12.18 28.10
C VAL A 71 -24.86 10.96 27.91
N LYS A 72 -25.96 10.88 28.68
CA LYS A 72 -26.80 9.66 28.78
C LYS A 72 -28.26 9.99 28.42
N CYS A 73 -28.83 9.20 27.51
CA CYS A 73 -30.28 9.14 27.19
C CYS A 73 -30.99 8.40 28.33
N ALA A 74 -32.24 8.77 28.63
CA ALA A 74 -33.08 8.13 29.67
C ALA A 74 -33.26 6.65 29.34
N THR A 75 -33.22 5.79 30.36
CA THR A 75 -33.27 4.31 30.25
C THR A 75 -34.42 3.75 31.09
N ILE A 76 -34.98 2.61 30.68
CA ILE A 76 -36.01 1.85 31.45
C ILE A 76 -35.32 1.19 32.65
N THR A 77 -35.85 1.42 33.85
CA THR A 77 -35.50 0.66 35.09
C THR A 77 -36.49 -0.50 35.22
N PRO A 78 -36.04 -1.77 35.04
CA PRO A 78 -36.94 -2.92 35.12
C PRO A 78 -37.70 -3.04 36.45
N ASP A 79 -39.04 -3.20 36.35
CA ASP A 79 -39.93 -3.69 37.43
C ASP A 79 -40.52 -5.03 36.96
N GLU A 80 -41.48 -5.59 37.72
CA GLU A 80 -42.12 -6.89 37.40
CA GLU A 80 -42.12 -6.89 37.40
C GLU A 80 -42.79 -6.82 36.02
N LYS A 81 -43.48 -5.71 35.72
CA LYS A 81 -44.23 -5.50 34.45
C LYS A 81 -43.26 -5.50 33.27
N ARG A 82 -42.10 -4.87 33.41
CA ARG A 82 -41.05 -4.74 32.35
C ARG A 82 -40.43 -6.12 32.06
N VAL A 83 -40.21 -6.94 33.09
CA VAL A 83 -39.64 -8.31 32.97
C VAL A 83 -40.54 -9.13 32.02
N GLU A 84 -41.86 -9.04 32.20
CA GLU A 84 -42.87 -9.78 31.38
C GLU A 84 -42.93 -9.19 29.97
N GLU A 85 -42.77 -7.88 29.82
CA GLU A 85 -42.89 -7.15 28.53
C GLU A 85 -41.76 -7.57 27.58
N PHE A 86 -40.52 -7.63 28.08
CA PHE A 86 -39.29 -7.86 27.28
C PHE A 86 -38.73 -9.28 27.50
N LYS A 87 -39.39 -10.08 28.35
CA LYS A 87 -38.97 -11.46 28.71
C LYS A 87 -37.52 -11.42 29.23
N LEU A 88 -37.25 -10.51 30.17
CA LEU A 88 -35.88 -10.23 30.70
C LEU A 88 -35.38 -11.44 31.49
N LYS A 89 -34.07 -11.71 31.40
CA LYS A 89 -33.38 -12.82 32.11
C LYS A 89 -33.45 -12.56 33.62
N GLN A 90 -33.19 -11.31 34.04
CA GLN A 90 -33.25 -10.86 35.45
C GLN A 90 -33.87 -9.46 35.50
N MET A 91 -34.35 -9.04 36.68
CA MET A 91 -34.79 -7.65 36.95
C MET A 91 -33.54 -6.80 37.18
N TRP A 92 -32.94 -6.30 36.09
CA TRP A 92 -31.64 -5.57 36.09
C TRP A 92 -31.77 -4.30 36.95
N LYS A 93 -30.71 -3.97 37.69
CA LYS A 93 -30.60 -2.74 38.51
C LYS A 93 -30.62 -1.52 37.58
N SER A 94 -31.14 -0.38 38.08
CA SER A 94 -31.15 0.94 37.39
C SER A 94 -29.76 1.27 36.85
N PRO A 95 -29.60 1.48 35.53
CA PRO A 95 -28.31 1.89 34.96
C PRO A 95 -27.70 3.13 35.64
N ASN A 96 -28.55 4.10 36.01
CA ASN A 96 -28.14 5.33 36.75
C ASN A 96 -27.49 4.94 38.08
N GLY A 97 -28.09 3.99 38.79
CA GLY A 97 -27.58 3.46 40.08
C GLY A 97 -26.20 2.84 39.94
N THR A 98 -26.01 1.98 38.94
CA THR A 98 -24.73 1.30 38.62
C THR A 98 -23.64 2.35 38.34
N ILE A 99 -23.97 3.36 37.55
CA ILE A 99 -23.03 4.45 37.13
C ILE A 99 -22.68 5.31 38.34
N ARG A 100 -23.68 5.72 39.14
CA ARG A 100 -23.50 6.55 40.36
C ARG A 100 -22.63 5.80 41.37
N ASN A 101 -22.85 4.48 41.52
CA ASN A 101 -22.11 3.60 42.48
C ASN A 101 -20.63 3.57 42.09
N ILE A 102 -20.31 3.59 40.80
CA ILE A 102 -18.92 3.48 40.27
C ILE A 102 -18.24 4.85 40.29
N LEU A 103 -18.92 5.90 39.81
CA LEU A 103 -18.34 7.26 39.66
C LEU A 103 -18.39 8.01 41.00
N GLY A 104 -19.49 7.86 41.74
CA GLY A 104 -19.80 8.67 42.95
C GLY A 104 -20.18 10.10 42.57
N GLY A 105 -20.14 11.01 43.54
CA GLY A 105 -20.39 12.45 43.34
C GLY A 105 -21.81 12.84 43.71
N THR A 106 -22.14 14.12 43.50
CA THR A 106 -23.45 14.75 43.85
C THR A 106 -24.21 15.09 42.56
N VAL A 107 -25.51 14.77 42.52
CA VAL A 107 -26.44 15.10 41.40
C VAL A 107 -26.95 16.53 41.61
N PHE A 108 -26.87 17.38 40.58
CA PHE A 108 -27.38 18.77 40.59
C PHE A 108 -28.43 18.93 39.48
N ARG A 109 -29.61 19.43 39.85
CA ARG A 109 -30.74 19.68 38.92
C ARG A 109 -30.84 21.19 38.64
N GLU A 110 -31.08 21.55 37.38
CA GLU A 110 -31.18 22.96 36.89
C GLU A 110 -32.31 23.04 35.88
N ALA A 111 -33.31 23.90 36.13
CA ALA A 111 -34.42 24.22 35.22
C ALA A 111 -33.91 25.18 34.14
N ILE A 112 -34.42 25.05 32.91
CA ILE A 112 -34.19 26.01 31.79
C ILE A 112 -35.32 27.04 31.85
N ILE A 113 -34.99 28.33 31.94
CA ILE A 113 -35.95 29.45 32.12
C ILE A 113 -36.11 30.19 30.79
N CYS A 114 -37.36 30.34 30.33
CA CYS A 114 -37.76 31.18 29.18
C CYS A 114 -38.69 32.28 29.69
N LYS A 115 -38.55 33.49 29.13
CA LYS A 115 -39.22 34.72 29.64
CA LYS A 115 -39.23 34.72 29.63
C LYS A 115 -40.73 34.65 29.37
N ASN A 116 -41.15 33.92 28.34
CA ASN A 116 -42.58 33.79 27.92
C ASN A 116 -43.22 32.56 28.58
N ILE A 117 -42.47 31.80 29.39
CA ILE A 117 -42.96 30.58 30.10
C ILE A 117 -43.06 30.90 31.60
N PRO A 118 -44.28 30.82 32.19
CA PRO A 118 -44.47 31.08 33.62
C PRO A 118 -43.58 30.23 34.54
N ARG A 119 -43.36 30.74 35.76
CA ARG A 119 -42.58 30.09 36.84
C ARG A 119 -43.44 29.98 38.09
N LEU A 120 -43.17 28.97 38.92
CA LEU A 120 -43.81 28.76 40.24
C LEU A 120 -43.79 30.08 41.02
N VAL A 121 -42.61 30.72 41.06
CA VAL A 121 -42.40 32.08 41.64
C VAL A 121 -42.01 33.01 40.47
N SER A 122 -42.83 34.02 40.19
CA SER A 122 -42.66 34.96 39.04
C SER A 122 -41.35 35.75 39.20
N GLY A 123 -40.90 35.98 40.44
CA GLY A 123 -39.65 36.67 40.78
C GLY A 123 -38.43 35.95 40.23
N TRP A 124 -38.48 34.62 40.14
CA TRP A 124 -37.38 33.75 39.63
C TRP A 124 -37.19 34.01 38.13
N VAL A 125 -36.19 34.79 37.75
CA VAL A 125 -35.86 35.14 36.34
C VAL A 125 -34.56 34.44 35.91
N LYS A 126 -33.82 33.86 36.86
CA LYS A 126 -32.60 33.04 36.61
C LYS A 126 -32.79 31.67 37.27
N PRO A 127 -32.16 30.59 36.75
CA PRO A 127 -32.29 29.26 37.34
C PRO A 127 -31.76 29.17 38.78
N ILE A 128 -32.33 28.24 39.56
CA ILE A 128 -31.80 27.79 40.88
C ILE A 128 -31.33 26.35 40.73
N ILE A 129 -30.09 26.05 41.11
CA ILE A 129 -29.47 24.69 40.98
C ILE A 129 -29.55 24.00 42.35
N ILE A 130 -30.31 22.91 42.44
CA ILE A 130 -30.53 22.11 43.68
C ILE A 130 -29.59 20.88 43.66
N GLY A 131 -28.78 20.73 44.71
CA GLY A 131 -27.92 19.56 44.93
C GLY A 131 -28.32 18.80 46.18
N HIS A 132 -28.74 17.55 46.04
CA HIS A 132 -29.17 16.65 47.16
CA HIS A 132 -29.16 16.65 47.15
C HIS A 132 -28.01 15.71 47.52
N HIS A 133 -27.88 15.37 48.80
CA HIS A 133 -26.93 14.34 49.33
C HIS A 133 -27.61 12.97 49.26
N ALA A 134 -26.84 11.90 49.03
CA ALA A 134 -27.29 10.49 49.11
C ALA A 134 -26.21 9.62 49.77
N ARG A 140 -28.17 3.16 53.26
CA ARG A 140 -29.31 3.99 53.76
C ARG A 140 -29.50 3.73 55.27
N ALA A 141 -30.72 3.40 55.69
CA ALA A 141 -31.17 3.48 57.11
C ALA A 141 -31.67 2.12 57.58
N THR A 142 -31.55 1.85 58.88
CA THR A 142 -31.97 0.59 59.56
C THR A 142 -33.22 0.88 60.42
N ASP A 143 -34.40 0.53 59.92
CA ASP A 143 -35.71 0.72 60.60
C ASP A 143 -36.28 -0.66 60.98
N PHE A 144 -37.07 -0.71 62.06
CA PHE A 144 -37.71 -1.95 62.58
C PHE A 144 -38.95 -1.59 63.40
N VAL A 145 -39.82 -2.58 63.63
CA VAL A 145 -41.05 -2.44 64.47
C VAL A 145 -40.70 -2.75 65.93
N VAL A 146 -41.11 -1.87 66.84
CA VAL A 146 -41.05 -2.10 68.32
C VAL A 146 -42.34 -2.79 68.73
N PRO A 147 -42.30 -4.11 69.07
CA PRO A 147 -43.52 -4.90 69.25
C PRO A 147 -44.34 -4.48 70.49
N GLY A 148 -43.67 -4.10 71.56
CA GLY A 148 -44.32 -3.67 72.83
C GLY A 148 -43.38 -2.84 73.70
N PRO A 149 -43.78 -2.54 74.96
CA PRO A 149 -42.95 -1.75 75.86
C PRO A 149 -41.50 -2.24 76.01
N GLY A 150 -40.59 -1.33 76.33
CA GLY A 150 -39.15 -1.59 76.43
C GLY A 150 -38.32 -0.35 76.11
N LYS A 151 -37.00 -0.47 76.23
CA LYS A 151 -36.02 0.64 76.06
C LYS A 151 -35.28 0.45 74.74
N VAL A 152 -35.36 1.43 73.83
CA VAL A 152 -34.58 1.48 72.56
C VAL A 152 -33.38 2.42 72.76
N GLU A 153 -32.17 1.90 72.56
CA GLU A 153 -30.89 2.65 72.75
C GLU A 153 -30.04 2.50 71.48
N ILE A 154 -29.20 3.51 71.19
CA ILE A 154 -28.21 3.49 70.07
C ILE A 154 -26.80 3.57 70.68
N THR A 155 -25.91 2.65 70.32
CA THR A 155 -24.61 2.40 70.98
C THR A 155 -23.48 2.48 69.95
N TYR A 156 -22.38 3.14 70.30
CA TYR A 156 -21.14 3.25 69.49
C TYR A 156 -19.99 2.54 70.22
N THR A 157 -19.49 1.44 69.64
CA THR A 157 -18.35 0.64 70.18
C THR A 157 -17.11 0.94 69.33
N PRO A 158 -16.15 1.75 69.82
CA PRO A 158 -14.92 2.05 69.07
C PRO A 158 -14.11 0.78 68.72
N SER A 159 -13.52 0.76 67.53
CA SER A 159 -12.70 -0.37 67.00
C SER A 159 -11.39 -0.48 67.78
N ASP A 160 -10.93 0.60 68.42
CA ASP A 160 -9.64 0.66 69.17
C ASP A 160 -9.80 0.04 70.57
N GLY A 161 -11.03 -0.33 70.96
CA GLY A 161 -11.31 -1.06 72.22
C GLY A 161 -11.47 -0.12 73.41
N THR A 162 -11.57 1.20 73.19
CA THR A 162 -11.86 2.21 74.23
C THR A 162 -13.32 2.08 74.66
N GLN A 163 -13.74 2.86 75.66
CA GLN A 163 -15.07 2.74 76.34
C GLN A 163 -16.20 2.82 75.31
N LYS A 164 -17.21 1.95 75.45
CA LYS A 164 -18.45 1.91 74.63
C LYS A 164 -19.39 3.03 75.12
N VAL A 165 -20.02 3.76 74.20
CA VAL A 165 -20.94 4.90 74.50
C VAL A 165 -22.37 4.48 74.13
N THR A 166 -23.33 4.74 75.02
CA THR A 166 -24.77 4.39 74.87
C THR A 166 -25.63 5.64 75.02
N TYR A 167 -26.60 5.84 74.11
CA TYR A 167 -27.58 6.95 74.13
C TYR A 167 -29.01 6.36 74.17
N LEU A 168 -29.87 6.92 75.01
CA LEU A 168 -31.32 6.57 75.07
C LEU A 168 -32.03 7.25 73.89
N VAL A 169 -32.72 6.47 73.05
CA VAL A 169 -33.55 6.96 71.93
C VAL A 169 -34.95 7.26 72.48
N HIS A 170 -35.60 6.25 73.06
CA HIS A 170 -36.92 6.36 73.72
C HIS A 170 -37.22 5.13 74.59
N ASN A 171 -37.82 5.37 75.76
CA ASN A 171 -38.35 4.31 76.66
CA ASN A 171 -38.35 4.31 76.66
C ASN A 171 -39.85 4.19 76.40
N PHE A 172 -40.27 3.12 75.71
CA PHE A 172 -41.69 2.78 75.40
C PHE A 172 -42.33 2.22 76.68
N GLU A 173 -43.20 3.01 77.31
CA GLU A 173 -43.85 2.68 78.61
C GLU A 173 -45.24 2.08 78.37
N GLU A 174 -46.00 2.63 77.41
CA GLU A 174 -47.49 2.45 77.32
C GLU A 174 -47.88 1.50 76.18
N GLY A 175 -47.05 1.35 75.14
CA GLY A 175 -47.35 0.51 73.97
C GLY A 175 -46.11 0.23 73.15
N GLY A 176 -46.28 -0.06 71.85
CA GLY A 176 -45.19 -0.29 70.87
C GLY A 176 -45.04 0.89 69.93
N GLY A 177 -44.46 0.65 68.75
CA GLY A 177 -44.24 1.67 67.71
C GLY A 177 -43.16 1.25 66.73
N VAL A 178 -42.38 2.22 66.24
CA VAL A 178 -41.25 2.01 65.29
C VAL A 178 -40.05 2.84 65.75
N ALA A 179 -38.85 2.41 65.37
CA ALA A 179 -37.56 3.09 65.61
C ALA A 179 -36.63 2.80 64.43
N MET A 180 -35.68 3.71 64.16
CA MET A 180 -34.68 3.55 63.08
C MET A 180 -33.38 4.25 63.47
N GLY A 181 -32.26 3.74 62.95
CA GLY A 181 -30.92 4.36 63.04
C GLY A 181 -30.47 4.82 61.66
N MET A 182 -30.01 6.07 61.57
CA MET A 182 -29.39 6.65 60.35
C MET A 182 -27.92 6.99 60.67
N TYR A 183 -27.10 7.13 59.63
CA TYR A 183 -25.67 7.47 59.74
C TYR A 183 -25.23 8.28 58.52
N ASN A 184 -24.00 8.79 58.57
CA ASN A 184 -23.34 9.50 57.44
C ASN A 184 -21.84 9.54 57.72
N GLN A 185 -21.02 9.09 56.76
CA GLN A 185 -19.54 9.06 56.86
C GLN A 185 -19.00 10.45 56.51
N ASP A 186 -17.86 10.82 57.11
CA ASP A 186 -17.19 12.13 56.88
C ASP A 186 -16.84 12.26 55.39
N LYS A 187 -16.29 11.20 54.78
CA LYS A 187 -15.85 11.18 53.36
C LYS A 187 -17.03 11.60 52.45
N SER A 188 -18.23 11.07 52.72
CA SER A 188 -19.48 11.38 51.96
C SER A 188 -19.77 12.89 52.03
N ILE A 189 -19.66 13.48 53.23
CA ILE A 189 -19.96 14.92 53.47
C ILE A 189 -18.90 15.78 52.77
N GLU A 190 -17.63 15.36 52.84
CA GLU A 190 -16.48 16.03 52.18
C GLU A 190 -16.71 16.06 50.66
N ASP A 191 -17.07 14.92 50.06
CA ASP A 191 -17.36 14.76 48.62
C ASP A 191 -18.53 15.69 48.22
N PHE A 192 -19.57 15.74 49.04
CA PHE A 192 -20.78 16.59 48.84
C PHE A 192 -20.37 18.07 48.81
N ALA A 193 -19.50 18.47 49.74
CA ALA A 193 -18.98 19.86 49.87
C ALA A 193 -18.15 20.21 48.62
N HIS A 194 -17.11 19.44 48.32
CA HIS A 194 -16.20 19.63 47.15
C HIS A 194 -17.04 19.83 45.88
N SER A 195 -17.92 18.86 45.57
CA SER A 195 -18.83 18.88 44.39
C SER A 195 -19.60 20.21 44.35
N SER A 196 -20.13 20.65 45.50
CA SER A 196 -20.97 21.88 45.65
C SER A 196 -20.14 23.14 45.35
N PHE A 197 -18.89 23.18 45.82
CA PHE A 197 -17.95 24.31 45.62
C PHE A 197 -17.50 24.35 44.15
N GLN A 198 -17.17 23.18 43.58
CA GLN A 198 -16.79 23.00 42.16
C GLN A 198 -17.91 23.57 41.26
N MET A 199 -19.16 23.18 41.53
CA MET A 199 -20.36 23.58 40.76
C MET A 199 -20.53 25.10 40.81
N ALA A 200 -20.36 25.71 42.00
CA ALA A 200 -20.51 27.16 42.25
C ALA A 200 -19.50 27.95 41.41
N LEU A 201 -18.22 27.53 41.43
CA LEU A 201 -17.11 28.17 40.67
C LEU A 201 -17.33 27.98 39.17
N SER A 202 -17.74 26.78 38.76
CA SER A 202 -18.02 26.39 37.35
C SER A 202 -19.09 27.32 36.75
N LYS A 203 -20.13 27.65 37.52
CA LYS A 203 -21.28 28.49 37.07
C LYS A 203 -21.03 29.97 37.39
N GLY A 204 -20.10 30.27 38.31
CA GLY A 204 -19.80 31.64 38.76
C GLY A 204 -20.93 32.23 39.60
N TRP A 205 -21.67 31.39 40.33
CA TRP A 205 -22.80 31.76 41.21
C TRP A 205 -22.46 31.46 42.66
N PRO A 206 -23.07 32.18 43.63
CA PRO A 206 -22.88 31.87 45.05
C PRO A 206 -23.53 30.54 45.45
N LEU A 207 -23.02 29.92 46.51
CA LEU A 207 -23.49 28.62 47.06
C LEU A 207 -24.16 28.85 48.42
N TYR A 208 -25.19 28.06 48.73
CA TYR A 208 -25.85 27.99 50.06
C TYR A 208 -26.05 26.52 50.46
N LEU A 209 -25.65 26.18 51.68
CA LEU A 209 -26.01 24.90 52.36
C LEU A 209 -27.15 25.18 53.34
N SER A 210 -28.23 24.40 53.26
CA SER A 210 -29.37 24.42 54.22
C SER A 210 -29.31 23.16 55.09
N THR A 211 -29.44 23.33 56.41
CA THR A 211 -29.54 22.22 57.40
C THR A 211 -30.57 22.60 58.48
N LYS A 212 -30.75 21.72 59.46
CA LYS A 212 -31.59 21.92 60.66
C LYS A 212 -30.72 21.75 61.90
N ASN A 213 -29.60 22.49 61.96
CA ASN A 213 -28.53 22.33 62.99
C ASN A 213 -29.00 22.89 64.34
N THR A 214 -30.10 23.66 64.38
CA THR A 214 -30.75 24.12 65.63
C THR A 214 -31.31 22.91 66.39
N ILE A 215 -31.87 21.93 65.66
CA ILE A 215 -32.52 20.72 66.23
C ILE A 215 -31.50 19.57 66.26
N LEU A 216 -30.89 19.24 65.12
CA LEU A 216 -29.84 18.19 64.99
C LEU A 216 -28.46 18.84 65.12
N LYS A 217 -28.11 19.26 66.34
CA LYS A 217 -26.92 20.11 66.64
C LYS A 217 -25.63 19.35 66.28
N LYS A 218 -25.62 18.02 66.42
CA LYS A 218 -24.43 17.17 66.17
C LYS A 218 -24.42 16.71 64.71
N TYR A 219 -25.52 16.07 64.26
CA TYR A 219 -25.66 15.42 62.92
C TYR A 219 -25.53 16.48 61.82
N ASP A 220 -26.40 17.49 61.82
CA ASP A 220 -26.42 18.58 60.81
C ASP A 220 -25.27 19.56 61.09
N GLY A 221 -24.87 19.70 62.35
CA GLY A 221 -23.69 20.48 62.77
C GLY A 221 -22.44 20.05 62.03
N ARG A 222 -22.27 18.74 61.85
CA ARG A 222 -21.10 18.11 61.17
C ARG A 222 -21.04 18.59 59.71
N PHE A 223 -22.18 18.66 59.03
CA PHE A 223 -22.32 19.14 57.63
C PHE A 223 -21.81 20.59 57.55
N LYS A 224 -22.36 21.46 58.40
CA LYS A 224 -22.01 22.92 58.45
C LYS A 224 -20.50 23.08 58.65
N ASP A 225 -19.93 22.33 59.60
CA ASP A 225 -18.50 22.42 60.00
C ASP A 225 -17.61 22.00 58.82
N ILE A 226 -17.84 20.80 58.27
CA ILE A 226 -17.00 20.21 57.17
C ILE A 226 -17.03 21.13 55.95
N PHE A 227 -18.20 21.70 55.62
CA PHE A 227 -18.38 22.66 54.49
C PHE A 227 -17.51 23.90 54.74
N GLN A 228 -17.63 24.49 55.93
CA GLN A 228 -16.90 25.73 56.33
C GLN A 228 -15.39 25.48 56.30
N GLU A 229 -14.93 24.36 56.88
CA GLU A 229 -13.50 23.95 56.92
C GLU A 229 -12.94 23.92 55.49
N ILE A 230 -13.59 23.14 54.60
CA ILE A 230 -13.14 22.92 53.20
C ILE A 230 -13.18 24.26 52.43
N TYR A 231 -14.21 25.09 52.67
CA TYR A 231 -14.37 26.41 52.01
C TYR A 231 -13.17 27.31 52.34
N ASP A 232 -12.93 27.53 53.65
CA ASP A 232 -11.89 28.45 54.18
C ASP A 232 -10.51 28.03 53.65
N LYS A 233 -10.20 26.73 53.66
CA LYS A 233 -8.84 26.19 53.42
C LYS A 233 -8.55 26.05 51.92
N GLN A 234 -9.55 25.82 51.07
CA GLN A 234 -9.33 25.40 49.66
C GLN A 234 -10.00 26.35 48.65
N TYR A 235 -11.17 26.93 48.94
CA TYR A 235 -12.06 27.55 47.92
C TYR A 235 -12.26 29.06 48.14
N LYS A 236 -12.20 29.57 49.37
CA LYS A 236 -12.66 30.94 49.73
C LYS A 236 -12.00 31.99 48.81
N SER A 237 -10.69 31.89 48.56
CA SER A 237 -9.91 32.84 47.73
C SER A 237 -10.42 32.83 46.29
N GLN A 238 -10.72 31.66 45.74
CA GLN A 238 -11.17 31.46 44.34
C GLN A 238 -12.58 32.03 44.15
N PHE A 239 -13.41 31.95 45.19
CA PHE A 239 -14.80 32.52 45.23
C PHE A 239 -14.72 34.06 45.18
N GLU A 240 -13.89 34.65 46.04
CA GLU A 240 -13.68 36.12 46.14
C GLU A 240 -13.14 36.67 44.82
N ALA A 241 -12.39 35.85 44.06
CA ALA A 241 -11.84 36.19 42.73
C ALA A 241 -12.97 36.40 41.71
N GLN A 242 -14.08 35.66 41.84
CA GLN A 242 -15.25 35.72 40.91
C GLN A 242 -16.41 36.51 41.54
N LYS A 243 -16.16 37.22 42.65
CA LYS A 243 -17.12 38.12 43.35
C LYS A 243 -18.32 37.32 43.88
N ILE A 244 -18.12 36.04 44.22
CA ILE A 244 -19.16 35.12 44.78
C ILE A 244 -18.74 34.68 46.18
N TRP A 245 -19.61 33.95 46.88
CA TRP A 245 -19.46 33.59 48.32
C TRP A 245 -20.21 32.28 48.62
N TYR A 246 -19.85 31.63 49.75
CA TYR A 246 -20.60 30.51 50.37
C TYR A 246 -21.09 30.93 51.75
N GLU A 247 -22.34 30.57 52.10
CA GLU A 247 -22.93 30.79 53.45
C GLU A 247 -23.86 29.61 53.80
N HIS A 248 -23.85 29.19 55.06
CA HIS A 248 -24.84 28.24 55.65
C HIS A 248 -26.12 29.00 55.98
N ARG A 249 -27.28 28.34 55.84
CA ARG A 249 -28.61 28.87 56.22
C ARG A 249 -29.41 27.75 56.92
N LEU A 250 -30.30 28.12 57.84
CA LEU A 250 -31.34 27.22 58.38
C LEU A 250 -32.42 27.06 57.31
N ILE A 251 -32.83 25.81 57.03
CA ILE A 251 -33.81 25.47 55.95
C ILE A 251 -35.02 26.42 56.02
N ASP A 252 -35.49 26.73 57.24
CA ASP A 252 -36.64 27.64 57.50
C ASP A 252 -36.40 29.01 56.84
N ASP A 253 -35.22 29.59 57.11
CA ASP A 253 -34.81 30.91 56.57
C ASP A 253 -34.55 30.79 55.06
N MET A 254 -33.91 29.70 54.62
CA MET A 254 -33.46 29.49 53.21
C MET A 254 -34.66 29.48 52.27
N VAL A 255 -35.76 28.82 52.65
CA VAL A 255 -37.00 28.72 51.84
C VAL A 255 -37.55 30.13 51.58
N ALA A 256 -37.65 30.93 52.66
CA ALA A 256 -38.15 32.33 52.61
C ALA A 256 -37.23 33.18 51.72
N GLN A 257 -35.92 33.13 51.98
CA GLN A 257 -34.88 33.88 51.22
CA GLN A 257 -34.89 33.87 51.21
C GLN A 257 -34.96 33.48 49.73
N ALA A 258 -34.96 32.17 49.45
CA ALA A 258 -34.99 31.59 48.09
C ALA A 258 -36.18 32.15 47.30
N MET A 259 -37.36 32.25 47.93
CA MET A 259 -38.63 32.64 47.28
C MET A 259 -38.68 34.16 47.07
N LYS A 260 -38.03 34.94 47.94
CA LYS A 260 -37.92 36.42 47.84
C LYS A 260 -36.80 36.78 46.85
N SER A 261 -35.91 35.83 46.56
CA SER A 261 -34.75 35.98 45.62
C SER A 261 -35.24 35.96 44.17
N GLU A 262 -34.33 36.25 43.23
CA GLU A 262 -34.60 36.25 41.76
C GLU A 262 -33.86 35.07 41.11
N GLY A 263 -33.39 34.11 41.92
CA GLY A 263 -32.66 32.91 41.47
C GLY A 263 -31.20 33.22 41.19
N GLY A 264 -30.51 32.31 40.48
CA GLY A 264 -29.10 32.44 40.09
C GLY A 264 -28.16 32.15 41.24
N PHE A 265 -28.35 31.01 41.91
CA PHE A 265 -27.49 30.52 43.02
C PHE A 265 -27.57 29.00 43.10
N ILE A 266 -26.54 28.38 43.69
CA ILE A 266 -26.47 26.92 43.99
C ILE A 266 -27.06 26.71 45.40
N TRP A 267 -27.88 25.67 45.56
CA TRP A 267 -28.56 25.30 46.83
C TRP A 267 -28.21 23.85 47.17
N ALA A 268 -27.28 23.65 48.10
CA ALA A 268 -26.96 22.32 48.71
C ALA A 268 -27.99 22.03 49.79
N CYS A 269 -28.68 20.89 49.64
CA CYS A 269 -29.83 20.55 50.46
C CYS A 269 -29.58 19.28 51.28
N LYS A 270 -29.54 19.46 52.60
CA LYS A 270 -29.54 18.42 53.63
C LYS A 270 -30.81 18.61 54.47
N ASN A 271 -31.81 17.73 54.30
CA ASN A 271 -33.09 17.74 55.08
C ASN A 271 -33.10 16.58 56.09
N GLN A 277 -39.16 16.68 46.88
CA GLN A 277 -38.15 16.28 45.87
C GLN A 277 -38.31 17.14 44.60
N SER A 278 -37.22 17.39 43.88
CA SER A 278 -37.12 18.35 42.75
C SER A 278 -37.93 17.85 41.55
N ASP A 279 -37.89 16.54 41.30
CA ASP A 279 -38.54 15.87 40.14
C ASP A 279 -40.06 15.97 40.27
N SER A 280 -40.59 15.65 41.46
CA SER A 280 -42.05 15.63 41.77
C SER A 280 -42.66 17.00 41.46
N VAL A 281 -41.98 18.07 41.86
CA VAL A 281 -42.44 19.49 41.66
C VAL A 281 -42.48 19.78 40.16
N ALA A 282 -41.47 19.33 39.41
CA ALA A 282 -41.39 19.49 37.94
C ALA A 282 -42.52 18.73 37.25
N GLN A 283 -42.79 17.50 37.71
CA GLN A 283 -43.89 16.63 37.20
C GLN A 283 -45.23 17.33 37.46
N GLY A 284 -45.42 17.84 38.68
CA GLY A 284 -46.64 18.55 39.11
C GLY A 284 -46.88 19.81 38.28
N TYR A 285 -45.82 20.56 37.97
CA TYR A 285 -45.87 21.83 37.20
C TYR A 285 -45.94 21.55 35.69
N GLY A 286 -45.57 20.34 35.27
CA GLY A 286 -45.56 19.91 33.86
C GLY A 286 -44.39 20.51 33.10
N SER A 287 -43.21 20.56 33.73
CA SER A 287 -41.97 21.18 33.21
C SER A 287 -40.79 20.22 33.37
N LEU A 288 -41.04 18.89 33.36
CA LEU A 288 -39.99 17.85 33.44
C LEU A 288 -39.08 17.95 32.21
N GLY A 289 -39.65 18.31 31.05
CA GLY A 289 -38.91 18.45 29.78
C GLY A 289 -38.00 19.67 29.77
N MET A 290 -37.95 20.45 30.85
CA MET A 290 -37.13 21.70 30.94
C MET A 290 -36.21 21.64 32.16
N MET A 291 -35.86 20.44 32.63
CA MET A 291 -34.94 20.22 33.77
C MET A 291 -33.85 19.20 33.39
N THR A 292 -32.58 19.57 33.59
CA THR A 292 -31.37 18.71 33.41
C THR A 292 -30.87 18.22 34.77
N SER A 293 -30.09 17.14 34.75
CA SER A 293 -29.55 16.45 35.95
C SER A 293 -28.09 16.06 35.68
N VAL A 294 -27.14 16.83 36.23
CA VAL A 294 -25.68 16.59 36.04
C VAL A 294 -25.10 15.99 37.32
N LEU A 295 -24.45 14.84 37.20
CA LEU A 295 -23.67 14.19 38.30
C LEU A 295 -22.25 14.77 38.27
N VAL A 296 -21.89 15.53 39.31
CA VAL A 296 -20.58 16.24 39.43
C VAL A 296 -19.73 15.48 40.47
N CYS A 297 -18.69 14.79 40.00
CA CYS A 297 -17.70 14.08 40.86
C CYS A 297 -16.86 15.12 41.59
N PRO A 298 -16.37 14.82 42.81
CA PRO A 298 -15.64 15.81 43.61
C PRO A 298 -14.21 16.10 43.12
N ASP A 299 -13.67 15.29 42.19
CA ASP A 299 -12.32 15.47 41.60
C ASP A 299 -12.30 16.71 40.69
N GLY A 300 -13.46 17.14 40.18
CA GLY A 300 -13.61 18.36 39.36
C GLY A 300 -13.44 18.09 37.86
N LYS A 301 -13.06 16.86 37.50
CA LYS A 301 -12.78 16.45 36.09
C LYS A 301 -13.99 15.69 35.52
N THR A 302 -14.51 14.70 36.26
CA THR A 302 -15.54 13.73 35.78
C THR A 302 -16.94 14.35 35.96
N VAL A 303 -17.77 14.21 34.93
CA VAL A 303 -19.15 14.78 34.85
C VAL A 303 -20.02 13.84 34.01
N GLU A 304 -21.25 13.58 34.44
CA GLU A 304 -22.23 12.77 33.68
C GLU A 304 -23.54 13.56 33.59
N ALA A 305 -23.89 14.03 32.39
CA ALA A 305 -25.04 14.92 32.12
C ALA A 305 -26.19 14.11 31.50
N GLU A 306 -27.43 14.42 31.90
CA GLU A 306 -28.65 13.76 31.38
C GLU A 306 -29.87 14.61 31.75
N ALA A 307 -31.02 14.33 31.11
CA ALA A 307 -32.34 14.91 31.46
C ALA A 307 -32.77 14.37 32.82
N ALA A 308 -33.54 15.16 33.58
CA ALA A 308 -34.08 14.79 34.91
C ALA A 308 -35.28 13.86 34.75
N HIS A 309 -35.89 13.84 33.56
CA HIS A 309 -37.08 13.02 33.24
C HIS A 309 -36.66 11.62 32.78
N GLY A 310 -37.65 10.73 32.64
CA GLY A 310 -37.47 9.34 32.16
C GLY A 310 -37.68 9.24 30.66
N THR A 311 -38.07 8.05 30.19
CA THR A 311 -38.16 7.69 28.74
C THR A 311 -39.48 8.18 28.14
N VAL A 312 -40.39 8.71 28.96
CA VAL A 312 -41.69 9.31 28.55
C VAL A 312 -42.53 8.21 27.88
N THR A 313 -42.76 7.11 28.61
CA THR A 313 -43.41 5.87 28.10
C THR A 313 -44.79 6.19 27.50
N ARG A 314 -45.58 7.04 28.17
CA ARG A 314 -46.96 7.39 27.72
C ARG A 314 -46.92 7.92 26.29
N HIS A 315 -46.00 8.84 26.00
CA HIS A 315 -45.81 9.46 24.66
C HIS A 315 -45.39 8.40 23.63
N TYR A 316 -44.55 7.44 24.04
CA TYR A 316 -44.01 6.36 23.18
C TYR A 316 -45.13 5.42 22.71
N ARG A 317 -46.09 5.12 23.60
CA ARG A 317 -47.27 4.25 23.29
C ARG A 317 -48.09 4.88 22.17
N MET A 318 -48.24 6.22 22.19
CA MET A 318 -48.97 6.99 21.15
C MET A 318 -48.18 6.92 19.83
N TYR A 319 -46.85 7.05 19.90
CA TYR A 319 -45.92 6.96 18.74
C TYR A 319 -46.03 5.58 18.09
N GLN A 320 -46.10 4.53 18.92
CA GLN A 320 -46.18 3.11 18.49
C GLN A 320 -47.49 2.87 17.71
N LYS A 321 -48.57 3.57 18.08
CA LYS A 321 -49.90 3.47 17.43
C LYS A 321 -49.99 4.43 16.24
N GLY A 322 -48.90 5.13 15.91
CA GLY A 322 -48.81 6.04 14.76
C GLY A 322 -49.49 7.38 15.01
N GLN A 323 -49.81 7.70 16.26
CA GLN A 323 -50.44 8.99 16.66
C GLN A 323 -49.36 10.08 16.74
N GLU A 324 -49.76 11.35 16.57
CA GLU A 324 -48.86 12.52 16.66
C GLU A 324 -48.47 12.73 18.12
N THR A 325 -47.19 13.02 18.38
CA THR A 325 -46.61 13.28 19.72
C THR A 325 -45.94 14.65 19.73
N SER A 326 -45.95 15.31 20.89
CA SER A 326 -45.23 16.58 21.16
C SER A 326 -44.41 16.43 22.45
N THR A 327 -43.23 15.82 22.33
CA THR A 327 -42.28 15.53 23.45
C THR A 327 -41.19 16.60 23.45
N ASN A 328 -40.94 17.20 24.62
CA ASN A 328 -39.98 18.33 24.79
C ASN A 328 -38.57 17.78 24.79
N PRO A 329 -37.70 18.17 23.82
CA PRO A 329 -36.31 17.69 23.77
C PRO A 329 -35.27 18.55 24.51
N ILE A 330 -35.69 19.67 25.10
CA ILE A 330 -34.80 20.72 25.66
C ILE A 330 -33.89 20.10 26.74
N ALA A 331 -34.45 19.34 27.67
CA ALA A 331 -33.73 18.64 28.76
C ALA A 331 -32.62 17.78 28.15
N SER A 332 -32.96 16.96 27.14
CA SER A 332 -32.03 16.05 26.44
C SER A 332 -30.95 16.86 25.71
N ILE A 333 -31.35 17.95 25.03
CA ILE A 333 -30.42 18.85 24.28
C ILE A 333 -29.43 19.47 25.26
N PHE A 334 -29.91 19.94 26.42
CA PHE A 334 -29.08 20.65 27.42
C PHE A 334 -28.11 19.65 28.11
N ALA A 335 -28.47 18.36 28.14
CA ALA A 335 -27.55 17.28 28.59
C ALA A 335 -26.30 17.29 27.71
N TRP A 336 -26.48 17.40 26.39
CA TRP A 336 -25.39 17.45 25.38
C TRP A 336 -24.56 18.73 25.57
N THR A 337 -25.22 19.89 25.70
CA THR A 337 -24.56 21.22 25.78
C THR A 337 -23.72 21.32 27.06
N ARG A 338 -24.21 20.79 28.18
CA ARG A 338 -23.51 20.83 29.49
C ARG A 338 -22.29 19.89 29.45
N GLY A 339 -22.45 18.72 28.84
CA GLY A 339 -21.35 17.75 28.60
C GLY A 339 -20.25 18.36 27.75
N LEU A 340 -20.61 18.92 26.59
CA LEU A 340 -19.67 19.52 25.61
C LEU A 340 -19.01 20.77 26.21
N ALA A 341 -19.76 21.54 27.02
CA ALA A 341 -19.26 22.74 27.73
C ALA A 341 -18.15 22.34 28.69
N HIS A 342 -18.30 21.21 29.37
CA HIS A 342 -17.31 20.67 30.34
C HIS A 342 -16.09 20.15 29.59
N ARG A 343 -16.31 19.40 28.51
CA ARG A 343 -15.25 18.93 27.56
C ARG A 343 -14.41 20.14 27.13
N ALA A 344 -15.07 21.22 26.71
CA ALA A 344 -14.46 22.47 26.20
C ALA A 344 -13.58 23.12 27.29
N LYS A 345 -14.01 23.06 28.55
CA LYS A 345 -13.27 23.64 29.71
C LYS A 345 -11.99 22.81 29.95
N LEU A 346 -12.12 21.48 29.99
CA LEU A 346 -10.98 20.55 30.26
C LEU A 346 -9.90 20.71 29.18
N ASP A 347 -10.30 20.96 27.93
CA ASP A 347 -9.41 20.93 26.74
C ASP A 347 -9.05 22.36 26.30
N ASN A 348 -9.57 23.39 26.97
CA ASN A 348 -9.38 24.82 26.58
CA ASN A 348 -9.38 24.82 26.58
C ASN A 348 -9.79 24.99 25.11
N ASN A 349 -10.94 24.46 24.73
CA ASN A 349 -11.48 24.46 23.34
C ASN A 349 -12.57 25.54 23.24
N LYS A 350 -12.18 26.77 22.90
CA LYS A 350 -13.08 27.95 22.87
C LYS A 350 -14.11 27.80 21.74
N GLU A 351 -13.77 27.08 20.66
CA GLU A 351 -14.67 26.84 19.50
C GLU A 351 -15.86 25.98 19.94
N LEU A 352 -15.61 24.92 20.72
CA LEU A 352 -16.64 24.01 21.26
C LEU A 352 -17.47 24.73 22.34
N ALA A 353 -16.80 25.49 23.20
CA ALA A 353 -17.41 26.30 24.28
C ALA A 353 -18.47 27.24 23.68
N PHE A 354 -18.15 27.88 22.55
CA PHE A 354 -19.05 28.81 21.82
C PHE A 354 -20.27 28.06 21.31
N PHE A 355 -20.06 26.90 20.69
CA PHE A 355 -21.12 26.05 20.08
C PHE A 355 -22.12 25.61 21.16
N ALA A 356 -21.61 25.07 22.28
CA ALA A 356 -22.40 24.62 23.44
C ALA A 356 -23.35 25.75 23.88
N ASN A 357 -22.81 26.96 24.05
CA ASN A 357 -23.59 28.17 24.45
C ASN A 357 -24.58 28.54 23.33
N ALA A 358 -24.13 28.53 22.08
CA ALA A 358 -24.92 28.92 20.89
C ALA A 358 -26.20 28.06 20.82
N LEU A 359 -26.06 26.74 20.99
CA LEU A 359 -27.19 25.76 20.94
C LEU A 359 -28.16 26.06 22.09
N GLU A 360 -27.65 26.34 23.29
CA GLU A 360 -28.48 26.68 24.49
C GLU A 360 -29.29 27.94 24.19
N GLU A 361 -28.67 28.97 23.60
CA GLU A 361 -29.32 30.26 23.25
C GLU A 361 -30.41 30.02 22.19
N VAL A 362 -30.09 29.29 21.12
CA VAL A 362 -31.01 28.93 20.01
C VAL A 362 -32.27 28.29 20.61
N SER A 363 -32.09 27.32 21.51
CA SER A 363 -33.17 26.55 22.18
C SER A 363 -34.13 27.50 22.90
N ILE A 364 -33.59 28.40 23.72
CA ILE A 364 -34.38 29.37 24.54
C ILE A 364 -35.05 30.40 23.62
N GLU A 365 -34.29 30.94 22.66
CA GLU A 365 -34.77 31.96 21.68
C GLU A 365 -35.95 31.42 20.87
N THR A 366 -35.88 30.15 20.46
CA THR A 366 -36.92 29.44 19.65
C THR A 366 -38.25 29.42 20.42
N ILE A 367 -38.20 29.07 21.71
CA ILE A 367 -39.38 29.02 22.61
C ILE A 367 -39.88 30.45 22.86
N GLU A 368 -38.96 31.39 23.08
CA GLU A 368 -39.26 32.82 23.33
C GLU A 368 -39.86 33.47 22.06
N ALA A 369 -39.57 32.93 20.88
CA ALA A 369 -40.09 33.39 19.57
C ALA A 369 -41.50 32.87 19.34
N GLY A 370 -41.97 31.90 20.15
CA GLY A 370 -43.36 31.40 20.13
C GLY A 370 -43.46 29.96 19.63
N PHE A 371 -42.36 29.36 19.20
CA PHE A 371 -42.28 27.97 18.68
C PHE A 371 -41.90 27.03 19.83
N MET A 372 -42.81 26.13 20.21
CA MET A 372 -42.66 25.26 21.41
C MET A 372 -43.46 23.96 21.25
N THR A 373 -43.22 22.99 22.12
CA THR A 373 -43.97 21.71 22.22
C THR A 373 -45.20 21.92 23.10
N LYS A 374 -46.11 20.94 23.13
CA LYS A 374 -47.47 21.05 23.72
C LYS A 374 -47.38 21.36 25.22
N ASP A 375 -46.43 20.74 25.93
CA ASP A 375 -46.24 20.90 27.40
C ASP A 375 -46.03 22.38 27.75
N LEU A 376 -45.28 23.12 26.93
CA LEU A 376 -44.93 24.55 27.17
C LEU A 376 -46.16 25.43 26.87
N ALA A 377 -46.90 25.12 25.79
CA ALA A 377 -48.16 25.80 25.41
C ALA A 377 -49.17 25.65 26.55
N ALA A 378 -49.31 24.43 27.08
CA ALA A 378 -50.22 24.08 28.20
C ALA A 378 -49.80 24.84 29.47
N CYS A 379 -48.49 25.02 29.68
CA CYS A 379 -47.91 25.74 30.85
C CYS A 379 -48.34 27.21 30.81
N ILE A 380 -48.42 27.81 29.60
CA ILE A 380 -48.75 29.25 29.40
C ILE A 380 -50.25 29.49 29.66
N LYS A 381 -51.12 28.71 29.01
CA LYS A 381 -52.57 29.05 28.88
C LYS A 381 -53.47 27.91 29.38
N GLY A 382 -52.92 26.87 30.02
CA GLY A 382 -53.69 25.72 30.54
C GLY A 382 -54.04 24.72 29.45
N LEU A 383 -53.97 23.42 29.74
CA LEU A 383 -54.10 22.31 28.76
C LEU A 383 -55.45 22.37 28.05
N PRO A 384 -56.59 22.64 28.74
CA PRO A 384 -57.89 22.71 28.08
C PRO A 384 -57.99 23.75 26.94
N ASN A 385 -57.23 24.83 27.02
CA ASN A 385 -57.32 26.01 26.11
C ASN A 385 -56.34 25.87 24.94
N VAL A 386 -55.47 24.86 24.94
CA VAL A 386 -54.43 24.64 23.89
C VAL A 386 -55.14 24.12 22.63
N GLN A 387 -54.84 24.71 21.47
CA GLN A 387 -55.25 24.22 20.12
C GLN A 387 -53.98 23.78 19.38
N ARG A 388 -54.15 23.04 18.27
CA ARG A 388 -53.04 22.41 17.52
C ARG A 388 -52.08 23.48 16.99
N SER A 389 -52.58 24.68 16.67
CA SER A 389 -51.79 25.80 16.11
C SER A 389 -50.91 26.46 17.18
N ASP A 390 -51.13 26.15 18.47
CA ASP A 390 -50.41 26.77 19.62
C ASP A 390 -49.03 26.11 19.80
N TYR A 391 -48.81 24.92 19.24
CA TYR A 391 -47.58 24.11 19.48
C TYR A 391 -47.16 23.39 18.20
N LEU A 392 -45.96 22.80 18.23
CA LEU A 392 -45.38 21.94 17.16
C LEU A 392 -45.20 20.52 17.71
N ASN A 393 -45.24 19.51 16.85
CA ASN A 393 -45.00 18.08 17.20
C ASN A 393 -43.49 17.86 17.38
N THR A 394 -43.09 16.70 17.91
CA THR A 394 -41.70 16.37 18.31
C THR A 394 -40.73 16.68 17.16
N PHE A 395 -41.09 16.30 15.92
CA PHE A 395 -40.22 16.36 14.72
C PHE A 395 -40.21 17.77 14.13
N GLU A 396 -41.37 18.43 14.12
CA GLU A 396 -41.53 19.84 13.66
C GLU A 396 -40.62 20.75 14.48
N PHE A 397 -40.61 20.59 15.81
CA PHE A 397 -39.84 21.43 16.77
C PHE A 397 -38.33 21.22 16.56
N MET A 398 -37.91 19.96 16.41
CA MET A 398 -36.49 19.59 16.15
C MET A 398 -36.03 20.22 14.83
N ASP A 399 -36.88 20.20 13.80
CA ASP A 399 -36.61 20.83 12.48
C ASP A 399 -36.39 22.35 12.67
N LYS A 400 -37.25 22.99 13.48
CA LYS A 400 -37.22 24.45 13.73
C LYS A 400 -35.92 24.84 14.46
N LEU A 401 -35.50 24.05 15.45
CA LEU A 401 -34.21 24.22 16.18
C LEU A 401 -33.05 24.09 15.18
N GLY A 402 -33.13 23.08 14.30
CA GLY A 402 -32.12 22.80 13.25
C GLY A 402 -31.90 24.01 12.35
N GLU A 403 -32.99 24.61 11.85
CA GLU A 403 -32.97 25.80 10.96
C GLU A 403 -32.35 26.99 11.70
N ASN A 404 -32.77 27.23 12.95
CA ASN A 404 -32.35 28.39 13.79
C ASN A 404 -30.89 28.25 14.19
N LEU A 405 -30.40 27.02 14.41
CA LEU A 405 -28.99 26.73 14.77
C LEU A 405 -28.08 27.05 13.57
N LYS A 406 -28.48 26.62 12.37
CA LYS A 406 -27.76 26.88 11.10
C LYS A 406 -27.57 28.38 10.90
N ILE A 407 -28.64 29.17 11.14
CA ILE A 407 -28.66 30.66 10.97
C ILE A 407 -27.71 31.29 12.00
N LYS A 408 -27.79 30.87 13.26
CA LYS A 408 -26.99 31.43 14.39
C LYS A 408 -25.49 31.18 14.12
N LEU A 409 -25.13 29.99 13.66
CA LEU A 409 -23.71 29.58 13.44
C LEU A 409 -23.16 30.25 12.17
N ALA A 410 -24.02 30.53 11.18
CA ALA A 410 -23.68 31.27 9.94
C ALA A 410 -23.30 32.72 10.30
N GLN A 411 -24.09 33.38 11.15
CA GLN A 411 -23.88 34.78 11.61
C GLN A 411 -22.50 34.93 12.25
N ALA A 412 -22.05 33.93 13.04
CA ALA A 412 -20.73 33.88 13.70
C ALA A 412 -19.68 33.31 12.72
N LYS B 3 -31.23 -24.48 32.01
CA LYS B 3 -30.14 -23.65 32.61
C LYS B 3 -28.98 -23.57 31.61
N LYS B 4 -28.58 -22.35 31.23
CA LYS B 4 -27.51 -22.08 30.23
C LYS B 4 -26.13 -22.16 30.89
N ILE B 5 -25.06 -22.10 30.10
CA ILE B 5 -23.64 -22.17 30.54
C ILE B 5 -23.15 -20.75 30.83
N SER B 6 -22.30 -20.58 31.86
CA SER B 6 -21.62 -19.31 32.20
C SER B 6 -20.34 -19.18 31.39
N GLY B 7 -20.42 -18.52 30.22
CA GLY B 7 -19.31 -18.39 29.26
C GLY B 7 -18.18 -17.52 29.79
N GLY B 8 -18.53 -16.38 30.42
CA GLY B 8 -17.57 -15.42 31.00
C GLY B 8 -17.40 -14.20 30.12
N SER B 9 -16.23 -13.58 30.15
CA SER B 9 -15.91 -12.30 29.45
C SER B 9 -15.48 -12.57 28.01
N VAL B 10 -16.28 -12.14 27.04
CA VAL B 10 -16.00 -12.28 25.58
C VAL B 10 -16.24 -10.92 24.91
N VAL B 11 -15.26 -10.45 24.14
CA VAL B 11 -15.37 -9.22 23.30
C VAL B 11 -15.90 -9.64 21.92
N GLU B 12 -17.03 -9.08 21.50
CA GLU B 12 -17.72 -9.37 20.22
C GLU B 12 -17.69 -8.12 19.35
N MET B 13 -17.37 -8.26 18.06
CA MET B 13 -17.30 -7.14 17.09
C MET B 13 -18.21 -7.44 15.89
N GLN B 14 -19.30 -6.68 15.76
CA GLN B 14 -20.26 -6.80 14.61
CA GLN B 14 -20.26 -6.79 14.62
C GLN B 14 -19.62 -6.17 13.37
N GLY B 15 -19.99 -6.68 12.18
CA GLY B 15 -19.35 -6.34 10.89
C GLY B 15 -20.33 -5.78 9.88
N ASP B 16 -20.15 -6.13 8.60
CA ASP B 16 -20.80 -5.46 7.45
C ASP B 16 -21.43 -6.48 6.50
N GLU B 17 -22.47 -6.05 5.78
CA GLU B 17 -23.08 -6.74 4.60
C GLU B 17 -23.49 -8.16 4.99
N MET B 18 -23.06 -9.19 4.25
CA MET B 18 -23.64 -10.56 4.32
C MET B 18 -23.21 -11.24 5.62
N THR B 19 -21.94 -11.11 6.01
CA THR B 19 -21.36 -11.71 7.25
C THR B 19 -22.09 -11.17 8.48
N ARG B 20 -22.51 -9.90 8.46
CA ARG B 20 -23.27 -9.24 9.55
C ARG B 20 -24.60 -9.97 9.78
N ILE B 21 -25.29 -10.36 8.69
CA ILE B 21 -26.60 -11.08 8.73
C ILE B 21 -26.38 -12.45 9.38
N ILE B 22 -25.36 -13.18 8.91
CA ILE B 22 -24.97 -14.54 9.38
C ILE B 22 -24.52 -14.46 10.85
N TRP B 23 -23.76 -13.43 11.20
CA TRP B 23 -23.22 -13.19 12.57
C TRP B 23 -24.37 -13.14 13.58
N GLU B 24 -25.45 -12.42 13.24
CA GLU B 24 -26.65 -12.24 14.09
C GLU B 24 -27.38 -13.58 14.23
N LEU B 25 -27.49 -14.35 13.14
CA LEU B 25 -28.14 -15.68 13.12
C LEU B 25 -27.37 -16.65 14.02
N ILE B 26 -26.04 -16.63 13.97
CA ILE B 26 -25.15 -17.50 14.80
C ILE B 26 -25.44 -17.21 16.29
N LYS B 27 -25.43 -15.93 16.68
CA LYS B 27 -25.71 -15.49 18.08
C LYS B 27 -27.10 -15.96 18.51
N GLU B 28 -28.11 -15.72 17.66
CA GLU B 28 -29.55 -15.95 17.96
CA GLU B 28 -29.54 -15.95 17.97
C GLU B 28 -29.85 -17.45 18.09
N LYS B 29 -29.29 -18.26 17.18
CA LYS B 29 -29.70 -19.68 16.99
C LYS B 29 -28.72 -20.66 17.65
N LEU B 30 -27.42 -20.37 17.66
CA LEU B 30 -26.36 -21.34 18.04
C LEU B 30 -25.75 -21.01 19.41
N ILE B 31 -25.57 -19.73 19.76
CA ILE B 31 -24.81 -19.29 20.97
C ILE B 31 -25.79 -19.00 22.12
N PHE B 32 -26.59 -17.93 22.01
CA PHE B 32 -27.38 -17.32 23.11
C PHE B 32 -28.35 -18.34 23.73
N PRO B 33 -29.01 -19.23 22.95
CA PRO B 33 -29.92 -20.22 23.54
C PRO B 33 -29.29 -21.17 24.57
N TYR B 34 -27.96 -21.33 24.57
CA TYR B 34 -27.22 -22.33 25.39
C TYR B 34 -26.16 -21.68 26.29
N VAL B 35 -25.71 -20.46 25.97
CA VAL B 35 -24.55 -19.80 26.66
C VAL B 35 -24.93 -18.36 27.04
N GLU B 36 -24.70 -18.00 28.31
CA GLU B 36 -24.81 -16.62 28.85
C GLU B 36 -23.39 -16.04 28.92
N LEU B 37 -23.19 -14.83 28.41
CA LEU B 37 -21.85 -14.18 28.32
C LEU B 37 -21.90 -12.79 28.98
N ASP B 38 -20.83 -12.44 29.70
CA ASP B 38 -20.49 -11.04 30.03
C ASP B 38 -19.97 -10.40 28.73
N LEU B 39 -20.89 -10.02 27.85
CA LEU B 39 -20.60 -9.70 26.42
C LEU B 39 -20.20 -8.21 26.30
N HIS B 40 -19.01 -7.96 25.77
CA HIS B 40 -18.48 -6.61 25.42
C HIS B 40 -18.67 -6.41 23.91
N SER B 41 -19.85 -5.96 23.48
CA SER B 41 -20.24 -5.78 22.06
C SER B 41 -19.77 -4.42 21.54
N TYR B 42 -19.11 -4.42 20.38
CA TYR B 42 -18.64 -3.22 19.65
C TYR B 42 -19.08 -3.35 18.19
N ASP B 43 -19.76 -2.33 17.65
CA ASP B 43 -20.28 -2.31 16.26
C ASP B 43 -19.20 -1.72 15.35
N LEU B 44 -18.45 -2.57 14.64
CA LEU B 44 -17.44 -2.17 13.65
C LEU B 44 -18.06 -2.15 12.24
N GLY B 45 -19.39 -2.02 12.16
CA GLY B 45 -20.11 -1.65 10.92
C GLY B 45 -19.60 -0.33 10.39
N ILE B 46 -19.50 -0.20 9.06
CA ILE B 46 -18.86 0.96 8.37
C ILE B 46 -19.55 2.26 8.78
N GLU B 47 -20.88 2.25 8.93
CA GLU B 47 -21.70 3.44 9.27
C GLU B 47 -21.33 3.94 10.68
N ASN B 48 -21.19 3.03 11.66
CA ASN B 48 -20.88 3.39 13.06
C ASN B 48 -19.42 3.82 13.19
N ARG B 49 -18.51 3.17 12.46
CA ARG B 49 -17.07 3.55 12.41
C ARG B 49 -16.95 5.00 11.91
N ASP B 50 -17.72 5.35 10.87
CA ASP B 50 -17.77 6.72 10.28
C ASP B 50 -18.33 7.69 11.32
N ALA B 51 -19.40 7.29 12.02
CA ALA B 51 -20.13 8.12 13.02
C ALA B 51 -19.25 8.43 14.22
N THR B 52 -18.39 7.48 14.63
CA THR B 52 -17.51 7.58 15.84
C THR B 52 -16.10 8.01 15.46
N ASN B 53 -15.84 8.24 14.16
CA ASN B 53 -14.50 8.56 13.60
C ASN B 53 -13.52 7.44 13.96
N ASP B 54 -13.98 6.19 13.86
CA ASP B 54 -13.18 4.94 14.03
C ASP B 54 -12.73 4.79 15.49
N GLN B 55 -13.39 5.49 16.43
CA GLN B 55 -13.07 5.41 17.88
C GLN B 55 -13.54 4.05 18.42
N VAL B 56 -14.64 3.53 17.89
CA VAL B 56 -15.21 2.20 18.26
C VAL B 56 -14.18 1.10 17.99
N THR B 57 -13.41 1.21 16.90
CA THR B 57 -12.37 0.23 16.48
C THR B 57 -11.24 0.20 17.50
N LYS B 58 -10.81 1.37 18.00
CA LYS B 58 -9.70 1.51 18.99
C LYS B 58 -10.18 0.97 20.34
N ASP B 59 -11.42 1.28 20.73
CA ASP B 59 -12.06 0.79 21.98
C ASP B 59 -12.15 -0.73 21.95
N ALA B 60 -12.54 -1.30 20.80
CA ALA B 60 -12.66 -2.76 20.57
C ALA B 60 -11.31 -3.43 20.83
N ALA B 61 -10.22 -2.83 20.30
CA ALA B 61 -8.83 -3.33 20.43
C ALA B 61 -8.43 -3.34 21.92
N GLU B 62 -8.64 -2.23 22.62
CA GLU B 62 -8.25 -2.06 24.05
CA GLU B 62 -8.25 -2.06 24.05
C GLU B 62 -9.04 -3.05 24.90
N ALA B 63 -10.29 -3.34 24.52
CA ALA B 63 -11.20 -4.30 25.20
C ALA B 63 -10.63 -5.72 25.09
N ILE B 64 -10.18 -6.11 23.90
CA ILE B 64 -9.57 -7.45 23.62
C ILE B 64 -8.32 -7.61 24.50
N LYS B 65 -7.50 -6.57 24.59
CA LYS B 65 -6.25 -6.56 25.40
C LYS B 65 -6.58 -6.78 26.88
N LYS B 66 -7.72 -6.25 27.34
CA LYS B 66 -8.15 -6.32 28.76
C LYS B 66 -8.75 -7.69 29.08
N HIS B 67 -9.63 -8.22 28.21
CA HIS B 67 -10.51 -9.38 28.49
C HIS B 67 -9.98 -10.67 27.80
N ASN B 68 -9.02 -10.55 26.89
CA ASN B 68 -8.15 -11.66 26.38
C ASN B 68 -8.81 -12.43 25.22
N VAL B 69 -10.13 -12.34 25.04
CA VAL B 69 -10.89 -13.13 24.03
C VAL B 69 -11.67 -12.16 23.13
N GLY B 70 -11.39 -12.20 21.82
CA GLY B 70 -12.10 -11.42 20.79
C GLY B 70 -12.66 -12.33 19.71
N VAL B 71 -13.91 -12.07 19.29
CA VAL B 71 -14.56 -12.73 18.10
C VAL B 71 -15.09 -11.62 17.20
N LYS B 72 -14.65 -11.58 15.93
CA LYS B 72 -14.87 -10.45 15.00
C LYS B 72 -15.57 -10.94 13.72
N CYS B 73 -16.68 -10.28 13.36
CA CYS B 73 -17.37 -10.39 12.05
C CYS B 73 -16.53 -9.64 10.99
N ALA B 74 -16.54 -10.11 9.75
CA ALA B 74 -15.82 -9.48 8.61
C ALA B 74 -16.33 -8.04 8.42
N THR B 75 -15.43 -7.11 8.12
CA THR B 75 -15.69 -5.65 8.00
C THR B 75 -15.24 -5.15 6.62
N ILE B 76 -15.90 -4.11 6.11
CA ILE B 76 -15.51 -3.39 4.87
C ILE B 76 -14.25 -2.56 5.15
N THR B 77 -13.21 -2.75 4.34
CA THR B 77 -12.00 -1.87 4.29
C THR B 77 -12.24 -0.82 3.22
N PRO B 78 -12.43 0.47 3.60
CA PRO B 78 -12.73 1.53 2.63
C PRO B 78 -11.69 1.68 1.51
N ASP B 79 -12.17 1.70 0.27
CA ASP B 79 -11.43 2.17 -0.94
C ASP B 79 -12.17 3.41 -1.47
N GLU B 80 -11.77 3.93 -2.64
CA GLU B 80 -12.38 5.13 -3.27
C GLU B 80 -13.87 4.90 -3.50
N LYS B 81 -14.24 3.71 -4.00
CA LYS B 81 -15.65 3.34 -4.35
C LYS B 81 -16.52 3.36 -3.08
N ARG B 82 -15.99 2.86 -1.96
CA ARG B 82 -16.71 2.75 -0.66
C ARG B 82 -16.95 4.15 -0.08
N VAL B 83 -15.98 5.06 -0.22
CA VAL B 83 -16.08 6.48 0.27
C VAL B 83 -17.30 7.14 -0.39
N GLU B 84 -17.49 6.93 -1.69
CA GLU B 84 -18.61 7.51 -2.48
C GLU B 84 -19.93 6.82 -2.10
N GLU B 85 -19.90 5.52 -1.81
CA GLU B 85 -21.11 4.69 -1.52
C GLU B 85 -21.74 5.13 -0.20
N PHE B 86 -20.92 5.34 0.85
CA PHE B 86 -21.38 5.63 2.24
C PHE B 86 -21.14 7.10 2.60
N LYS B 87 -20.58 7.90 1.69
CA LYS B 87 -20.27 9.34 1.90
C LYS B 87 -19.37 9.48 3.12
N LEU B 88 -18.30 8.68 3.18
CA LEU B 88 -17.40 8.57 4.36
C LEU B 88 -16.63 9.87 4.55
N LYS B 89 -16.38 10.25 5.80
CA LYS B 89 -15.62 11.47 6.19
C LYS B 89 -14.17 11.31 5.71
N GLN B 90 -13.58 10.14 5.94
CA GLN B 90 -12.19 9.77 5.54
C GLN B 90 -12.18 8.34 5.02
N MET B 91 -11.15 7.97 4.26
CA MET B 91 -10.87 6.56 3.85
C MET B 91 -10.22 5.85 5.05
N TRP B 92 -11.04 5.33 5.96
CA TRP B 92 -10.62 4.74 7.26
C TRP B 92 -9.72 3.54 7.01
N LYS B 93 -8.69 3.38 7.84
CA LYS B 93 -7.75 2.22 7.80
C LYS B 93 -8.52 0.94 8.12
N SER B 94 -8.07 -0.20 7.59
CA SER B 94 -8.60 -1.57 7.86
C SER B 94 -8.72 -1.79 9.37
N PRO B 95 -9.93 -2.08 9.90
CA PRO B 95 -10.10 -2.40 11.32
C PRO B 95 -9.16 -3.51 11.82
N ASN B 96 -8.93 -4.53 10.98
CA ASN B 96 -8.00 -5.67 11.25
C ASN B 96 -6.60 -5.11 11.52
N GLY B 97 -6.15 -4.18 10.67
CA GLY B 97 -4.83 -3.52 10.78
C GLY B 97 -4.67 -2.78 12.10
N THR B 98 -5.68 -1.98 12.47
CA THR B 98 -5.71 -1.19 13.72
C THR B 98 -5.59 -2.13 14.93
N ILE B 99 -6.35 -3.23 14.92
CA ILE B 99 -6.41 -4.24 16.02
C ILE B 99 -5.06 -4.98 16.11
N ARG B 100 -4.53 -5.43 14.97
CA ARG B 100 -3.23 -6.16 14.88
C ARG B 100 -2.11 -5.25 15.39
N ASN B 101 -2.14 -3.97 15.03
CA ASN B 101 -1.11 -2.96 15.40
CA ASN B 101 -1.10 -2.97 15.40
C ASN B 101 -1.09 -2.78 16.93
N ILE B 102 -2.25 -2.85 17.58
CA ILE B 102 -2.42 -2.62 19.05
C ILE B 102 -2.10 -3.90 19.82
N LEU B 103 -2.63 -5.05 19.38
CA LEU B 103 -2.49 -6.35 20.09
C LEU B 103 -1.15 -7.00 19.76
N GLY B 104 -0.72 -6.92 18.50
CA GLY B 104 0.45 -7.64 17.97
C GLY B 104 0.16 -9.13 17.83
N GLY B 105 1.20 -9.94 17.68
CA GLY B 105 1.10 -11.41 17.59
C GLY B 105 1.10 -11.91 16.15
N THR B 106 0.93 -13.21 15.99
CA THR B 106 1.00 -13.95 14.69
C THR B 106 -0.39 -14.46 14.32
N VAL B 107 -0.78 -14.29 13.06
CA VAL B 107 -2.06 -14.81 12.49
C VAL B 107 -1.84 -16.27 12.06
N PHE B 108 -2.74 -17.17 12.50
CA PHE B 108 -2.73 -18.61 12.13
C PHE B 108 -4.03 -18.95 11.42
N ARG B 109 -3.93 -19.56 10.23
CA ARG B 109 -5.08 -20.01 9.42
C ARG B 109 -5.24 -21.54 9.57
N GLU B 110 -6.49 -21.99 9.68
CA GLU B 110 -6.87 -23.41 9.85
C GLU B 110 -8.11 -23.70 9.01
N ALA B 111 -8.02 -24.65 8.08
CA ALA B 111 -9.14 -25.13 7.25
C ALA B 111 -9.98 -26.10 8.07
N ILE B 112 -11.30 -26.09 7.84
CA ILE B 112 -12.25 -27.10 8.42
C ILE B 112 -12.37 -28.24 7.40
N ILE B 113 -12.10 -29.48 7.84
CA ILE B 113 -12.03 -30.69 6.96
C ILE B 113 -13.29 -31.53 7.17
N CYS B 114 -14.00 -31.83 6.08
CA CYS B 114 -15.13 -32.78 6.02
C CYS B 114 -14.75 -33.93 5.07
N LYS B 115 -15.11 -35.16 5.42
CA LYS B 115 -14.64 -36.40 4.74
C LYS B 115 -15.28 -36.51 3.36
N ASN B 116 -16.47 -35.94 3.16
CA ASN B 116 -17.24 -35.99 1.89
C ASN B 116 -16.91 -34.77 1.00
N ILE B 117 -16.04 -33.87 1.46
CA ILE B 117 -15.58 -32.67 0.71
C ILE B 117 -14.13 -32.90 0.28
N PRO B 118 -13.82 -32.91 -1.04
CA PRO B 118 -12.46 -33.14 -1.51
C PRO B 118 -11.42 -32.17 -0.93
N ARG B 119 -10.15 -32.58 -0.92
CA ARG B 119 -8.99 -31.77 -0.46
C ARG B 119 -7.96 -31.69 -1.58
N LEU B 120 -7.19 -30.61 -1.61
CA LEU B 120 -6.06 -30.39 -2.55
C LEU B 120 -5.18 -31.65 -2.56
N VAL B 121 -4.84 -32.15 -1.37
CA VAL B 121 -4.14 -33.46 -1.13
C VAL B 121 -5.10 -34.38 -0.39
N SER B 122 -5.50 -35.50 -1.01
CA SER B 122 -6.52 -36.44 -0.47
C SER B 122 -6.02 -37.07 0.84
N GLY B 123 -4.70 -37.19 1.00
CA GLY B 123 -4.05 -37.74 2.20
C GLY B 123 -4.34 -36.89 3.44
N TRP B 124 -4.53 -35.58 3.28
CA TRP B 124 -4.82 -34.62 4.37
C TRP B 124 -6.22 -34.91 4.94
N VAL B 125 -6.28 -35.60 6.09
CA VAL B 125 -7.55 -35.97 6.79
C VAL B 125 -7.68 -35.16 8.08
N LYS B 126 -6.62 -34.47 8.51
CA LYS B 126 -6.63 -33.53 9.66
C LYS B 126 -6.14 -32.16 9.17
N PRO B 127 -6.58 -31.04 9.78
CA PRO B 127 -6.16 -29.71 9.34
C PRO B 127 -4.64 -29.48 9.50
N ILE B 128 -4.09 -28.60 8.66
CA ILE B 128 -2.72 -28.02 8.80
C ILE B 128 -2.89 -26.54 9.14
N ILE B 129 -2.25 -26.09 10.22
CA ILE B 129 -2.34 -24.68 10.69
C ILE B 129 -1.09 -23.92 10.21
N ILE B 130 -1.28 -22.93 9.34
CA ILE B 130 -0.20 -22.10 8.72
C ILE B 130 -0.11 -20.78 9.48
N GLY B 131 1.08 -20.46 10.00
CA GLY B 131 1.40 -19.18 10.65
C GLY B 131 2.45 -18.41 9.85
N HIS B 132 2.08 -17.23 9.36
CA HIS B 132 2.96 -16.33 8.56
C HIS B 132 3.51 -15.23 9.48
N HIS B 133 4.75 -14.81 9.24
CA HIS B 133 5.41 -13.65 9.89
C HIS B 133 5.05 -12.37 9.12
N ALA B 134 4.90 -11.25 9.80
CA ALA B 134 4.35 -9.98 9.23
C ALA B 134 5.04 -8.75 9.84
N TYR B 135 6.37 -8.79 9.97
CA TYR B 135 7.21 -7.68 10.50
C TYR B 135 8.62 -7.75 9.88
N ARG B 140 7.69 -3.75 5.93
CA ARG B 140 8.08 -2.69 4.97
C ARG B 140 9.46 -3.00 4.38
N ALA B 141 9.56 -3.06 3.05
CA ALA B 141 10.83 -3.20 2.29
C ALA B 141 11.07 -1.94 1.44
N THR B 142 12.34 -1.58 1.23
CA THR B 142 12.78 -0.34 0.54
C THR B 142 13.41 -0.71 -0.81
N ASP B 143 12.65 -0.56 -1.90
CA ASP B 143 13.07 -0.87 -3.29
C ASP B 143 13.20 0.42 -4.09
N PHE B 144 14.07 0.43 -5.11
CA PHE B 144 14.32 1.58 -6.01
C PHE B 144 14.90 1.08 -7.34
N VAL B 145 14.84 1.93 -8.37
CA VAL B 145 15.40 1.67 -9.73
C VAL B 145 16.86 2.15 -9.74
N VAL B 146 17.78 1.30 -10.21
CA VAL B 146 19.20 1.66 -10.50
C VAL B 146 19.25 2.18 -11.93
N PRO B 147 19.44 3.52 -12.14
CA PRO B 147 19.26 4.12 -13.46
C PRO B 147 20.35 3.70 -14.47
N GLY B 148 21.58 3.53 -14.00
CA GLY B 148 22.74 3.13 -14.82
C GLY B 148 23.86 2.57 -13.96
N PRO B 149 25.06 2.31 -14.54
CA PRO B 149 26.19 1.74 -13.82
C PRO B 149 26.52 2.46 -12.50
N GLY B 150 27.11 1.72 -11.55
CA GLY B 150 27.45 2.20 -10.20
C GLY B 150 27.51 1.06 -9.20
N LYS B 151 27.88 1.38 -7.95
CA LYS B 151 28.03 0.41 -6.84
C LYS B 151 26.86 0.59 -5.86
N VAL B 152 26.09 -0.49 -5.64
CA VAL B 152 25.00 -0.53 -4.61
C VAL B 152 25.55 -1.27 -3.38
N GLU B 153 25.53 -0.60 -2.22
CA GLU B 153 26.03 -1.13 -0.93
C GLU B 153 24.95 -0.97 0.14
N ILE B 154 24.96 -1.85 1.14
CA ILE B 154 24.07 -1.77 2.34
C ILE B 154 24.97 -1.59 3.58
N THR B 155 24.67 -0.59 4.42
CA THR B 155 25.52 -0.13 5.54
C THR B 155 24.75 -0.20 6.86
N TYR B 156 25.43 -0.62 7.94
CA TYR B 156 24.96 -0.52 9.35
C TYR B 156 25.79 0.52 10.11
N THR B 157 25.16 1.63 10.50
CA THR B 157 25.77 2.74 11.27
C THR B 157 25.27 2.64 12.72
N PRO B 158 26.12 2.17 13.67
CA PRO B 158 25.73 2.10 15.08
C PRO B 158 25.31 3.46 15.67
N SER B 159 24.29 3.48 16.53
CA SER B 159 23.74 4.69 17.18
C SER B 159 24.75 5.27 18.19
N ASP B 160 25.68 4.44 18.68
CA ASP B 160 26.69 4.84 19.70
C ASP B 160 27.87 5.57 19.04
N GLY B 161 27.90 5.65 17.71
CA GLY B 161 28.90 6.42 16.94
C GLY B 161 30.19 5.65 16.68
N THR B 162 30.20 4.34 16.95
CA THR B 162 31.35 3.43 16.65
C THR B 162 31.42 3.22 15.13
N GLN B 163 32.43 2.46 14.66
CA GLN B 163 32.76 2.30 13.22
CA GLN B 163 32.77 2.28 13.22
C GLN B 163 31.55 1.78 12.44
N LYS B 164 31.31 2.36 11.26
CA LYS B 164 30.26 1.95 10.28
C LYS B 164 30.72 0.68 9.57
N VAL B 165 29.81 -0.28 9.35
CA VAL B 165 30.06 -1.55 8.60
C VAL B 165 29.33 -1.48 7.25
N THR B 166 30.02 -1.84 6.17
CA THR B 166 29.55 -1.72 4.76
C THR B 166 29.67 -3.09 4.07
N TYR B 167 28.62 -3.50 3.35
CA TYR B 167 28.55 -4.75 2.55
C TYR B 167 28.23 -4.38 1.10
N LEU B 168 28.94 -5.00 0.15
CA LEU B 168 28.68 -4.85 -1.31
C LEU B 168 27.46 -5.73 -1.67
N VAL B 169 26.43 -5.12 -2.26
CA VAL B 169 25.23 -5.84 -2.80
C VAL B 169 25.54 -6.28 -4.22
N HIS B 170 25.86 -5.33 -5.11
CA HIS B 170 26.26 -5.58 -6.52
C HIS B 170 26.90 -4.34 -7.13
N ASN B 171 27.95 -4.55 -7.94
CA ASN B 171 28.59 -3.51 -8.78
C ASN B 171 28.02 -3.64 -10.20
N PHE B 172 27.16 -2.69 -10.58
CA PHE B 172 26.55 -2.59 -11.94
C PHE B 172 27.58 -1.99 -12.90
N GLU B 173 28.16 -2.82 -13.78
CA GLU B 173 29.30 -2.45 -14.66
C GLU B 173 28.79 -2.02 -16.04
N GLU B 174 27.80 -2.74 -16.60
CA GLU B 174 27.42 -2.65 -18.04
C GLU B 174 26.09 -1.92 -18.23
N GLY B 175 25.19 -1.93 -17.24
CA GLY B 175 23.83 -1.36 -17.39
C GLY B 175 23.21 -0.96 -16.06
N GLY B 176 21.89 -0.85 -16.01
CA GLY B 176 21.10 -0.53 -14.80
C GLY B 176 20.35 -1.74 -14.29
N GLY B 177 19.28 -1.53 -13.52
CA GLY B 177 18.43 -2.60 -12.94
C GLY B 177 17.63 -2.10 -11.74
N VAL B 178 17.43 -2.98 -10.76
CA VAL B 178 16.70 -2.66 -9.49
C VAL B 178 17.46 -3.25 -8.31
N ALA B 179 17.27 -2.66 -7.12
CA ALA B 179 17.83 -3.13 -5.84
C ALA B 179 16.84 -2.80 -4.72
N MET B 180 16.85 -3.59 -3.65
CA MET B 180 15.96 -3.38 -2.47
C MET B 180 16.66 -3.87 -1.20
N GLY B 181 16.32 -3.25 -0.06
CA GLY B 181 16.75 -3.66 1.27
C GLY B 181 15.57 -4.14 2.10
N MET B 182 15.73 -5.27 2.79
CA MET B 182 14.74 -5.84 3.75
C MET B 182 15.40 -5.87 5.12
N TYR B 183 14.59 -5.97 6.18
CA TYR B 183 15.06 -6.05 7.60
C TYR B 183 14.09 -6.90 8.42
N ASN B 184 14.48 -7.20 9.65
CA ASN B 184 13.64 -7.89 10.66
C ASN B 184 14.28 -7.69 12.05
N GLN B 185 13.50 -7.22 13.02
CA GLN B 185 13.94 -6.99 14.42
C GLN B 185 13.89 -8.31 15.19
N ASP B 186 14.77 -8.49 16.16
CA ASP B 186 14.85 -9.69 17.03
C ASP B 186 13.53 -9.89 17.76
N LYS B 187 12.97 -8.80 18.32
CA LYS B 187 11.72 -8.84 19.12
C LYS B 187 10.59 -9.46 18.27
N SER B 188 10.49 -9.07 16.99
CA SER B 188 9.49 -9.59 16.03
C SER B 188 9.62 -11.11 15.89
N ILE B 189 10.86 -11.61 15.77
CA ILE B 189 11.15 -13.07 15.57
C ILE B 189 10.82 -13.81 16.88
N GLU B 190 11.17 -13.22 18.03
CA GLU B 190 10.89 -13.78 19.38
C GLU B 190 9.37 -13.93 19.56
N ASP B 191 8.60 -12.89 19.24
CA ASP B 191 7.12 -12.87 19.31
C ASP B 191 6.55 -13.96 18.41
N PHE B 192 7.07 -14.11 17.19
CA PHE B 192 6.65 -15.12 16.19
C PHE B 192 6.88 -16.52 16.75
N ALA B 193 8.02 -16.75 17.40
CA ALA B 193 8.40 -18.04 18.02
C ALA B 193 7.44 -18.36 19.16
N HIS B 194 7.34 -17.48 20.16
CA HIS B 194 6.45 -17.63 21.35
C HIS B 194 5.04 -18.01 20.89
N SER B 195 4.43 -17.18 20.03
CA SER B 195 3.08 -17.40 19.45
C SER B 195 2.96 -18.82 18.86
N SER B 196 3.98 -19.25 18.11
CA SER B 196 4.03 -20.57 17.40
C SER B 196 4.07 -21.72 18.41
N PHE B 197 4.83 -21.57 19.50
CA PHE B 197 4.97 -22.58 20.58
C PHE B 197 3.67 -22.65 21.39
N GLN B 198 3.10 -21.49 21.71
CA GLN B 198 1.80 -21.37 22.44
C GLN B 198 0.71 -22.11 21.65
N MET B 199 0.62 -21.86 20.34
CA MET B 199 -0.39 -22.46 19.43
C MET B 199 -0.24 -23.99 19.42
N ALA B 200 1.00 -24.49 19.35
CA ALA B 200 1.34 -25.94 19.29
C ALA B 200 0.85 -26.64 20.57
N LEU B 201 1.14 -26.05 21.74
CA LEU B 201 0.73 -26.60 23.07
C LEU B 201 -0.79 -26.52 23.21
N SER B 202 -1.39 -25.41 22.80
CA SER B 202 -2.85 -25.13 22.84
C SER B 202 -3.61 -26.23 22.07
N LYS B 203 -3.10 -26.65 20.91
CA LYS B 203 -3.75 -27.63 20.00
C LYS B 203 -3.25 -29.05 20.31
N GLY B 204 -2.12 -29.19 21.00
CA GLY B 204 -1.49 -30.48 21.33
C GLY B 204 -0.92 -31.15 20.09
N TRP B 205 -0.45 -30.37 19.10
CA TRP B 205 0.15 -30.84 17.83
C TRP B 205 1.62 -30.42 17.77
N PRO B 206 2.47 -31.15 17.01
CA PRO B 206 3.86 -30.74 16.81
C PRO B 206 3.97 -29.48 15.93
N LEU B 207 5.07 -28.73 16.10
CA LEU B 207 5.36 -27.46 15.37
C LEU B 207 6.52 -27.69 14.41
N TYR B 208 6.50 -27.02 13.25
CA TYR B 208 7.62 -26.96 12.28
C TYR B 208 7.83 -25.52 11.83
N LEU B 209 9.07 -25.05 11.85
CA LEU B 209 9.52 -23.79 11.20
C LEU B 209 10.21 -24.16 9.88
N SER B 210 9.81 -23.52 8.78
CA SER B 210 10.46 -23.63 7.45
C SER B 210 11.21 -22.32 7.16
N THR B 211 12.46 -22.42 6.71
CA THR B 211 13.30 -21.29 6.23
C THR B 211 14.13 -21.74 5.02
N LYS B 212 14.95 -20.84 4.50
CA LYS B 212 15.94 -21.09 3.41
C LYS B 212 17.33 -20.73 3.93
N ASN B 213 17.71 -21.30 5.07
CA ASN B 213 18.96 -20.94 5.81
C ASN B 213 20.20 -21.50 5.10
N THR B 214 20.02 -22.41 4.12
CA THR B 214 21.12 -22.90 3.24
C THR B 214 21.61 -21.74 2.37
N ILE B 215 20.70 -20.88 1.90
CA ILE B 215 20.99 -19.74 0.98
C ILE B 215 21.18 -18.46 1.82
N LEU B 216 20.19 -18.11 2.66
CA LEU B 216 20.23 -16.93 3.57
C LEU B 216 20.74 -17.38 4.94
N LYS B 217 22.05 -17.68 5.03
CA LYS B 217 22.70 -18.34 6.19
C LYS B 217 22.59 -17.44 7.43
N LYS B 218 22.60 -16.12 7.26
CA LYS B 218 22.58 -15.13 8.37
C LYS B 218 21.12 -14.75 8.67
N TYR B 219 20.38 -14.29 7.66
CA TYR B 219 19.00 -13.75 7.77
C TYR B 219 18.06 -14.83 8.30
N ASP B 220 17.93 -15.94 7.58
CA ASP B 220 17.03 -17.08 7.94
C ASP B 220 17.67 -17.88 9.08
N GLY B 221 19.00 -17.89 9.17
CA GLY B 221 19.75 -18.50 10.29
C GLY B 221 19.30 -17.93 11.62
N ARG B 222 19.05 -16.62 11.68
CA ARG B 222 18.62 -15.90 12.91
C ARG B 222 17.27 -16.45 13.39
N PHE B 223 16.34 -16.71 12.46
CA PHE B 223 15.01 -17.30 12.75
C PHE B 223 15.18 -18.66 13.41
N LYS B 224 15.95 -19.56 12.78
CA LYS B 224 16.21 -20.94 13.25
C LYS B 224 16.79 -20.90 14.67
N ASP B 225 17.79 -20.03 14.89
CA ASP B 225 18.53 -19.89 16.18
C ASP B 225 17.57 -19.44 17.28
N ILE B 226 16.88 -18.31 17.08
CA ILE B 226 15.96 -17.69 18.08
C ILE B 226 14.87 -18.69 18.47
N PHE B 227 14.32 -19.43 17.50
CA PHE B 227 13.27 -20.46 17.73
C PHE B 227 13.84 -21.57 18.63
N GLN B 228 15.01 -22.09 18.28
CA GLN B 228 15.69 -23.20 19.01
C GLN B 228 16.02 -22.77 20.44
N GLU B 229 16.60 -21.57 20.60
CA GLU B 229 16.95 -20.98 21.92
C GLU B 229 15.70 -20.96 22.81
N ILE B 230 14.62 -20.32 22.35
CA ILE B 230 13.35 -20.13 23.11
C ILE B 230 12.73 -21.50 23.41
N TYR B 231 12.78 -22.44 22.46
CA TYR B 231 12.23 -23.81 22.62
C TYR B 231 12.93 -24.53 23.77
N ASP B 232 14.26 -24.64 23.70
CA ASP B 232 15.11 -25.39 24.65
C ASP B 232 14.92 -24.84 26.07
N LYS B 233 14.88 -23.51 26.22
CA LYS B 233 14.94 -22.82 27.54
C LYS B 233 13.56 -22.73 28.19
N GLN B 234 12.47 -22.68 27.41
CA GLN B 234 11.12 -22.32 27.94
C GLN B 234 10.06 -23.39 27.68
N TYR B 235 10.11 -24.10 26.53
CA TYR B 235 8.96 -24.89 26.02
C TYR B 235 9.25 -26.39 25.93
N LYS B 236 10.50 -26.82 25.73
CA LYS B 236 10.85 -28.22 25.34
C LYS B 236 10.22 -29.23 26.31
N SER B 237 10.29 -28.97 27.62
CA SER B 237 9.77 -29.86 28.70
C SER B 237 8.25 -30.02 28.56
N GLN B 238 7.54 -28.91 28.30
CA GLN B 238 6.05 -28.85 28.21
C GLN B 238 5.58 -29.63 26.96
N PHE B 239 6.37 -29.59 25.88
CA PHE B 239 6.12 -30.32 24.60
C PHE B 239 6.23 -31.83 24.86
N GLU B 240 7.32 -32.26 25.50
CA GLU B 240 7.61 -33.69 25.83
C GLU B 240 6.51 -34.24 26.75
N ALA B 241 5.89 -33.38 27.57
CA ALA B 241 4.77 -33.73 28.49
C ALA B 241 3.53 -34.13 27.69
N GLN B 242 3.31 -33.54 26.50
CA GLN B 242 2.13 -33.82 25.63
C GLN B 242 2.51 -34.72 24.45
N LYS B 243 3.72 -35.31 24.47
CA LYS B 243 4.23 -36.26 23.45
C LYS B 243 4.34 -35.58 22.08
N ILE B 244 4.61 -34.27 22.05
CA ILE B 244 4.81 -33.47 20.80
C ILE B 244 6.23 -32.90 20.81
N TRP B 245 6.64 -32.24 19.71
CA TRP B 245 8.03 -31.79 19.46
C TRP B 245 8.03 -30.57 18.52
N TYR B 246 9.13 -29.81 18.51
CA TYR B 246 9.43 -28.76 17.51
C TYR B 246 10.70 -29.16 16.73
N GLU B 247 10.69 -28.96 15.41
CA GLU B 247 11.87 -29.16 14.53
C GLU B 247 11.87 -28.09 13.42
N HIS B 248 13.05 -27.60 13.06
CA HIS B 248 13.29 -26.75 11.87
C HIS B 248 13.37 -27.65 10.63
N ARG B 249 12.89 -27.16 9.48
CA ARG B 249 12.98 -27.83 8.16
C ARG B 249 13.35 -26.79 7.10
N LEU B 250 14.06 -27.21 6.06
CA LEU B 250 14.26 -26.42 4.82
C LEU B 250 12.95 -26.45 4.03
N ILE B 251 12.47 -25.29 3.57
CA ILE B 251 11.16 -25.13 2.86
C ILE B 251 11.00 -26.23 1.80
N ASP B 252 12.08 -26.53 1.07
CA ASP B 252 12.14 -27.56 0.00
C ASP B 252 11.69 -28.91 0.56
N ASP B 253 12.27 -29.33 1.68
CA ASP B 253 11.96 -30.61 2.37
C ASP B 253 10.55 -30.54 2.98
N MET B 254 10.20 -29.40 3.59
CA MET B 254 8.94 -29.22 4.35
C MET B 254 7.72 -29.41 3.44
N VAL B 255 7.78 -28.87 2.22
CA VAL B 255 6.66 -28.97 1.22
C VAL B 255 6.42 -30.45 0.91
N ALA B 256 7.49 -31.20 0.63
CA ALA B 256 7.45 -32.64 0.32
C ALA B 256 6.88 -33.42 1.50
N GLN B 257 7.44 -33.20 2.70
CA GLN B 257 7.02 -33.85 3.98
C GLN B 257 5.53 -33.55 4.22
N ALA B 258 5.15 -32.27 4.16
CA ALA B 258 3.77 -31.76 4.40
C ALA B 258 2.77 -32.51 3.50
N MET B 259 3.11 -32.72 2.23
CA MET B 259 2.20 -33.30 1.21
C MET B 259 2.11 -34.82 1.37
N LYS B 260 3.18 -35.45 1.86
CA LYS B 260 3.22 -36.92 2.14
C LYS B 260 2.57 -37.21 3.49
N SER B 261 2.42 -36.18 4.33
CA SER B 261 1.79 -36.23 5.68
C SER B 261 0.27 -36.35 5.57
N GLU B 262 -0.41 -36.60 6.69
CA GLU B 262 -1.90 -36.68 6.78
C GLU B 262 -2.44 -35.45 7.53
N GLY B 263 -1.61 -34.41 7.70
CA GLY B 263 -1.96 -33.16 8.39
C GLY B 263 -1.85 -33.29 9.90
N GLY B 264 -2.44 -32.36 10.64
CA GLY B 264 -2.45 -32.34 12.12
C GLY B 264 -1.13 -31.88 12.70
N PHE B 265 -0.62 -30.73 12.23
CA PHE B 265 0.63 -30.10 12.73
C PHE B 265 0.57 -28.58 12.47
N ILE B 266 1.34 -27.82 13.25
CA ILE B 266 1.51 -26.34 13.08
C ILE B 266 2.70 -26.12 12.14
N TRP B 267 2.56 -25.18 11.21
CA TRP B 267 3.59 -24.83 10.19
C TRP B 267 3.88 -23.33 10.28
N ALA B 268 5.00 -22.96 10.91
CA ALA B 268 5.54 -21.58 10.92
C ALA B 268 6.30 -21.34 9.62
N CYS B 269 5.87 -20.32 8.87
CA CYS B 269 6.35 -20.09 7.51
C CYS B 269 7.07 -18.75 7.42
N LYS B 270 8.37 -18.78 7.12
CA LYS B 270 9.13 -17.54 6.95
C LYS B 270 9.03 -17.07 5.49
N ASN B 271 8.21 -16.05 5.24
CA ASN B 271 8.08 -15.32 3.95
C ASN B 271 8.75 -13.95 4.06
N VAL B 276 -1.41 -14.18 3.06
CA VAL B 276 -1.75 -13.62 1.72
C VAL B 276 -1.55 -14.71 0.65
N GLN B 277 -0.79 -15.77 0.96
CA GLN B 277 -0.57 -16.96 0.09
C GLN B 277 -1.66 -18.01 0.38
N SER B 278 -2.03 -18.19 1.65
CA SER B 278 -3.01 -19.20 2.11
C SER B 278 -4.42 -18.85 1.61
N ASP B 279 -4.77 -17.57 1.60
CA ASP B 279 -6.10 -17.05 1.19
C ASP B 279 -6.33 -17.31 -0.30
N SER B 280 -5.35 -16.97 -1.14
CA SER B 280 -5.41 -17.11 -2.62
C SER B 280 -5.74 -18.55 -3.01
N VAL B 281 -5.10 -19.53 -2.34
CA VAL B 281 -5.29 -20.99 -2.59
C VAL B 281 -6.73 -21.37 -2.23
N ALA B 282 -7.24 -20.85 -1.12
CA ALA B 282 -8.63 -21.08 -0.62
C ALA B 282 -9.63 -20.49 -1.62
N GLN B 283 -9.36 -19.28 -2.13
CA GLN B 283 -10.19 -18.58 -3.14
C GLN B 283 -10.22 -19.41 -4.42
N GLY B 284 -9.04 -19.87 -4.88
CA GLY B 284 -8.86 -20.68 -6.09
C GLY B 284 -9.61 -22.01 -5.99
N TYR B 285 -9.59 -22.64 -4.81
CA TYR B 285 -10.21 -23.96 -4.54
C TYR B 285 -11.71 -23.79 -4.24
N GLY B 286 -12.14 -22.57 -3.91
CA GLY B 286 -13.55 -22.24 -3.58
C GLY B 286 -13.94 -22.74 -2.20
N SER B 287 -13.04 -22.60 -1.22
CA SER B 287 -13.18 -23.10 0.17
C SER B 287 -12.84 -21.99 1.17
N LEU B 288 -13.04 -20.73 0.81
CA LEU B 288 -12.84 -19.55 1.70
C LEU B 288 -13.79 -19.64 2.90
N GLY B 289 -15.01 -20.15 2.67
CA GLY B 289 -16.06 -20.30 3.70
C GLY B 289 -15.73 -21.37 4.72
N MET B 290 -14.59 -22.07 4.56
CA MET B 290 -14.18 -23.21 5.43
C MET B 290 -12.78 -22.97 6.00
N MET B 291 -12.36 -21.71 6.11
CA MET B 291 -11.04 -21.32 6.70
C MET B 291 -11.24 -20.22 7.75
N THR B 292 -10.70 -20.43 8.95
CA THR B 292 -10.67 -19.45 10.07
C THR B 292 -9.27 -18.83 10.17
N SER B 293 -9.19 -17.65 10.82
CA SER B 293 -7.97 -16.83 10.96
C SER B 293 -7.89 -16.30 12.39
N VAL B 294 -7.05 -16.91 13.24
CA VAL B 294 -6.91 -16.56 14.69
C VAL B 294 -5.59 -15.82 14.89
N LEU B 295 -5.65 -14.61 15.46
CA LEU B 295 -4.46 -13.81 15.87
C LEU B 295 -4.07 -14.25 17.29
N VAL B 296 -2.91 -14.88 17.43
CA VAL B 296 -2.39 -15.42 18.73
C VAL B 296 -1.25 -14.52 19.21
N CYS B 297 -1.50 -13.75 20.28
CA CYS B 297 -0.50 -12.88 20.95
C CYS B 297 0.53 -13.75 21.66
N PRO B 298 1.79 -13.29 21.79
CA PRO B 298 2.86 -14.12 22.35
C PRO B 298 2.79 -14.31 23.88
N ASP B 299 1.93 -13.56 24.58
CA ASP B 299 1.72 -13.67 26.06
C ASP B 299 1.00 -14.99 26.38
N GLY B 300 0.29 -15.58 25.42
CA GLY B 300 -0.40 -16.88 25.56
C GLY B 300 -1.83 -16.75 26.06
N LYS B 301 -2.24 -15.53 26.45
CA LYS B 301 -3.56 -15.24 27.06
C LYS B 301 -4.51 -14.64 26.01
N THR B 302 -4.03 -13.64 25.26
CA THR B 302 -4.85 -12.83 24.31
C THR B 302 -4.98 -13.56 22.98
N VAL B 303 -6.19 -13.58 22.42
CA VAL B 303 -6.56 -14.29 21.15
C VAL B 303 -7.69 -13.50 20.48
N GLU B 304 -7.62 -13.31 19.16
CA GLU B 304 -8.69 -12.67 18.35
C GLU B 304 -9.02 -13.58 17.16
N ALA B 305 -10.21 -14.18 17.17
CA ALA B 305 -10.67 -15.19 16.18
C ALA B 305 -11.63 -14.54 15.18
N GLU B 306 -11.54 -14.93 13.91
CA GLU B 306 -12.42 -14.44 12.81
C GLU B 306 -12.29 -15.38 11.60
N ALA B 307 -13.23 -15.27 10.65
CA ALA B 307 -13.18 -15.95 9.33
C ALA B 307 -12.02 -15.35 8.51
N ALA B 308 -11.42 -16.16 7.64
CA ALA B 308 -10.33 -15.74 6.73
C ALA B 308 -10.90 -14.95 5.55
N HIS B 309 -12.20 -15.09 5.28
CA HIS B 309 -12.91 -14.44 4.15
C HIS B 309 -13.41 -13.05 4.56
N GLY B 310 -13.91 -12.28 3.59
CA GLY B 310 -14.47 -10.93 3.78
C GLY B 310 -15.97 -10.96 3.99
N THR B 311 -16.65 -9.84 3.66
CA THR B 311 -18.09 -9.60 3.94
C THR B 311 -18.97 -10.26 2.87
N VAL B 312 -18.37 -10.80 1.80
CA VAL B 312 -19.07 -11.54 0.71
C VAL B 312 -20.06 -10.59 0.03
N THR B 313 -19.55 -9.46 -0.48
CA THR B 313 -20.35 -8.33 -1.05
C THR B 313 -21.26 -8.83 -2.17
N ARG B 314 -20.75 -9.69 -3.07
CA ARG B 314 -21.50 -10.20 -4.25
C ARG B 314 -22.81 -10.85 -3.77
N HIS B 315 -22.74 -11.70 -2.75
CA HIS B 315 -23.89 -12.41 -2.15
C HIS B 315 -24.88 -11.41 -1.54
N TYR B 316 -24.37 -10.34 -0.91
CA TYR B 316 -25.16 -9.30 -0.21
C TYR B 316 -26.02 -8.53 -1.23
N ARG B 317 -25.48 -8.23 -2.41
CA ARG B 317 -26.18 -7.51 -3.50
C ARG B 317 -27.42 -8.31 -3.93
N MET B 318 -27.29 -9.64 -4.00
CA MET B 318 -28.41 -10.56 -4.36
C MET B 318 -29.45 -10.55 -3.24
N TYR B 319 -29.00 -10.55 -1.98
CA TYR B 319 -29.86 -10.48 -0.76
C TYR B 319 -30.66 -9.17 -0.76
N GLN B 320 -30.00 -8.06 -1.13
CA GLN B 320 -30.60 -6.70 -1.17
C GLN B 320 -31.73 -6.66 -2.22
N LYS B 321 -31.61 -7.43 -3.31
CA LYS B 321 -32.61 -7.50 -4.41
C LYS B 321 -33.66 -8.57 -4.08
N GLY B 322 -33.60 -9.19 -2.90
CA GLY B 322 -34.58 -10.18 -2.41
C GLY B 322 -34.38 -11.55 -3.04
N GLN B 323 -33.24 -11.79 -3.70
CA GLN B 323 -32.91 -13.08 -4.35
C GLN B 323 -32.39 -14.07 -3.30
N GLU B 324 -32.52 -15.37 -3.57
CA GLU B 324 -32.04 -16.47 -2.69
C GLU B 324 -30.51 -16.48 -2.71
N THR B 325 -29.88 -16.66 -1.53
CA THR B 325 -28.41 -16.73 -1.36
C THR B 325 -28.05 -18.02 -0.63
N SER B 326 -26.85 -18.56 -0.89
CA SER B 326 -26.26 -19.72 -0.19
C SER B 326 -24.83 -19.36 0.24
N THR B 327 -24.70 -18.67 1.37
CA THR B 327 -23.42 -18.20 1.97
C THR B 327 -23.01 -19.15 3.09
N ASN B 328 -21.76 -19.63 3.07
CA ASN B 328 -21.22 -20.62 4.03
C ASN B 328 -20.93 -19.92 5.36
N PRO B 329 -21.59 -20.31 6.47
CA PRO B 329 -21.36 -19.70 7.78
C PRO B 329 -20.29 -20.37 8.65
N ILE B 330 -19.70 -21.48 8.18
CA ILE B 330 -18.81 -22.38 8.96
C ILE B 330 -17.62 -21.59 9.51
N ALA B 331 -16.95 -20.82 8.65
CA ALA B 331 -15.78 -19.98 9.02
C ALA B 331 -16.17 -19.04 10.18
N SER B 332 -17.31 -18.36 10.05
CA SER B 332 -17.86 -17.42 11.07
C SER B 332 -18.20 -18.17 12.35
N ILE B 333 -18.84 -19.34 12.24
CA ILE B 333 -19.22 -20.22 13.39
C ILE B 333 -17.96 -20.64 14.14
N PHE B 334 -16.92 -21.06 13.41
CA PHE B 334 -15.66 -21.59 13.99
C PHE B 334 -14.86 -20.47 14.66
N ALA B 335 -15.06 -19.22 14.23
CA ALA B 335 -14.51 -18.02 14.90
C ALA B 335 -15.03 -17.97 16.33
N TRP B 336 -16.33 -18.21 16.52
CA TRP B 336 -17.01 -18.25 17.84
C TRP B 336 -16.47 -19.42 18.68
N THR B 337 -16.40 -20.62 18.09
CA THR B 337 -16.02 -21.87 18.80
C THR B 337 -14.55 -21.78 19.27
N ARG B 338 -13.66 -21.21 18.46
CA ARG B 338 -12.21 -21.07 18.78
C ARG B 338 -12.04 -20.04 19.90
N GLY B 339 -12.79 -18.93 19.84
CA GLY B 339 -12.84 -17.90 20.90
C GLY B 339 -13.30 -18.48 22.22
N LEU B 340 -14.46 -19.16 22.21
CA LEU B 340 -15.09 -19.76 23.43
C LEU B 340 -14.21 -20.89 23.98
N ALA B 341 -13.56 -21.64 23.10
CA ALA B 341 -12.62 -22.75 23.46
C ALA B 341 -11.45 -22.18 24.26
N HIS B 342 -10.95 -21.02 23.86
CA HIS B 342 -9.81 -20.32 24.52
C HIS B 342 -10.28 -19.76 25.86
N ARG B 343 -11.46 -19.11 25.89
CA ARG B 343 -12.13 -18.62 27.12
C ARG B 343 -12.21 -19.78 28.13
N ALA B 344 -12.68 -20.95 27.68
CA ALA B 344 -12.88 -22.16 28.48
C ALA B 344 -11.55 -22.64 29.09
N LYS B 345 -10.45 -22.53 28.33
CA LYS B 345 -9.10 -22.94 28.78
C LYS B 345 -8.61 -21.99 29.88
N LEU B 346 -8.73 -20.68 29.66
CA LEU B 346 -8.29 -19.62 30.61
C LEU B 346 -9.01 -19.76 31.95
N ASP B 347 -10.30 -20.14 31.92
CA ASP B 347 -11.21 -20.13 33.10
C ASP B 347 -11.39 -21.54 33.67
N ASN B 348 -10.80 -22.56 33.05
CA ASN B 348 -10.98 -23.99 33.42
C ASN B 348 -12.48 -24.31 33.45
N ASN B 349 -13.20 -23.90 32.40
CA ASN B 349 -14.67 -24.07 32.25
C ASN B 349 -14.95 -25.24 31.30
N LYS B 350 -15.05 -26.46 31.85
CA LYS B 350 -15.20 -27.72 31.07
C LYS B 350 -16.57 -27.75 30.36
N GLU B 351 -17.58 -27.09 30.94
CA GLU B 351 -18.95 -27.01 30.36
C GLU B 351 -18.91 -26.24 29.03
N LEU B 352 -18.21 -25.10 29.00
CA LEU B 352 -18.05 -24.24 27.79
C LEU B 352 -17.15 -24.96 26.78
N ALA B 353 -16.07 -25.58 27.24
CA ALA B 353 -15.12 -26.37 26.43
C ALA B 353 -15.87 -27.42 25.63
N PHE B 354 -16.81 -28.13 26.28
CA PHE B 354 -17.65 -29.19 25.67
C PHE B 354 -18.53 -28.57 24.57
N PHE B 355 -19.18 -27.44 24.87
CA PHE B 355 -20.13 -26.76 23.94
C PHE B 355 -19.39 -26.33 22.67
N ALA B 356 -18.24 -25.67 22.83
CA ALA B 356 -17.36 -25.21 21.73
C ALA B 356 -17.08 -26.39 20.79
N ASN B 357 -16.64 -27.52 21.33
CA ASN B 357 -16.34 -28.77 20.58
C ASN B 357 -17.62 -29.33 19.95
N ALA B 358 -18.72 -29.36 20.71
CA ALA B 358 -20.03 -29.91 20.29
C ALA B 358 -20.50 -29.21 19.02
N LEU B 359 -20.45 -27.87 19.01
CA LEU B 359 -20.89 -27.01 17.87
C LEU B 359 -20.00 -27.30 16.65
N GLU B 360 -18.68 -27.43 16.85
CA GLU B 360 -17.71 -27.75 15.78
C GLU B 360 -18.07 -29.10 15.14
N GLU B 361 -18.37 -30.12 15.98
CA GLU B 361 -18.73 -31.49 15.53
C GLU B 361 -20.05 -31.44 14.75
N VAL B 362 -21.07 -30.78 15.31
CA VAL B 362 -22.42 -30.61 14.67
C VAL B 362 -22.23 -30.06 13.26
N SER B 363 -21.42 -29.00 13.13
CA SER B 363 -21.13 -28.29 11.85
C SER B 363 -20.58 -29.27 10.80
N ILE B 364 -19.56 -30.04 11.17
CA ILE B 364 -18.88 -31.04 10.29
C ILE B 364 -19.83 -32.19 9.97
N GLU B 365 -20.51 -32.73 10.99
CA GLU B 365 -21.46 -33.87 10.88
C GLU B 365 -22.60 -33.52 9.90
N THR B 366 -23.11 -32.28 9.97
CA THR B 366 -24.22 -31.76 9.14
C THR B 366 -23.83 -31.82 7.66
N ILE B 367 -22.61 -31.36 7.34
CA ILE B 367 -22.05 -31.36 5.96
C ILE B 367 -21.78 -32.80 5.53
N GLU B 368 -21.25 -33.63 6.43
CA GLU B 368 -20.93 -35.06 6.19
C GLU B 368 -22.22 -35.86 5.99
N ALA B 369 -23.35 -35.38 6.54
CA ALA B 369 -24.68 -36.02 6.42
C ALA B 369 -25.32 -35.65 5.06
N GLY B 370 -24.76 -34.67 4.33
CA GLY B 370 -25.17 -34.31 2.97
C GLY B 370 -25.83 -32.95 2.88
N PHE B 371 -26.04 -32.28 4.02
CA PHE B 371 -26.67 -30.92 4.11
C PHE B 371 -25.56 -29.86 4.11
N MET B 372 -25.49 -29.03 3.07
CA MET B 372 -24.40 -28.06 2.84
C MET B 372 -24.88 -26.86 2.02
N THR B 373 -24.09 -25.79 1.96
CA THR B 373 -24.32 -24.58 1.12
C THR B 373 -23.76 -24.84 -0.28
N LYS B 374 -24.06 -23.93 -1.22
CA LYS B 374 -23.81 -24.11 -2.68
C LYS B 374 -22.31 -24.29 -2.95
N ASP B 375 -21.45 -23.54 -2.26
CA ASP B 375 -19.97 -23.56 -2.44
C ASP B 375 -19.43 -24.97 -2.22
N LEU B 376 -19.95 -25.70 -1.23
CA LEU B 376 -19.50 -27.07 -0.87
C LEU B 376 -19.99 -28.08 -1.92
N ALA B 377 -21.24 -27.94 -2.39
CA ALA B 377 -21.82 -28.75 -3.47
C ALA B 377 -20.98 -28.58 -4.75
N ALA B 378 -20.62 -27.33 -5.07
CA ALA B 378 -19.78 -26.96 -6.23
C ALA B 378 -18.39 -27.57 -6.10
N CYS B 379 -17.86 -27.64 -4.87
CA CYS B 379 -16.52 -28.20 -4.55
C CYS B 379 -16.51 -29.71 -4.87
N ILE B 380 -17.63 -30.40 -4.64
CA ILE B 380 -17.77 -31.88 -4.84
C ILE B 380 -17.84 -32.19 -6.34
N LYS B 381 -18.73 -31.54 -7.10
CA LYS B 381 -19.13 -31.96 -8.46
C LYS B 381 -18.98 -30.85 -9.51
N GLY B 382 -18.34 -29.72 -9.17
CA GLY B 382 -18.14 -28.59 -10.10
C GLY B 382 -19.38 -27.71 -10.21
N LEU B 383 -19.20 -26.38 -10.26
CA LEU B 383 -20.28 -25.36 -10.18
C LEU B 383 -21.30 -25.55 -11.30
N PRO B 384 -20.88 -25.81 -12.56
CA PRO B 384 -21.85 -25.99 -13.65
C PRO B 384 -22.86 -27.13 -13.45
N ASN B 385 -22.50 -28.18 -12.68
CA ASN B 385 -23.28 -29.42 -12.53
C ASN B 385 -24.19 -29.35 -11.29
N VAL B 386 -24.09 -28.29 -10.49
CA VAL B 386 -24.89 -28.11 -9.24
C VAL B 386 -26.35 -27.79 -9.61
N GLN B 387 -27.31 -28.49 -9.01
CA GLN B 387 -28.76 -28.19 -9.09
C GLN B 387 -29.25 -27.75 -7.71
N ARG B 388 -30.45 -27.17 -7.63
CA ARG B 388 -30.99 -26.53 -6.40
C ARG B 388 -31.14 -27.58 -5.28
N SER B 389 -31.41 -28.84 -5.63
CA SER B 389 -31.61 -29.96 -4.67
C SER B 389 -30.29 -30.41 -4.05
N ASP B 390 -29.13 -29.98 -4.60
CA ASP B 390 -27.78 -30.40 -4.15
C ASP B 390 -27.37 -29.63 -2.87
N TYR B 391 -28.01 -28.48 -2.59
CA TYR B 391 -27.58 -27.55 -1.52
C TYR B 391 -28.79 -26.92 -0.83
N LEU B 392 -28.53 -26.22 0.29
CA LEU B 392 -29.52 -25.42 1.06
C LEU B 392 -29.11 -23.94 1.00
N ASN B 393 -30.08 -23.03 1.13
CA ASN B 393 -29.84 -21.56 1.16
C ASN B 393 -29.32 -21.19 2.56
N THR B 394 -28.84 -19.96 2.73
CA THR B 394 -28.15 -19.45 3.94
C THR B 394 -28.98 -19.75 5.19
N PHE B 395 -30.29 -19.53 5.14
CA PHE B 395 -31.23 -19.61 6.30
C PHE B 395 -31.64 -21.06 6.56
N GLU B 396 -31.86 -21.85 5.50
CA GLU B 396 -32.17 -23.30 5.58
C GLU B 396 -31.04 -24.02 6.32
N PHE B 397 -29.79 -23.75 5.95
CA PHE B 397 -28.57 -24.40 6.52
C PHE B 397 -28.43 -24.05 8.00
N MET B 398 -28.61 -22.77 8.35
CA MET B 398 -28.53 -22.28 9.75
C MET B 398 -29.60 -22.97 10.60
N ASP B 399 -30.82 -23.14 10.05
CA ASP B 399 -31.95 -23.86 10.71
C ASP B 399 -31.54 -25.31 10.98
N LYS B 400 -30.90 -25.97 10.00
CA LYS B 400 -30.48 -27.40 10.07
C LYS B 400 -29.42 -27.57 11.16
N LEU B 401 -28.44 -26.66 11.23
CA LEU B 401 -27.40 -26.62 12.30
C LEU B 401 -28.08 -26.46 13.66
N GLY B 402 -29.07 -25.55 13.75
CA GLY B 402 -29.86 -25.28 14.98
C GLY B 402 -30.53 -26.52 15.51
N GLU B 403 -31.21 -27.28 14.64
CA GLU B 403 -31.92 -28.54 14.98
C GLU B 403 -30.90 -29.59 15.47
N ASN B 404 -29.79 -29.75 14.76
CA ASN B 404 -28.75 -30.78 15.02
C ASN B 404 -28.00 -30.45 16.31
N LEU B 405 -27.81 -29.16 16.63
CA LEU B 405 -27.15 -28.70 17.87
C LEU B 405 -28.02 -29.03 19.09
N LYS B 406 -29.34 -28.77 19.00
CA LYS B 406 -30.34 -29.08 20.05
C LYS B 406 -30.29 -30.57 20.38
N ILE B 407 -30.25 -31.43 19.35
CA ILE B 407 -30.22 -32.92 19.48
C ILE B 407 -28.91 -33.35 20.17
N LYS B 408 -27.77 -32.81 19.73
CA LYS B 408 -26.43 -33.17 20.25
C LYS B 408 -26.33 -32.80 21.74
N LEU B 409 -26.83 -31.62 22.12
CA LEU B 409 -26.74 -31.10 23.52
C LEU B 409 -27.73 -31.86 24.42
N ALA B 410 -28.86 -32.32 23.87
CA ALA B 410 -29.86 -33.17 24.57
C ALA B 410 -29.23 -34.52 24.94
N GLN B 411 -28.52 -35.15 24.00
CA GLN B 411 -27.82 -36.45 24.17
C GLN B 411 -26.85 -36.39 25.36
N ALA B 412 -26.14 -35.27 25.52
CA ALA B 412 -25.19 -35.02 26.65
C ALA B 412 -25.95 -34.48 27.87
N LYS C 3 16.10 -46.60 -43.84
CA LYS C 3 14.64 -46.64 -43.52
C LYS C 3 14.29 -45.65 -42.39
N LYS C 4 15.30 -45.13 -41.66
CA LYS C 4 15.13 -44.26 -40.47
C LYS C 4 14.90 -42.81 -40.92
N ILE C 5 14.62 -41.92 -39.96
CA ILE C 5 14.46 -40.45 -40.14
C ILE C 5 15.84 -39.80 -39.95
N SER C 6 16.13 -38.73 -40.70
CA SER C 6 17.35 -37.89 -40.56
C SER C 6 17.12 -36.83 -39.48
N GLY C 7 17.50 -37.12 -38.24
CA GLY C 7 17.27 -36.26 -37.06
C GLY C 7 18.10 -34.99 -37.11
N GLY C 8 19.38 -35.10 -37.48
CA GLY C 8 20.32 -33.97 -37.55
C GLY C 8 21.28 -33.95 -36.37
N SER C 9 21.73 -32.74 -35.99
CA SER C 9 22.75 -32.51 -34.93
C SER C 9 22.06 -32.45 -33.56
N VAL C 10 22.36 -33.41 -32.68
CA VAL C 10 21.85 -33.47 -31.28
C VAL C 10 23.02 -33.76 -30.34
N VAL C 11 23.18 -32.94 -29.29
CA VAL C 11 24.16 -33.16 -28.19
C VAL C 11 23.49 -34.01 -27.11
N GLU C 12 24.08 -35.17 -26.79
CA GLU C 12 23.58 -36.15 -25.79
C GLU C 12 24.57 -36.22 -24.63
N MET C 13 24.08 -36.21 -23.39
CA MET C 13 24.90 -36.27 -22.15
C MET C 13 24.44 -37.44 -21.29
N GLN C 14 25.27 -38.48 -21.16
CA GLN C 14 25.02 -39.68 -20.31
C GLN C 14 25.22 -39.30 -18.84
N GLY C 15 24.50 -39.98 -17.94
CA GLY C 15 24.42 -39.62 -16.51
C GLY C 15 24.83 -40.75 -15.59
N ASP C 16 24.17 -40.89 -14.44
CA ASP C 16 24.61 -41.73 -13.30
C ASP C 16 23.48 -42.65 -12.81
N GLU C 17 23.85 -43.78 -12.21
CA GLU C 17 22.98 -44.68 -11.41
C GLU C 17 21.76 -45.12 -12.24
N MET C 18 20.54 -44.94 -11.73
CA MET C 18 19.32 -45.59 -12.29
C MET C 18 18.94 -44.94 -13.62
N THR C 19 19.00 -43.60 -13.70
CA THR C 19 18.65 -42.81 -14.90
C THR C 19 19.56 -43.20 -16.07
N ARG C 20 20.83 -43.50 -15.79
CA ARG C 20 21.84 -43.95 -16.80
C ARG C 20 21.36 -45.23 -17.48
N ILE C 21 20.83 -46.18 -16.71
CA ILE C 21 20.32 -47.50 -17.20
C ILE C 21 19.12 -47.24 -18.13
N ILE C 22 18.17 -46.42 -17.67
CA ILE C 22 16.92 -46.04 -18.40
C ILE C 22 17.30 -45.26 -19.67
N TRP C 23 18.27 -44.35 -19.57
CA TRP C 23 18.76 -43.49 -20.68
C TRP C 23 19.21 -44.37 -21.86
N GLU C 24 19.96 -45.45 -21.57
CA GLU C 24 20.52 -46.39 -22.58
C GLU C 24 19.36 -47.17 -23.22
N LEU C 25 18.37 -47.59 -22.41
CA LEU C 25 17.17 -48.33 -22.88
C LEU C 25 16.35 -47.45 -23.84
N ILE C 26 16.18 -46.17 -23.50
CA ILE C 26 15.42 -45.18 -24.34
C ILE C 26 16.09 -45.09 -25.71
N LYS C 27 17.41 -44.89 -25.75
CA LYS C 27 18.21 -44.79 -27.01
C LYS C 27 18.05 -46.08 -27.83
N GLU C 28 18.21 -47.23 -27.18
CA GLU C 28 18.26 -48.57 -27.82
C GLU C 28 16.89 -48.95 -28.39
N LYS C 29 15.81 -48.69 -27.63
CA LYS C 29 14.47 -49.26 -27.90
C LYS C 29 13.55 -48.24 -28.60
N LEU C 30 13.65 -46.94 -28.26
CA LEU C 30 12.66 -45.90 -28.66
C LEU C 30 13.22 -44.97 -29.74
N ILE C 31 14.50 -44.61 -29.68
CA ILE C 31 15.11 -43.56 -30.56
C ILE C 31 15.81 -44.21 -31.76
N PHE C 32 16.93 -44.91 -31.53
CA PHE C 32 17.88 -45.38 -32.57
C PHE C 32 17.19 -46.24 -33.63
N PRO C 33 16.25 -47.14 -33.29
CA PRO C 33 15.58 -47.96 -34.30
C PRO C 33 14.82 -47.19 -35.39
N TYR C 34 14.48 -45.92 -35.14
CA TYR C 34 13.60 -45.10 -36.02
C TYR C 34 14.27 -43.79 -36.46
N VAL C 35 15.31 -43.33 -35.75
CA VAL C 35 15.96 -42.01 -36.01
C VAL C 35 17.48 -42.19 -36.08
N GLU C 36 18.09 -41.67 -37.15
CA GLU C 36 19.56 -41.55 -37.34
C GLU C 36 19.97 -40.12 -36.97
N LEU C 37 20.98 -39.96 -36.12
CA LEU C 37 21.43 -38.65 -35.57
C LEU C 37 22.92 -38.46 -35.82
N ASP C 38 23.32 -37.24 -36.20
CA ASP C 38 24.70 -36.73 -36.03
C ASP C 38 24.91 -36.48 -34.53
N LEU C 39 25.17 -37.55 -33.78
CA LEU C 39 25.11 -37.56 -32.29
C LEU C 39 26.45 -37.10 -31.71
N HIS C 40 26.43 -36.03 -30.90
CA HIS C 40 27.59 -35.52 -30.11
C HIS C 40 27.46 -36.01 -28.67
N SER C 41 27.95 -37.22 -28.38
CA SER C 41 27.83 -37.91 -27.07
C SER C 41 28.94 -37.44 -26.12
N TYR C 42 28.56 -37.07 -24.90
CA TYR C 42 29.48 -36.69 -23.77
C TYR C 42 29.05 -37.46 -22.52
N ASP C 43 29.99 -38.15 -21.88
CA ASP C 43 29.74 -38.97 -20.67
C ASP C 43 29.93 -38.08 -19.43
N LEU C 44 28.83 -37.59 -18.84
CA LEU C 44 28.84 -36.80 -17.59
C LEU C 44 28.61 -37.72 -16.39
N GLY C 45 28.88 -39.02 -16.53
CA GLY C 45 29.04 -39.97 -15.41
C GLY C 45 30.10 -39.49 -14.45
N ILE C 46 29.88 -39.68 -13.14
CA ILE C 46 30.73 -39.12 -12.04
C ILE C 46 32.19 -39.59 -12.23
N GLU C 47 32.39 -40.86 -12.61
CA GLU C 47 33.74 -41.47 -12.79
C GLU C 47 34.51 -40.75 -13.90
N ASN C 48 33.86 -40.48 -15.04
CA ASN C 48 34.50 -39.83 -16.22
C ASN C 48 34.75 -38.34 -15.92
N ARG C 49 33.82 -37.68 -15.23
CA ARG C 49 33.97 -36.26 -14.79
C ARG C 49 35.21 -36.14 -13.90
N ASP C 50 35.41 -37.10 -12.98
CA ASP C 50 36.58 -37.15 -12.07
C ASP C 50 37.85 -37.39 -12.90
N ALA C 51 37.79 -38.30 -13.87
CA ALA C 51 38.93 -38.72 -14.73
C ALA C 51 39.40 -37.54 -15.61
N THR C 52 38.47 -36.70 -16.09
CA THR C 52 38.74 -35.58 -17.02
C THR C 52 38.86 -34.26 -16.25
N ASN C 53 38.72 -34.28 -14.92
CA ASN C 53 38.71 -33.08 -14.03
C ASN C 53 37.58 -32.14 -14.48
N ASP C 54 36.42 -32.72 -14.82
CA ASP C 54 35.16 -32.00 -15.14
C ASP C 54 35.30 -31.24 -16.47
N GLN C 55 36.29 -31.60 -17.30
CA GLN C 55 36.53 -30.96 -18.62
C GLN C 55 35.43 -31.40 -19.60
N VAL C 56 34.96 -32.64 -19.46
CA VAL C 56 33.86 -33.22 -20.29
C VAL C 56 32.59 -32.37 -20.13
N THR C 57 32.32 -31.87 -18.93
CA THR C 57 31.13 -31.03 -18.58
C THR C 57 31.19 -29.69 -19.34
N LYS C 58 32.37 -29.08 -19.39
CA LYS C 58 32.60 -27.77 -20.07
C LYS C 58 32.49 -27.96 -21.59
N ASP C 59 33.06 -29.06 -22.12
CA ASP C 59 33.00 -29.43 -23.55
C ASP C 59 31.53 -29.65 -23.96
N ALA C 60 30.77 -30.34 -23.11
CA ALA C 60 29.33 -30.63 -23.31
C ALA C 60 28.56 -29.32 -23.47
N ALA C 61 28.84 -28.33 -22.61
CA ALA C 61 28.20 -26.99 -22.60
C ALA C 61 28.50 -26.27 -23.91
N GLU C 62 29.78 -26.22 -24.32
CA GLU C 62 30.24 -25.50 -25.54
C GLU C 62 29.62 -26.17 -26.78
N ALA C 63 29.41 -27.49 -26.73
CA ALA C 63 28.80 -28.30 -27.81
C ALA C 63 27.33 -27.90 -27.99
N ILE C 64 26.59 -27.74 -26.88
CA ILE C 64 25.16 -27.33 -26.87
C ILE C 64 25.06 -25.93 -27.51
N LYS C 65 25.97 -25.03 -27.15
CA LYS C 65 26.01 -23.63 -27.65
C LYS C 65 26.22 -23.64 -29.17
N LYS C 66 26.98 -24.60 -29.69
CA LYS C 66 27.33 -24.72 -31.14
C LYS C 66 26.16 -25.33 -31.92
N HIS C 67 25.58 -26.42 -31.43
CA HIS C 67 24.64 -27.31 -32.17
C HIS C 67 23.17 -27.05 -31.77
N ASN C 68 22.93 -26.31 -30.69
CA ASN C 68 21.62 -25.66 -30.36
C ASN C 68 20.69 -26.61 -29.59
N VAL C 69 20.90 -27.94 -29.66
CA VAL C 69 19.99 -28.95 -29.04
C VAL C 69 20.80 -29.83 -28.10
N GLY C 70 20.44 -29.85 -26.81
CA GLY C 70 21.02 -30.73 -25.77
C GLY C 70 19.96 -31.58 -25.10
N VAL C 71 20.26 -32.86 -24.88
CA VAL C 71 19.43 -33.80 -24.06
C VAL C 71 20.34 -34.44 -23.01
N LYS C 72 20.00 -34.29 -21.73
CA LYS C 72 20.89 -34.64 -20.59
C LYS C 72 20.20 -35.65 -19.66
N CYS C 73 20.89 -36.75 -19.35
CA CYS C 73 20.55 -37.73 -18.28
C CYS C 73 20.91 -37.10 -16.92
N ALA C 74 20.14 -37.43 -15.87
CA ALA C 74 20.37 -36.94 -14.49
C ALA C 74 21.77 -37.37 -14.03
N THR C 75 22.47 -36.48 -13.32
CA THR C 75 23.88 -36.66 -12.86
C THR C 75 23.96 -36.50 -11.34
N ILE C 76 24.93 -37.17 -10.70
CA ILE C 76 25.26 -37.02 -9.26
C ILE C 76 25.94 -35.66 -9.05
N THR C 77 25.42 -34.85 -8.12
CA THR C 77 26.08 -33.62 -7.59
C THR C 77 26.87 -34.03 -6.35
N PRO C 78 28.22 -34.01 -6.40
CA PRO C 78 29.04 -34.43 -5.27
C PRO C 78 28.77 -33.67 -3.96
N ASP C 79 28.55 -34.41 -2.87
CA ASP C 79 28.61 -33.94 -1.46
C ASP C 79 29.77 -34.67 -0.78
N GLU C 80 29.93 -34.51 0.54
CA GLU C 80 31.03 -35.15 1.33
C GLU C 80 30.94 -36.67 1.19
N LYS C 81 29.72 -37.24 1.27
CA LYS C 81 29.47 -38.70 1.23
C LYS C 81 29.91 -39.26 -0.13
N ARG C 82 29.62 -38.53 -1.22
CA ARG C 82 29.94 -38.94 -2.63
C ARG C 82 31.46 -38.94 -2.84
N VAL C 83 32.18 -37.96 -2.27
CA VAL C 83 33.67 -37.84 -2.37
C VAL C 83 34.30 -39.13 -1.81
N GLU C 84 33.81 -39.63 -0.67
CA GLU C 84 34.32 -40.85 0.00
C GLU C 84 33.92 -42.09 -0.80
N GLU C 85 32.73 -42.10 -1.42
CA GLU C 85 32.17 -43.26 -2.16
C GLU C 85 33.01 -43.56 -3.41
N PHE C 86 33.37 -42.52 -4.18
CA PHE C 86 34.04 -42.61 -5.50
C PHE C 86 35.51 -42.19 -5.40
N LYS C 87 35.98 -41.79 -4.22
CA LYS C 87 37.37 -41.33 -3.95
C LYS C 87 37.69 -40.17 -4.90
N LEU C 88 36.79 -39.17 -4.97
CA LEU C 88 36.85 -38.03 -5.92
C LEU C 88 38.06 -37.15 -5.59
N LYS C 89 38.70 -36.59 -6.62
CA LYS C 89 39.85 -35.65 -6.50
C LYS C 89 39.39 -34.37 -5.81
N GLN C 90 38.23 -33.85 -6.21
CA GLN C 90 37.60 -32.62 -5.65
C GLN C 90 36.08 -32.83 -5.57
N MET C 91 35.40 -32.02 -4.75
CA MET C 91 33.91 -31.96 -4.69
C MET C 91 33.43 -31.11 -5.87
N TRP C 92 33.28 -31.74 -7.04
CA TRP C 92 32.97 -31.07 -8.32
C TRP C 92 31.63 -30.34 -8.23
N LYS C 93 31.53 -29.16 -8.85
CA LYS C 93 30.28 -28.35 -8.94
C LYS C 93 29.24 -29.13 -9.75
N SER C 94 27.95 -28.91 -9.46
CA SER C 94 26.79 -29.47 -10.19
C SER C 94 26.96 -29.25 -11.69
N PRO C 95 26.97 -30.32 -12.53
CA PRO C 95 27.03 -30.19 -13.98
C PRO C 95 25.96 -29.25 -14.56
N ASN C 96 24.74 -29.30 -14.00
CA ASN C 96 23.59 -28.44 -14.38
C ASN C 96 23.99 -26.97 -14.19
N GLY C 97 24.62 -26.65 -13.05
CA GLY C 97 25.10 -25.29 -12.70
C GLY C 97 26.09 -24.77 -13.72
N THR C 98 27.09 -25.58 -14.06
CA THR C 98 28.17 -25.27 -15.04
C THR C 98 27.54 -24.97 -16.41
N ILE C 99 26.59 -25.79 -16.85
CA ILE C 99 25.90 -25.70 -18.17
C ILE C 99 25.03 -24.43 -18.19
N ARG C 100 24.24 -24.20 -17.13
CA ARG C 100 23.34 -23.02 -16.99
C ARG C 100 24.19 -21.74 -17.01
N ASN C 101 25.33 -21.75 -16.32
CA ASN C 101 26.25 -20.58 -16.21
C ASN C 101 26.80 -20.21 -17.60
N ILE C 102 27.05 -21.21 -18.45
CA ILE C 102 27.67 -21.02 -19.80
C ILE C 102 26.59 -20.64 -20.82
N LEU C 103 25.45 -21.35 -20.83
CA LEU C 103 24.37 -21.15 -21.83
C LEU C 103 23.48 -19.96 -21.43
N GLY C 104 23.19 -19.84 -20.14
CA GLY C 104 22.19 -18.87 -19.61
C GLY C 104 20.78 -19.30 -19.96
N GLY C 105 19.82 -18.37 -19.87
CA GLY C 105 18.40 -18.60 -20.22
C GLY C 105 17.56 -18.95 -19.00
N THR C 106 16.28 -19.25 -19.24
CA THR C 106 15.25 -19.54 -18.22
C THR C 106 14.87 -21.03 -18.26
N VAL C 107 14.78 -21.68 -17.10
CA VAL C 107 14.34 -23.09 -16.94
C VAL C 107 12.81 -23.10 -16.89
N PHE C 108 12.17 -23.94 -17.70
CA PHE C 108 10.69 -24.14 -17.75
C PHE C 108 10.37 -25.60 -17.41
N ARG C 109 9.50 -25.81 -16.42
CA ARG C 109 9.03 -27.14 -15.98
C ARG C 109 7.63 -27.39 -16.53
N GLU C 110 7.37 -28.62 -17.01
CA GLU C 110 6.09 -29.04 -17.62
C GLU C 110 5.79 -30.48 -17.15
N ALA C 111 4.64 -30.66 -16.49
CA ALA C 111 4.13 -31.98 -16.06
C ALA C 111 3.49 -32.68 -17.27
N ILE C 112 3.61 -34.01 -17.33
CA ILE C 112 2.90 -34.86 -18.32
C ILE C 112 1.58 -35.29 -17.68
N ILE C 113 0.45 -35.02 -18.35
CA ILE C 113 -0.93 -35.25 -17.84
C ILE C 113 -1.51 -36.49 -18.54
N CYS C 114 -1.97 -37.46 -17.75
CA CYS C 114 -2.77 -38.63 -18.19
C CYS C 114 -4.14 -38.55 -17.52
N LYS C 115 -5.20 -38.91 -18.25
CA LYS C 115 -6.61 -38.69 -17.84
C LYS C 115 -6.99 -39.66 -16.71
N ASN C 116 -6.32 -40.80 -16.61
CA ASN C 116 -6.59 -41.84 -15.57
C ASN C 116 -5.67 -41.63 -14.36
N ILE C 117 -4.81 -40.62 -14.37
CA ILE C 117 -3.89 -40.26 -13.25
C ILE C 117 -4.39 -38.98 -12.60
N PRO C 118 -4.75 -38.99 -11.29
CA PRO C 118 -5.23 -37.80 -10.59
C PRO C 118 -4.28 -36.60 -10.67
N ARG C 119 -4.85 -35.40 -10.51
CA ARG C 119 -4.12 -34.10 -10.49
C ARG C 119 -4.45 -33.38 -9.18
N LEU C 120 -3.52 -32.55 -8.70
CA LEU C 120 -3.69 -31.66 -7.52
C LEU C 120 -5.04 -30.94 -7.64
N VAL C 121 -5.31 -30.35 -8.81
CA VAL C 121 -6.60 -29.71 -9.20
C VAL C 121 -7.18 -30.54 -10.34
N SER C 122 -8.36 -31.16 -10.13
CA SER C 122 -9.03 -32.06 -11.09
C SER C 122 -9.40 -31.31 -12.38
N GLY C 123 -9.63 -29.99 -12.27
CA GLY C 123 -9.95 -29.09 -13.41
C GLY C 123 -8.82 -29.04 -14.42
N TRP C 124 -7.57 -29.17 -13.98
CA TRP C 124 -6.35 -29.15 -14.83
C TRP C 124 -6.34 -30.39 -15.73
N VAL C 125 -6.72 -30.23 -17.00
CA VAL C 125 -6.76 -31.32 -18.02
C VAL C 125 -5.64 -31.11 -19.05
N LYS C 126 -5.00 -29.93 -19.07
CA LYS C 126 -3.81 -29.63 -19.90
C LYS C 126 -2.67 -29.17 -18.99
N PRO C 127 -1.39 -29.38 -19.38
CA PRO C 127 -0.25 -28.95 -18.57
C PRO C 127 -0.19 -27.43 -18.34
N ILE C 128 0.41 -27.03 -17.21
CA ILE C 128 0.82 -25.62 -16.92
C ILE C 128 2.35 -25.59 -16.90
N ILE C 129 2.96 -24.69 -17.68
CA ILE C 129 4.44 -24.55 -17.79
C ILE C 129 4.89 -23.40 -16.90
N ILE C 130 5.68 -23.71 -15.86
CA ILE C 130 6.21 -22.75 -14.86
C ILE C 130 7.64 -22.36 -15.24
N GLY C 131 7.90 -21.06 -15.40
CA GLY C 131 9.24 -20.49 -15.63
C GLY C 131 9.67 -19.61 -14.47
N HIS C 132 10.75 -19.97 -13.78
CA HIS C 132 11.33 -19.23 -12.63
C HIS C 132 12.52 -18.39 -13.12
N HIS C 133 12.71 -17.21 -12.53
CA HIS C 133 13.89 -16.33 -12.75
C HIS C 133 15.02 -16.75 -11.80
N ALA C 134 16.28 -16.65 -12.24
CA ALA C 134 17.49 -17.04 -11.48
C ALA C 134 18.64 -16.08 -11.83
N ALA C 141 22.18 -12.73 -3.09
CA ALA C 141 21.72 -11.74 -2.09
C ALA C 141 22.72 -11.63 -0.94
N THR C 142 22.85 -10.43 -0.35
CA THR C 142 23.82 -10.09 0.72
C THR C 142 23.07 -9.87 2.04
N ASP C 143 23.07 -10.87 2.93
CA ASP C 143 22.41 -10.82 4.26
C ASP C 143 23.48 -10.77 5.36
N PHE C 144 23.15 -10.15 6.50
CA PHE C 144 24.06 -10.00 7.67
C PHE C 144 23.22 -9.82 8.95
N VAL C 145 23.87 -10.04 10.10
CA VAL C 145 23.28 -9.84 11.46
C VAL C 145 23.51 -8.38 11.88
N VAL C 146 22.45 -7.71 12.34
CA VAL C 146 22.51 -6.37 12.99
C VAL C 146 22.73 -6.59 14.48
N PRO C 147 23.95 -6.31 15.01
CA PRO C 147 24.31 -6.73 16.37
C PRO C 147 23.54 -5.96 17.46
N GLY C 148 23.25 -4.68 17.24
CA GLY C 148 22.52 -3.82 18.19
C GLY C 148 21.93 -2.60 17.51
N PRO C 149 21.37 -1.64 18.28
CA PRO C 149 20.75 -0.43 17.72
C PRO C 149 21.64 0.33 16.73
N GLY C 150 21.01 1.04 15.80
CA GLY C 150 21.68 1.80 14.72
C GLY C 150 20.80 1.91 13.48
N LYS C 151 21.29 2.60 12.45
CA LYS C 151 20.55 2.85 11.19
C LYS C 151 21.14 1.97 10.07
N VAL C 152 20.31 1.14 9.44
CA VAL C 152 20.65 0.34 8.23
C VAL C 152 20.13 1.09 6.99
N GLU C 153 21.02 1.41 6.06
CA GLU C 153 20.73 2.17 4.81
C GLU C 153 21.27 1.40 3.61
N ILE C 154 20.64 1.58 2.45
CA ILE C 154 21.10 1.03 1.13
C ILE C 154 21.41 2.21 0.22
N THR C 155 22.61 2.24 -0.37
CA THR C 155 23.20 3.41 -1.07
C THR C 155 23.61 3.02 -2.50
N TYR C 156 23.33 3.90 -3.46
CA TYR C 156 23.73 3.77 -4.89
C TYR C 156 24.72 4.88 -5.23
N THR C 157 25.97 4.53 -5.53
CA THR C 157 27.06 5.46 -5.97
C THR C 157 27.28 5.29 -7.47
N PRO C 158 26.80 6.22 -8.32
CA PRO C 158 27.02 6.14 -9.77
C PRO C 158 28.50 6.10 -10.15
N SER C 159 28.85 5.30 -11.18
CA SER C 159 30.22 5.14 -11.73
C SER C 159 30.68 6.45 -12.40
N ASP C 160 29.75 7.30 -12.84
CA ASP C 160 30.05 8.56 -13.59
C ASP C 160 30.41 9.69 -12.61
N GLY C 161 30.30 9.44 -11.30
CA GLY C 161 30.74 10.39 -10.25
C GLY C 161 29.68 11.43 -9.92
N THR C 162 28.43 11.25 -10.38
CA THR C 162 27.27 12.11 -10.05
C THR C 162 26.85 11.85 -8.60
N GLN C 163 25.85 12.57 -8.09
CA GLN C 163 25.44 12.57 -6.66
C GLN C 163 25.11 11.14 -6.20
N LYS C 164 25.59 10.78 -5.00
CA LYS C 164 25.31 9.48 -4.31
C LYS C 164 23.90 9.55 -3.72
N VAL C 165 23.12 8.47 -3.85
CA VAL C 165 21.71 8.37 -3.35
C VAL C 165 21.68 7.37 -2.19
N THR C 166 21.02 7.74 -1.08
CA THR C 166 20.89 6.92 0.16
C THR C 166 19.40 6.74 0.49
N TYR C 167 18.99 5.50 0.81
CA TYR C 167 17.63 5.14 1.25
C TYR C 167 17.71 4.49 2.64
N LEU C 168 16.81 4.89 3.54
CA LEU C 168 16.65 4.28 4.89
C LEU C 168 15.90 2.95 4.74
N VAL C 169 16.50 1.86 5.21
CA VAL C 169 15.88 0.50 5.26
C VAL C 169 15.10 0.40 6.57
N HIS C 170 15.77 0.58 7.71
CA HIS C 170 15.17 0.58 9.06
C HIS C 170 16.15 1.18 10.08
N ASN C 171 15.61 1.97 11.02
CA ASN C 171 16.34 2.50 12.21
C ASN C 171 16.02 1.59 13.40
N PHE C 172 16.98 0.76 13.81
CA PHE C 172 16.89 -0.15 14.98
C PHE C 172 17.09 0.69 16.25
N GLU C 173 16.01 0.90 17.00
CA GLU C 173 15.97 1.75 18.22
C GLU C 173 16.10 0.87 19.47
N GLU C 174 15.45 -0.30 19.49
CA GLU C 174 15.13 -1.07 20.72
C GLU C 174 16.03 -2.30 20.89
N GLY C 175 16.59 -2.85 19.81
CA GLY C 175 17.49 -4.01 19.88
C GLY C 175 18.26 -4.21 18.59
N GLY C 176 18.63 -5.46 18.26
CA GLY C 176 19.26 -5.84 16.99
C GLY C 176 18.30 -6.58 16.08
N GLY C 177 18.83 -7.40 15.17
CA GLY C 177 18.05 -8.20 14.20
C GLY C 177 18.88 -8.61 13.00
N VAL C 178 18.26 -8.66 11.82
CA VAL C 178 18.91 -9.04 10.54
C VAL C 178 18.43 -8.08 9.44
N ALA C 179 19.25 -7.91 8.40
CA ALA C 179 18.96 -7.11 7.20
C ALA C 179 19.67 -7.75 5.99
N MET C 180 19.16 -7.52 4.78
CA MET C 180 19.76 -8.04 3.53
C MET C 180 19.49 -7.07 2.38
N GLY C 181 20.38 -7.05 1.39
CA GLY C 181 20.21 -6.35 0.11
C GLY C 181 20.10 -7.33 -1.04
N MET C 182 19.09 -7.14 -1.90
CA MET C 182 18.88 -7.93 -3.15
C MET C 182 19.00 -6.97 -4.35
N TYR C 183 19.27 -7.51 -5.53
CA TYR C 183 19.39 -6.75 -6.80
C TYR C 183 18.94 -7.61 -7.97
N ASN C 184 18.85 -6.99 -9.14
CA ASN C 184 18.53 -7.65 -10.43
C ASN C 184 18.92 -6.71 -11.57
N GLN C 185 19.71 -7.20 -12.53
CA GLN C 185 20.17 -6.41 -13.71
C GLN C 185 19.08 -6.43 -14.78
N ASP C 186 19.00 -5.36 -15.57
CA ASP C 186 18.02 -5.20 -16.68
C ASP C 186 18.18 -6.35 -17.68
N LYS C 187 19.43 -6.67 -18.05
CA LYS C 187 19.76 -7.72 -19.05
C LYS C 187 19.11 -9.04 -18.64
N SER C 188 19.21 -9.39 -17.35
CA SER C 188 18.63 -10.63 -16.76
C SER C 188 17.11 -10.65 -16.97
N ILE C 189 16.43 -9.53 -16.73
CA ILE C 189 14.94 -9.40 -16.84
C ILE C 189 14.55 -9.50 -18.33
N GLU C 190 15.34 -8.86 -19.20
CA GLU C 190 15.14 -8.88 -20.68
C GLU C 190 15.22 -10.32 -21.18
N ASP C 191 16.26 -11.04 -20.78
CA ASP C 191 16.51 -12.47 -21.14
C ASP C 191 15.33 -13.33 -20.67
N PHE C 192 14.84 -13.10 -19.44
CA PHE C 192 13.71 -13.82 -18.82
C PHE C 192 12.44 -13.60 -19.65
N ALA C 193 12.21 -12.36 -20.10
CA ALA C 193 11.06 -11.95 -20.92
C ALA C 193 11.12 -12.66 -22.28
N HIS C 194 12.22 -12.46 -23.03
CA HIS C 194 12.45 -13.07 -24.37
C HIS C 194 12.16 -14.57 -24.32
N SER C 195 12.86 -15.29 -23.42
CA SER C 195 12.70 -16.75 -23.20
C SER C 195 11.22 -17.10 -23.01
N SER C 196 10.49 -16.32 -22.20
CA SER C 196 9.07 -16.55 -21.84
C SER C 196 8.16 -16.37 -23.07
N PHE C 197 8.45 -15.37 -23.91
CA PHE C 197 7.68 -15.07 -25.15
C PHE C 197 7.96 -16.14 -26.20
N GLN C 198 9.24 -16.54 -26.34
CA GLN C 198 9.68 -17.62 -27.26
C GLN C 198 8.94 -18.91 -26.91
N MET C 199 8.90 -19.28 -25.63
CA MET C 199 8.24 -20.52 -25.11
C MET C 199 6.75 -20.49 -25.45
N ALA C 200 6.08 -19.35 -25.26
CA ALA C 200 4.64 -19.14 -25.49
C ALA C 200 4.30 -19.39 -26.96
N LEU C 201 5.08 -18.79 -27.88
CA LEU C 201 4.90 -18.92 -29.35
C LEU C 201 5.21 -20.35 -29.79
N SER C 202 6.28 -20.94 -29.24
CA SER C 202 6.74 -22.33 -29.51
C SER C 202 5.62 -23.33 -29.20
N LYS C 203 4.89 -23.13 -28.10
CA LYS C 203 3.81 -24.04 -27.62
C LYS C 203 2.45 -23.61 -28.16
N GLY C 204 2.32 -22.35 -28.61
CA GLY C 204 1.06 -21.77 -29.11
C GLY C 204 0.06 -21.54 -27.99
N TRP C 205 0.54 -21.27 -26.77
CA TRP C 205 -0.27 -21.01 -25.56
C TRP C 205 -0.07 -19.58 -25.09
N PRO C 206 -1.05 -18.98 -24.37
CA PRO C 206 -0.89 -17.64 -23.80
C PRO C 206 0.13 -17.63 -22.64
N LEU C 207 0.73 -16.47 -22.38
CA LEU C 207 1.76 -16.25 -21.33
C LEU C 207 1.17 -15.37 -20.23
N TYR C 208 1.56 -15.59 -18.97
CA TYR C 208 1.26 -14.73 -17.81
C TYR C 208 2.54 -14.51 -16.99
N LEU C 209 2.83 -13.26 -16.64
CA LEU C 209 3.84 -12.88 -15.63
C LEU C 209 3.10 -12.53 -14.33
N SER C 210 3.52 -13.13 -13.21
CA SER C 210 3.04 -12.81 -11.84
C SER C 210 4.15 -12.05 -11.09
N THR C 211 3.78 -10.94 -10.44
CA THR C 211 4.66 -10.14 -9.54
C THR C 211 3.84 -9.66 -8.34
N LYS C 212 4.49 -8.89 -7.46
CA LYS C 212 3.87 -8.22 -6.28
C LYS C 212 4.15 -6.72 -6.40
N ASN C 213 3.79 -6.13 -7.54
CA ASN C 213 4.13 -4.73 -7.92
C ASN C 213 3.28 -3.72 -7.12
N THR C 214 2.22 -4.18 -6.46
CA THR C 214 1.41 -3.37 -5.52
C THR C 214 2.26 -2.99 -4.30
N ILE C 215 3.10 -3.91 -3.84
CA ILE C 215 3.97 -3.75 -2.63
C ILE C 215 5.36 -3.28 -3.07
N LEU C 216 6.02 -4.02 -3.97
CA LEU C 216 7.35 -3.68 -4.55
C LEU C 216 7.16 -2.90 -5.85
N LYS C 217 6.71 -1.65 -5.74
CA LYS C 217 6.25 -0.80 -6.87
C LYS C 217 7.39 -0.54 -7.85
N LYS C 218 8.64 -0.45 -7.36
CA LYS C 218 9.85 -0.15 -8.19
C LYS C 218 10.47 -1.46 -8.68
N TYR C 219 10.78 -2.38 -7.76
CA TYR C 219 11.52 -3.65 -8.02
C TYR C 219 10.72 -4.53 -8.97
N ASP C 220 9.50 -4.90 -8.59
CA ASP C 220 8.59 -5.78 -9.39
C ASP C 220 7.99 -4.97 -10.54
N GLY C 221 7.82 -3.65 -10.35
CA GLY C 221 7.38 -2.73 -11.41
C GLY C 221 8.28 -2.81 -12.63
N ARG C 222 9.59 -2.92 -12.42
CA ARG C 222 10.62 -3.01 -13.48
C ARG C 222 10.37 -4.25 -14.35
N PHE C 223 10.04 -5.39 -13.72
CA PHE C 223 9.72 -6.67 -14.41
C PHE C 223 8.52 -6.46 -15.34
N LYS C 224 7.41 -5.95 -14.79
CA LYS C 224 6.15 -5.69 -15.54
C LYS C 224 6.43 -4.79 -16.75
N ASP C 225 7.18 -3.71 -16.55
CA ASP C 225 7.50 -2.69 -17.59
C ASP C 225 8.30 -3.34 -18.72
N ILE C 226 9.44 -3.96 -18.39
CA ILE C 226 10.39 -4.56 -19.37
C ILE C 226 9.65 -5.62 -20.20
N PHE C 227 8.82 -6.45 -19.57
CA PHE C 227 8.00 -7.49 -20.25
C PHE C 227 7.05 -6.82 -21.26
N GLN C 228 6.31 -5.80 -20.82
CA GLN C 228 5.30 -5.06 -21.64
C GLN C 228 6.00 -4.39 -22.83
N GLU C 229 7.12 -3.70 -22.58
CA GLU C 229 7.94 -3.01 -23.62
C GLU C 229 8.32 -4.02 -24.71
N ILE C 230 8.97 -5.12 -24.33
CA ILE C 230 9.50 -6.16 -25.26
C ILE C 230 8.32 -6.82 -26.01
N TYR C 231 7.19 -7.06 -25.33
CA TYR C 231 5.97 -7.66 -25.91
C TYR C 231 5.44 -6.78 -27.06
N ASP C 232 5.14 -5.51 -26.73
CA ASP C 232 4.52 -4.53 -27.66
C ASP C 232 5.39 -4.35 -28.90
N LYS C 233 6.72 -4.25 -28.73
CA LYS C 233 7.65 -3.83 -29.80
C LYS C 233 8.07 -5.02 -30.67
N GLN C 234 8.09 -6.26 -30.14
CA GLN C 234 8.74 -7.41 -30.83
C GLN C 234 7.77 -8.59 -31.05
N TYR C 235 6.82 -8.85 -30.13
CA TYR C 235 6.10 -10.16 -30.06
C TYR C 235 4.59 -10.00 -30.29
N LYS C 236 3.97 -8.87 -29.94
CA LYS C 236 2.49 -8.72 -29.84
C LYS C 236 1.80 -9.19 -31.14
N SER C 237 2.33 -8.80 -32.31
CA SER C 237 1.77 -9.14 -33.65
C SER C 237 1.79 -10.65 -33.86
N GLN C 238 2.90 -11.31 -33.49
CA GLN C 238 3.12 -12.78 -33.69
CA GLN C 238 3.12 -12.78 -33.69
C GLN C 238 2.17 -13.57 -32.79
N PHE C 239 1.87 -13.06 -31.60
CA PHE C 239 0.91 -13.66 -30.62
C PHE C 239 -0.51 -13.61 -31.21
N GLU C 240 -0.93 -12.45 -31.70
CA GLU C 240 -2.27 -12.20 -32.30
C GLU C 240 -2.46 -13.10 -33.53
N ALA C 241 -1.37 -13.44 -34.23
CA ALA C 241 -1.35 -14.35 -35.40
C ALA C 241 -1.76 -15.78 -35.00
N GLN C 242 -1.42 -16.21 -33.77
CA GLN C 242 -1.70 -17.57 -33.25
C GLN C 242 -2.87 -17.55 -32.26
N LYS C 243 -3.61 -16.43 -32.19
CA LYS C 243 -4.84 -16.25 -31.37
C LYS C 243 -4.50 -16.38 -29.87
N ILE C 244 -3.28 -16.01 -29.47
CA ILE C 244 -2.81 -16.04 -28.05
C ILE C 244 -2.44 -14.61 -27.63
N TRP C 245 -2.10 -14.43 -26.34
CA TRP C 245 -1.90 -13.10 -25.70
C TRP C 245 -0.92 -13.22 -24.53
N TYR C 246 -0.34 -12.08 -24.10
CA TYR C 246 0.41 -11.93 -22.84
C TYR C 246 -0.29 -10.90 -21.95
N GLU C 247 -0.39 -11.19 -20.65
CA GLU C 247 -0.94 -10.27 -19.61
C GLU C 247 -0.15 -10.44 -18.31
N HIS C 248 0.10 -9.33 -17.61
CA HIS C 248 0.62 -9.30 -16.22
C HIS C 248 -0.53 -9.58 -15.25
N ARG C 249 -0.23 -10.27 -14.15
CA ARG C 249 -1.19 -10.55 -13.04
C ARG C 249 -0.46 -10.35 -11.70
N LEU C 250 -1.20 -9.92 -10.67
CA LEU C 250 -0.74 -9.95 -9.26
C LEU C 250 -0.77 -11.41 -8.80
N ILE C 251 0.31 -11.89 -8.16
CA ILE C 251 0.47 -13.31 -7.73
C ILE C 251 -0.80 -13.78 -7.01
N ASP C 252 -1.40 -12.92 -6.18
CA ASP C 252 -2.65 -13.19 -5.41
C ASP C 252 -3.76 -13.61 -6.37
N ASP C 253 -3.99 -12.82 -7.42
CA ASP C 253 -5.04 -13.06 -8.44
C ASP C 253 -4.65 -14.29 -9.29
N MET C 254 -3.36 -14.41 -9.66
CA MET C 254 -2.85 -15.44 -10.59
C MET C 254 -3.09 -16.84 -10.02
N VAL C 255 -2.84 -17.03 -8.71
CA VAL C 255 -3.03 -18.34 -8.02
C VAL C 255 -4.50 -18.76 -8.14
N ALA C 256 -5.43 -17.84 -7.84
CA ALA C 256 -6.89 -18.06 -7.92
C ALA C 256 -7.29 -18.40 -9.36
N GLN C 257 -6.88 -17.56 -10.32
CA GLN C 257 -7.16 -17.72 -11.77
C GLN C 257 -6.62 -19.08 -12.24
N ALA C 258 -5.36 -19.38 -11.93
CA ALA C 258 -4.65 -20.62 -12.32
C ALA C 258 -5.45 -21.85 -11.86
N MET C 259 -5.98 -21.83 -10.65
CA MET C 259 -6.66 -22.99 -10.01
C MET C 259 -8.08 -23.15 -10.57
N LYS C 260 -8.72 -22.04 -10.98
CA LYS C 260 -10.08 -22.04 -11.60
C LYS C 260 -9.96 -22.38 -13.09
N SER C 261 -8.75 -22.26 -13.66
CA SER C 261 -8.41 -22.55 -15.07
C SER C 261 -8.36 -24.06 -15.31
N GLU C 262 -8.24 -24.47 -16.59
CA GLU C 262 -8.13 -25.90 -17.02
C GLU C 262 -6.70 -26.17 -17.51
N GLY C 263 -5.77 -25.26 -17.23
CA GLY C 263 -4.35 -25.36 -17.64
C GLY C 263 -4.14 -24.92 -19.08
N GLY C 264 -3.00 -25.26 -19.67
CA GLY C 264 -2.64 -24.94 -21.06
C GLY C 264 -2.23 -23.49 -21.22
N PHE C 265 -1.30 -23.01 -20.39
CA PHE C 265 -0.73 -21.64 -20.45
C PHE C 265 0.68 -21.64 -19.84
N ILE C 266 1.49 -20.66 -20.23
CA ILE C 266 2.86 -20.41 -19.68
C ILE C 266 2.70 -19.45 -18.49
N TRP C 267 3.42 -19.73 -17.39
CA TRP C 267 3.40 -18.94 -16.14
C TRP C 267 4.82 -18.52 -15.78
N ALA C 268 5.18 -17.27 -16.06
CA ALA C 268 6.44 -16.63 -15.63
C ALA C 268 6.28 -16.16 -14.19
N CYS C 269 7.16 -16.66 -13.31
CA CYS C 269 7.03 -16.47 -11.88
C CYS C 269 8.21 -15.68 -11.32
N LYS C 270 7.93 -14.48 -10.81
CA LYS C 270 8.97 -13.69 -10.17
C LYS C 270 8.98 -14.04 -8.67
N ASN C 271 9.96 -14.84 -8.24
CA ASN C 271 10.16 -15.27 -6.82
C ASN C 271 11.40 -14.56 -6.27
N VAL C 276 12.74 -25.59 -8.04
CA VAL C 276 13.03 -25.20 -6.62
C VAL C 276 11.74 -25.38 -5.79
N GLN C 277 10.69 -24.65 -6.18
CA GLN C 277 9.34 -24.71 -5.55
C GLN C 277 8.49 -25.75 -6.29
N SER C 278 8.64 -25.84 -7.62
CA SER C 278 7.89 -26.77 -8.51
C SER C 278 8.29 -28.22 -8.22
N ASP C 279 9.58 -28.47 -7.94
CA ASP C 279 10.15 -29.83 -7.70
C ASP C 279 9.56 -30.41 -6.41
N SER C 280 9.58 -29.62 -5.33
CA SER C 280 9.12 -30.00 -3.97
C SER C 280 7.68 -30.51 -4.03
N VAL C 281 6.82 -29.81 -4.79
CA VAL C 281 5.37 -30.14 -4.94
C VAL C 281 5.25 -31.50 -5.67
N ALA C 282 6.07 -31.72 -6.70
CA ALA C 282 6.13 -32.96 -7.50
C ALA C 282 6.60 -34.12 -6.60
N GLN C 283 7.61 -33.88 -5.76
CA GLN C 283 8.16 -34.87 -4.80
C GLN C 283 7.05 -35.24 -3.79
N GLY C 284 6.37 -34.22 -3.26
CA GLY C 284 5.26 -34.38 -2.30
C GLY C 284 4.11 -35.18 -2.87
N TYR C 285 3.77 -34.95 -4.14
CA TYR C 285 2.64 -35.60 -4.85
C TYR C 285 3.07 -36.98 -5.38
N GLY C 286 4.38 -37.22 -5.47
CA GLY C 286 4.96 -38.49 -5.97
C GLY C 286 4.85 -38.61 -7.47
N SER C 287 5.10 -37.51 -8.20
CA SER C 287 4.95 -37.37 -9.67
C SER C 287 6.20 -36.73 -10.27
N LEU C 288 7.36 -36.91 -9.63
CA LEU C 288 8.68 -36.41 -10.13
C LEU C 288 9.00 -37.08 -11.48
N GLY C 289 8.62 -38.35 -11.63
CA GLY C 289 8.84 -39.14 -12.86
C GLY C 289 7.98 -38.67 -14.02
N MET C 290 7.14 -37.65 -13.84
CA MET C 290 6.19 -37.14 -14.87
C MET C 290 6.38 -35.63 -15.07
N MET C 291 7.57 -35.10 -14.76
CA MET C 291 7.91 -33.66 -14.95
C MET C 291 9.24 -33.52 -15.69
N THR C 292 9.25 -32.73 -16.77
CA THR C 292 10.47 -32.37 -17.56
C THR C 292 10.91 -30.95 -17.21
N SER C 293 12.18 -30.64 -17.49
CA SER C 293 12.84 -29.34 -17.19
C SER C 293 13.67 -28.91 -18.40
N VAL C 294 13.17 -27.96 -19.19
CA VAL C 294 13.84 -27.46 -20.43
C VAL C 294 14.42 -26.07 -20.15
N LEU C 295 15.73 -25.90 -20.37
CA LEU C 295 16.43 -24.58 -20.32
C LEU C 295 16.32 -23.92 -21.69
N VAL C 296 15.58 -22.81 -21.78
CA VAL C 296 15.30 -22.06 -23.05
C VAL C 296 16.13 -20.77 -23.05
N CYS C 297 17.16 -20.71 -23.90
CA CYS C 297 18.02 -19.51 -24.10
C CYS C 297 17.21 -18.44 -24.82
N PRO C 298 17.48 -17.14 -24.58
CA PRO C 298 16.68 -16.07 -25.15
C PRO C 298 16.90 -15.81 -26.65
N ASP C 299 17.93 -16.41 -27.25
CA ASP C 299 18.27 -16.29 -28.70
C ASP C 299 17.22 -17.03 -29.55
N GLY C 300 16.50 -18.00 -28.95
CA GLY C 300 15.40 -18.73 -29.60
C GLY C 300 15.87 -19.98 -30.33
N LYS C 301 17.19 -20.19 -30.40
CA LYS C 301 17.80 -21.35 -31.09
C LYS C 301 18.20 -22.43 -30.09
N THR C 302 18.90 -22.05 -29.01
CA THR C 302 19.56 -22.99 -28.06
C THR C 302 18.54 -23.47 -27.01
N VAL C 303 18.55 -24.79 -26.73
CA VAL C 303 17.63 -25.48 -25.79
C VAL C 303 18.38 -26.66 -25.16
N GLU C 304 18.22 -26.88 -23.86
CA GLU C 304 18.76 -28.06 -23.13
C GLU C 304 17.63 -28.71 -22.33
N ALA C 305 17.22 -29.92 -22.74
CA ALA C 305 16.06 -30.67 -22.18
C ALA C 305 16.58 -31.79 -21.25
N GLU C 306 15.87 -32.01 -20.15
CA GLU C 306 16.18 -33.07 -19.15
C GLU C 306 14.97 -33.29 -18.24
N ALA C 307 14.98 -34.41 -17.50
CA ALA C 307 13.99 -34.72 -16.44
C ALA C 307 14.21 -33.74 -15.28
N ALA C 308 13.14 -33.42 -14.55
CA ALA C 308 13.16 -32.52 -13.36
C ALA C 308 13.71 -33.29 -12.15
N HIS C 309 13.68 -34.62 -12.19
CA HIS C 309 14.13 -35.52 -11.08
C HIS C 309 15.64 -35.78 -11.19
N GLY C 310 16.21 -36.42 -10.17
CA GLY C 310 17.63 -36.81 -10.09
C GLY C 310 17.85 -38.24 -10.59
N THR C 311 18.92 -38.89 -10.10
CA THR C 311 19.41 -40.21 -10.58
C THR C 311 18.62 -41.35 -9.93
N VAL C 312 17.76 -41.04 -8.95
CA VAL C 312 16.87 -42.02 -8.26
C VAL C 312 17.75 -43.05 -7.54
N THR C 313 18.64 -42.59 -6.65
CA THR C 313 19.68 -43.40 -5.97
C THR C 313 19.04 -44.58 -5.22
N ARG C 314 17.93 -44.34 -4.52
CA ARG C 314 17.25 -45.37 -3.69
C ARG C 314 16.92 -46.59 -4.57
N HIS C 315 16.35 -46.36 -5.75
CA HIS C 315 15.97 -47.41 -6.74
C HIS C 315 17.21 -48.15 -7.24
N TYR C 316 18.32 -47.43 -7.43
CA TYR C 316 19.60 -47.97 -7.96
C TYR C 316 20.21 -48.97 -6.96
N ARG C 317 20.12 -48.67 -5.65
CA ARG C 317 20.63 -49.55 -4.56
C ARG C 317 19.91 -50.90 -4.61
N MET C 318 18.61 -50.90 -4.89
CA MET C 318 17.78 -52.13 -5.02
C MET C 318 18.21 -52.90 -6.28
N TYR C 319 18.47 -52.19 -7.38
CA TYR C 319 18.95 -52.75 -8.67
C TYR C 319 20.31 -53.42 -8.47
N GLN C 320 21.19 -52.78 -7.69
CA GLN C 320 22.57 -53.28 -7.38
C GLN C 320 22.50 -54.59 -6.60
N LYS C 321 21.47 -54.78 -5.77
CA LYS C 321 21.25 -56.00 -4.94
C LYS C 321 20.45 -57.04 -5.75
N GLY C 322 20.15 -56.75 -7.02
CA GLY C 322 19.45 -57.67 -7.94
C GLY C 322 17.95 -57.73 -7.68
N GLN C 323 17.41 -56.78 -6.90
CA GLN C 323 15.96 -56.69 -6.57
C GLN C 323 15.21 -56.05 -7.73
N GLU C 324 13.92 -56.33 -7.85
CA GLU C 324 13.01 -55.75 -8.89
C GLU C 324 12.78 -54.27 -8.58
N THR C 325 12.83 -53.42 -9.61
CA THR C 325 12.61 -51.94 -9.52
C THR C 325 11.50 -51.53 -10.48
N SER C 326 10.74 -50.48 -10.14
CA SER C 326 9.74 -49.83 -11.00
C SER C 326 10.00 -48.32 -11.03
N THR C 327 10.93 -47.89 -11.89
CA THR C 327 11.35 -46.48 -12.07
C THR C 327 10.66 -45.91 -13.31
N ASN C 328 10.01 -44.74 -13.17
CA ASN C 328 9.23 -44.08 -14.24
C ASN C 328 10.18 -43.43 -15.25
N PRO C 329 10.18 -43.87 -16.54
CA PRO C 329 11.06 -43.30 -17.55
C PRO C 329 10.49 -42.12 -18.35
N ILE C 330 9.23 -41.74 -18.09
CA ILE C 330 8.43 -40.77 -18.90
C ILE C 330 9.17 -39.42 -18.96
N ALA C 331 9.62 -38.91 -17.81
CA ALA C 331 10.36 -37.63 -17.71
C ALA C 331 11.59 -37.67 -18.63
N SER C 332 12.38 -38.76 -18.55
CA SER C 332 13.60 -38.98 -19.37
C SER C 332 13.24 -39.08 -20.84
N ILE C 333 12.18 -39.82 -21.18
CA ILE C 333 11.67 -40.00 -22.57
C ILE C 333 11.27 -38.64 -23.15
N PHE C 334 10.55 -37.83 -22.36
CA PHE C 334 10.00 -36.52 -22.80
C PHE C 334 11.14 -35.50 -22.97
N ALA C 335 12.26 -35.68 -22.27
CA ALA C 335 13.51 -34.90 -22.47
C ALA C 335 13.97 -35.07 -23.92
N TRP C 336 13.96 -36.31 -24.41
CA TRP C 336 14.33 -36.67 -25.80
C TRP C 336 13.34 -36.06 -26.80
N THR C 337 12.04 -36.21 -26.55
CA THR C 337 10.96 -35.77 -27.48
C THR C 337 10.95 -34.24 -27.60
N ARG C 338 11.18 -33.52 -26.51
CA ARG C 338 11.19 -32.02 -26.49
C ARG C 338 12.44 -31.52 -27.21
N GLY C 339 13.59 -32.18 -27.01
CA GLY C 339 14.85 -31.90 -27.74
C GLY C 339 14.68 -32.08 -29.24
N LEU C 340 14.18 -33.26 -29.65
CA LEU C 340 13.98 -33.63 -31.08
C LEU C 340 12.91 -32.74 -31.72
N ALA C 341 11.89 -32.36 -30.96
CA ALA C 341 10.79 -31.46 -31.41
C ALA C 341 11.38 -30.09 -31.77
N HIS C 342 12.34 -29.61 -30.97
CA HIS C 342 13.02 -28.31 -31.18
C HIS C 342 13.96 -28.42 -32.40
N ARG C 343 14.73 -29.50 -32.48
CA ARG C 343 15.58 -29.84 -33.66
C ARG C 343 14.72 -29.77 -34.93
N ALA C 344 13.55 -30.41 -34.90
CA ALA C 344 12.60 -30.51 -36.04
C ALA C 344 12.13 -29.11 -36.45
N LYS C 345 11.92 -28.21 -35.49
CA LYS C 345 11.44 -26.82 -35.74
C LYS C 345 12.56 -26.03 -36.44
N LEU C 346 13.78 -26.10 -35.91
CA LEU C 346 14.98 -25.38 -36.43
C LEU C 346 15.25 -25.79 -37.89
N ASP C 347 15.05 -27.07 -38.22
CA ASP C 347 15.45 -27.68 -39.51
C ASP C 347 14.25 -27.85 -40.46
N ASN C 348 13.04 -27.46 -40.01
CA ASN C 348 11.78 -27.65 -40.77
C ASN C 348 11.66 -29.12 -41.19
N ASN C 349 11.88 -30.04 -40.25
CA ASN C 349 11.88 -31.51 -40.45
C ASN C 349 10.54 -32.07 -39.93
N LYS C 350 9.52 -32.12 -40.78
CA LYS C 350 8.15 -32.54 -40.39
C LYS C 350 8.13 -34.03 -40.03
N GLU C 351 9.02 -34.84 -40.59
CA GLU C 351 9.13 -36.30 -40.32
C GLU C 351 9.55 -36.52 -38.87
N LEU C 352 10.55 -35.75 -38.39
CA LEU C 352 11.07 -35.82 -36.99
C LEU C 352 10.02 -35.24 -36.04
N ALA C 353 9.39 -34.12 -36.41
CA ALA C 353 8.32 -33.45 -35.65
C ALA C 353 7.20 -34.44 -35.34
N PHE C 354 6.81 -35.24 -36.32
CA PHE C 354 5.75 -36.28 -36.21
C PHE C 354 6.18 -37.35 -35.21
N PHE C 355 7.42 -37.84 -35.32
CA PHE C 355 7.99 -38.92 -34.47
C PHE C 355 8.00 -38.47 -33.00
N ALA C 356 8.53 -37.26 -32.74
CA ALA C 356 8.59 -36.63 -31.40
C ALA C 356 7.20 -36.67 -30.76
N ASN C 357 6.18 -36.20 -31.48
CA ASN C 357 4.76 -36.18 -31.04
C ASN C 357 4.24 -37.61 -30.85
N ALA C 358 4.53 -38.50 -31.81
CA ALA C 358 4.07 -39.90 -31.83
C ALA C 358 4.53 -40.62 -30.55
N LEU C 359 5.80 -40.46 -30.18
CA LEU C 359 6.40 -41.08 -28.97
C LEU C 359 5.71 -40.53 -27.71
N GLU C 360 5.47 -39.22 -27.67
CA GLU C 360 4.76 -38.54 -26.53
C GLU C 360 3.35 -39.15 -26.39
N GLU C 361 2.63 -39.33 -27.50
CA GLU C 361 1.25 -39.89 -27.52
C GLU C 361 1.28 -41.35 -27.05
N VAL C 362 2.19 -42.16 -27.59
CA VAL C 362 2.38 -43.59 -27.22
C VAL C 362 2.54 -43.69 -25.71
N SER C 363 3.41 -42.86 -25.13
CA SER C 363 3.74 -42.81 -23.69
C SER C 363 2.47 -42.60 -22.85
N ILE C 364 1.68 -41.58 -23.20
CA ILE C 364 0.42 -41.18 -22.49
C ILE C 364 -0.64 -42.28 -22.70
N GLU C 365 -0.81 -42.75 -23.94
CA GLU C 365 -1.81 -43.79 -24.32
C GLU C 365 -1.55 -45.08 -23.54
N THR C 366 -0.28 -45.45 -23.38
CA THR C 366 0.16 -46.69 -22.67
C THR C 366 -0.30 -46.64 -21.21
N ILE C 367 -0.10 -45.49 -20.55
CA ILE C 367 -0.51 -45.26 -19.13
C ILE C 367 -2.04 -45.21 -19.06
N GLU C 368 -2.69 -44.54 -20.03
CA GLU C 368 -4.17 -44.41 -20.12
C GLU C 368 -4.81 -45.77 -20.40
N ALA C 369 -4.07 -46.70 -21.02
CA ALA C 369 -4.52 -48.08 -21.32
C ALA C 369 -4.43 -48.97 -20.08
N GLY C 370 -3.74 -48.51 -19.02
CA GLY C 370 -3.67 -49.20 -17.71
C GLY C 370 -2.28 -49.75 -17.40
N PHE C 371 -1.33 -49.64 -18.33
CA PHE C 371 0.07 -50.13 -18.18
C PHE C 371 0.95 -48.98 -17.67
N MET C 372 1.47 -49.08 -16.46
CA MET C 372 2.21 -47.99 -15.77
C MET C 372 3.22 -48.57 -14.76
N THR C 373 4.12 -47.72 -14.26
CA THR C 373 5.10 -48.05 -13.19
C THR C 373 4.44 -47.84 -11.82
N LYS C 374 5.10 -48.28 -10.75
CA LYS C 374 4.54 -48.38 -9.37
C LYS C 374 4.09 -47.00 -8.88
N ASP C 375 4.87 -45.95 -9.15
CA ASP C 375 4.61 -44.56 -8.68
C ASP C 375 3.23 -44.09 -9.17
N LEU C 376 2.86 -44.43 -10.40
CA LEU C 376 1.57 -44.00 -11.03
C LEU C 376 0.41 -44.80 -10.42
N ALA C 377 0.59 -46.11 -10.19
CA ALA C 377 -0.39 -46.98 -9.52
C ALA C 377 -0.67 -46.46 -8.11
N ALA C 378 0.40 -46.10 -7.38
CA ALA C 378 0.35 -45.53 -6.01
C ALA C 378 -0.39 -44.18 -6.04
N CYS C 379 -0.20 -43.39 -7.10
CA CYS C 379 -0.85 -42.06 -7.28
C CYS C 379 -2.37 -42.22 -7.40
N ILE C 380 -2.83 -43.31 -8.04
CA ILE C 380 -4.27 -43.59 -8.30
C ILE C 380 -4.96 -44.02 -7.01
N LYS C 381 -4.41 -45.02 -6.30
CA LYS C 381 -5.13 -45.78 -5.23
C LYS C 381 -4.36 -45.79 -3.90
N GLY C 382 -3.28 -45.01 -3.77
CA GLY C 382 -2.46 -44.94 -2.54
C GLY C 382 -1.50 -46.11 -2.44
N LEU C 383 -0.28 -45.87 -1.96
CA LEU C 383 0.86 -46.83 -1.96
C LEU C 383 0.50 -48.09 -1.16
N PRO C 384 -0.15 -47.99 0.03
CA PRO C 384 -0.53 -49.17 0.81
C PRO C 384 -1.42 -50.19 0.07
N ASN C 385 -2.25 -49.73 -0.89
CA ASN C 385 -3.28 -50.55 -1.57
C ASN C 385 -2.74 -51.15 -2.87
N VAL C 386 -1.52 -50.78 -3.29
CA VAL C 386 -0.90 -51.27 -4.57
C VAL C 386 -0.48 -52.73 -4.39
N GLN C 387 -0.84 -53.59 -5.34
CA GLN C 387 -0.35 -55.00 -5.45
C GLN C 387 0.51 -55.10 -6.72
N ARG C 388 1.27 -56.19 -6.86
CA ARG C 388 2.27 -56.38 -7.95
C ARG C 388 1.57 -56.36 -9.32
N SER C 389 0.32 -56.82 -9.39
CA SER C 389 -0.50 -56.89 -10.63
C SER C 389 -0.96 -55.51 -11.10
N ASP C 390 -0.85 -54.47 -10.25
CA ASP C 390 -1.33 -53.09 -10.53
C ASP C 390 -0.34 -52.35 -11.43
N TYR C 391 0.92 -52.79 -11.50
CA TYR C 391 2.03 -52.04 -12.15
C TYR C 391 2.99 -53.01 -12.86
N LEU C 392 3.90 -52.44 -13.66
CA LEU C 392 5.00 -53.15 -14.37
C LEU C 392 6.34 -52.66 -13.83
N ASN C 393 7.38 -53.49 -13.90
CA ASN C 393 8.77 -53.14 -13.48
C ASN C 393 9.41 -52.28 -14.59
N THR C 394 10.57 -51.68 -14.32
CA THR C 394 11.26 -50.69 -15.18
C THR C 394 11.39 -51.23 -16.62
N PHE C 395 11.76 -52.50 -16.76
CA PHE C 395 12.11 -53.15 -18.07
C PHE C 395 10.82 -53.60 -18.79
N GLU C 396 9.85 -54.13 -18.05
CA GLU C 396 8.51 -54.54 -18.57
C GLU C 396 7.85 -53.33 -19.25
N PHE C 397 7.85 -52.18 -18.58
CA PHE C 397 7.19 -50.93 -19.04
C PHE C 397 7.86 -50.42 -20.32
N MET C 398 9.21 -50.39 -20.34
CA MET C 398 10.02 -49.96 -21.51
C MET C 398 9.71 -50.87 -22.70
N ASP C 399 9.58 -52.18 -22.47
CA ASP C 399 9.22 -53.19 -23.51
C ASP C 399 7.83 -52.86 -24.07
N LYS C 400 6.87 -52.52 -23.21
CA LYS C 400 5.46 -52.23 -23.57
C LYS C 400 5.41 -50.95 -24.45
N LEU C 401 6.16 -49.92 -24.07
CA LEU C 401 6.32 -48.67 -24.87
C LEU C 401 6.90 -49.01 -26.24
N GLY C 402 7.93 -49.86 -26.27
CA GLY C 402 8.61 -50.31 -27.49
C GLY C 402 7.64 -50.95 -28.48
N GLU C 403 6.81 -51.87 -28.00
CA GLU C 403 5.79 -52.59 -28.81
C GLU C 403 4.76 -51.60 -29.35
N ASN C 404 4.26 -50.69 -28.50
CA ASN C 404 3.20 -49.71 -28.84
C ASN C 404 3.72 -48.66 -29.82
N LEU C 405 5.01 -48.29 -29.72
CA LEU C 405 5.68 -47.32 -30.64
C LEU C 405 5.78 -47.93 -32.04
N LYS C 406 6.20 -49.20 -32.14
CA LYS C 406 6.32 -49.97 -33.40
C LYS C 406 4.96 -49.98 -34.13
N ILE C 407 3.89 -50.24 -33.39
CA ILE C 407 2.49 -50.32 -33.92
C ILE C 407 2.06 -48.94 -34.42
N LYS C 408 2.29 -47.89 -33.64
CA LYS C 408 1.87 -46.50 -33.97
C LYS C 408 2.59 -46.04 -35.26
N LEU C 409 3.88 -46.33 -35.39
CA LEU C 409 4.72 -45.88 -36.53
C LEU C 409 4.39 -46.70 -37.78
N ALA C 410 3.98 -47.97 -37.62
CA ALA C 410 3.51 -48.86 -38.70
C ALA C 410 2.22 -48.30 -39.32
N GLN C 411 1.26 -47.88 -38.48
CA GLN C 411 -0.04 -47.28 -38.87
C GLN C 411 0.19 -46.08 -39.80
N ALA C 412 1.18 -45.23 -39.49
CA ALA C 412 1.56 -44.02 -40.27
C ALA C 412 2.52 -44.43 -41.39
N MET D 1 42.91 30.21 -64.64
CA MET D 1 41.46 30.24 -64.99
C MET D 1 40.61 29.59 -63.88
N SER D 2 41.15 29.46 -62.66
CA SER D 2 40.42 28.90 -61.48
C SER D 2 39.33 29.87 -61.03
N LYS D 3 39.71 31.14 -60.82
CA LYS D 3 38.80 32.26 -60.46
C LYS D 3 38.33 32.15 -59.00
N LYS D 4 38.60 31.02 -58.32
CA LYS D 4 38.02 30.72 -56.98
C LYS D 4 38.82 31.43 -55.88
N ILE D 5 38.19 31.52 -54.70
CA ILE D 5 38.73 32.21 -53.49
C ILE D 5 39.51 31.18 -52.67
N SER D 6 40.61 31.62 -52.03
CA SER D 6 41.41 30.80 -51.07
C SER D 6 40.79 30.90 -49.67
N GLY D 7 39.91 29.96 -49.33
CA GLY D 7 39.14 29.96 -48.08
C GLY D 7 40.01 29.71 -46.86
N GLY D 8 40.93 28.74 -46.96
CA GLY D 8 41.84 28.35 -45.86
C GLY D 8 41.41 27.06 -45.19
N SER D 9 41.73 26.91 -43.90
CA SER D 9 41.49 25.70 -43.09
C SER D 9 40.07 25.72 -42.51
N VAL D 10 39.22 24.78 -42.93
CA VAL D 10 37.84 24.59 -42.42
C VAL D 10 37.61 23.11 -42.09
N VAL D 11 37.13 22.83 -40.87
CA VAL D 11 36.72 21.46 -40.43
C VAL D 11 35.24 21.29 -40.78
N GLU D 12 34.92 20.27 -41.57
CA GLU D 12 33.55 19.94 -42.05
C GLU D 12 33.14 18.59 -41.46
N MET D 13 31.91 18.49 -40.94
CA MET D 13 31.34 17.26 -40.33
C MET D 13 30.04 16.87 -41.05
N GLN D 14 30.05 15.77 -41.79
CA GLN D 14 28.86 15.22 -42.50
CA GLN D 14 28.85 15.23 -42.49
C GLN D 14 27.93 14.57 -41.47
N GLY D 15 26.62 14.56 -41.75
CA GLY D 15 25.56 14.17 -40.81
C GLY D 15 24.69 13.04 -41.34
N ASP D 16 23.39 13.07 -41.04
CA ASP D 16 22.45 11.93 -41.20
C ASP D 16 21.19 12.38 -41.95
N GLU D 17 20.56 11.41 -42.65
CA GLU D 17 19.19 11.50 -43.20
C GLU D 17 19.07 12.72 -44.13
N MET D 18 18.08 13.59 -43.92
CA MET D 18 17.67 14.62 -44.91
C MET D 18 18.73 15.74 -44.98
N THR D 19 19.24 16.17 -43.82
CA THR D 19 20.26 17.25 -43.70
C THR D 19 21.54 16.84 -44.44
N ARG D 20 21.89 15.55 -44.42
CA ARG D 20 23.07 14.98 -45.11
C ARG D 20 22.96 15.22 -46.63
N ILE D 21 21.75 15.03 -47.19
CA ILE D 21 21.46 15.21 -48.65
C ILE D 21 21.65 16.70 -48.99
N ILE D 22 21.05 17.58 -48.19
CA ILE D 22 21.09 19.07 -48.35
C ILE D 22 22.54 19.55 -48.19
N TRP D 23 23.27 18.99 -47.21
CA TRP D 23 24.68 19.35 -46.88
C TRP D 23 25.56 19.16 -48.12
N GLU D 24 25.38 18.04 -48.84
CA GLU D 24 26.15 17.69 -50.06
C GLU D 24 25.80 18.67 -51.19
N LEU D 25 24.51 19.01 -51.33
CA LEU D 25 24.02 19.97 -52.36
C LEU D 25 24.63 21.35 -52.11
N ILE D 26 24.68 21.80 -50.85
CA ILE D 26 25.27 23.12 -50.44
C ILE D 26 26.73 23.17 -50.90
N LYS D 27 27.52 22.15 -50.57
CA LYS D 27 28.95 22.04 -50.93
C LYS D 27 29.10 22.08 -52.46
N GLU D 28 28.29 21.28 -53.17
CA GLU D 28 28.41 21.05 -54.64
C GLU D 28 28.00 22.31 -55.41
N LYS D 29 26.93 22.99 -54.99
CA LYS D 29 26.25 24.05 -55.78
C LYS D 29 26.63 25.46 -55.31
N LEU D 30 26.84 25.67 -54.00
CA LEU D 30 26.98 27.03 -53.40
C LEU D 30 28.43 27.33 -53.00
N ILE D 31 29.18 26.35 -52.48
CA ILE D 31 30.52 26.57 -51.86
C ILE D 31 31.63 26.27 -52.89
N PHE D 32 31.80 24.99 -53.27
CA PHE D 32 32.97 24.47 -54.03
C PHE D 32 33.15 25.19 -55.36
N PRO D 33 32.09 25.54 -56.11
CA PRO D 33 32.26 26.24 -57.39
C PRO D 33 32.97 27.62 -57.30
N TYR D 34 33.03 28.23 -56.11
CA TYR D 34 33.53 29.61 -55.91
C TYR D 34 34.66 29.67 -54.87
N VAL D 35 34.80 28.65 -54.02
CA VAL D 35 35.76 28.67 -52.86
C VAL D 35 36.55 27.36 -52.86
N GLU D 36 37.89 27.48 -52.80
CA GLU D 36 38.85 26.36 -52.58
C GLU D 36 39.23 26.34 -51.10
N LEU D 37 39.14 25.18 -50.46
CA LEU D 37 39.34 25.02 -48.99
C LEU D 37 40.38 23.91 -48.73
N ASP D 38 41.27 24.14 -47.76
CA ASP D 38 42.02 23.08 -47.06
C ASP D 38 41.02 22.36 -46.13
N LEU D 39 40.22 21.48 -46.71
CA LEU D 39 39.01 20.89 -46.05
C LEU D 39 39.41 19.67 -45.21
N HIS D 40 39.11 19.71 -43.91
CA HIS D 40 39.26 18.59 -42.95
C HIS D 40 37.90 17.93 -42.73
N SER D 41 37.53 16.97 -43.60
CA SER D 41 36.22 16.28 -43.62
C SER D 41 36.20 15.12 -42.63
N TYR D 42 35.17 15.05 -41.79
CA TYR D 42 34.89 13.94 -40.84
C TYR D 42 33.43 13.51 -41.00
N ASP D 43 33.19 12.21 -41.19
CA ASP D 43 31.83 11.64 -41.40
C ASP D 43 31.25 11.26 -40.02
N LEU D 44 30.37 12.10 -39.48
CA LEU D 44 29.63 11.85 -38.21
C LEU D 44 28.26 11.23 -38.52
N GLY D 45 28.11 10.61 -39.70
CA GLY D 45 26.99 9.70 -40.01
C GLY D 45 26.95 8.55 -39.00
N ILE D 46 25.74 8.13 -38.62
CA ILE D 46 25.50 7.13 -37.53
C ILE D 46 26.25 5.84 -37.83
N GLU D 47 26.26 5.40 -39.10
CA GLU D 47 26.90 4.13 -39.54
C GLU D 47 28.42 4.19 -39.31
N ASN D 48 29.06 5.32 -39.65
CA ASN D 48 30.54 5.48 -39.52
C ASN D 48 30.91 5.66 -38.04
N ARG D 49 30.09 6.37 -37.27
CA ARG D 49 30.28 6.54 -35.80
C ARG D 49 30.27 5.16 -35.14
N ASP D 50 29.34 4.29 -35.54
CA ASP D 50 29.21 2.90 -35.03
C ASP D 50 30.45 2.09 -35.43
N ALA D 51 30.89 2.24 -36.69
CA ALA D 51 32.04 1.51 -37.30
C ALA D 51 33.35 1.88 -36.60
N THR D 52 33.51 3.14 -36.18
CA THR D 52 34.76 3.68 -35.57
C THR D 52 34.64 3.71 -34.03
N ASN D 53 33.50 3.26 -33.48
CA ASN D 53 33.19 3.31 -32.02
C ASN D 53 33.25 4.77 -31.55
N ASP D 54 32.72 5.69 -32.36
CA ASP D 54 32.56 7.14 -32.03
C ASP D 54 33.93 7.83 -31.94
N GLN D 55 34.98 7.21 -32.50
CA GLN D 55 36.36 7.78 -32.50
C GLN D 55 36.41 8.96 -33.47
N VAL D 56 35.65 8.89 -34.57
CA VAL D 56 35.55 9.96 -35.60
C VAL D 56 35.03 11.25 -34.94
N THR D 57 34.10 11.14 -33.98
CA THR D 57 33.48 12.29 -33.26
C THR D 57 34.55 13.01 -32.42
N LYS D 58 35.40 12.24 -31.73
CA LYS D 58 36.48 12.79 -30.86
C LYS D 58 37.57 13.44 -31.74
N ASP D 59 37.91 12.81 -32.86
CA ASP D 59 38.90 13.34 -33.85
C ASP D 59 38.38 14.66 -34.42
N ALA D 60 37.08 14.72 -34.76
CA ALA D 60 36.40 15.92 -35.29
C ALA D 60 36.55 17.07 -34.31
N ALA D 61 36.33 16.81 -33.02
CA ALA D 61 36.43 17.81 -31.92
C ALA D 61 37.87 18.35 -31.83
N GLU D 62 38.86 17.46 -31.80
CA GLU D 62 40.30 17.83 -31.67
C GLU D 62 40.73 18.65 -32.90
N ALA D 63 40.16 18.34 -34.07
CA ALA D 63 40.43 19.03 -35.35
C ALA D 63 39.93 20.48 -35.28
N ILE D 64 38.71 20.69 -34.75
CA ILE D 64 38.10 22.03 -34.57
C ILE D 64 38.98 22.87 -33.64
N LYS D 65 39.47 22.26 -32.55
CA LYS D 65 40.34 22.92 -31.55
C LYS D 65 41.65 23.38 -32.21
N LYS D 66 42.15 22.61 -33.19
CA LYS D 66 43.44 22.88 -33.90
C LYS D 66 43.24 23.99 -34.95
N HIS D 67 42.19 23.90 -35.77
CA HIS D 67 42.00 24.71 -37.01
C HIS D 67 41.01 25.86 -36.80
N ASN D 68 40.27 25.87 -35.68
CA ASN D 68 39.53 27.04 -35.13
C ASN D 68 38.13 27.20 -35.74
N VAL D 69 37.86 26.60 -36.92
CA VAL D 69 36.57 26.76 -37.65
C VAL D 69 35.95 25.38 -37.90
N GLY D 70 34.75 25.16 -37.38
CA GLY D 70 33.96 23.93 -37.58
C GLY D 70 32.59 24.24 -38.16
N VAL D 71 32.15 23.46 -39.16
CA VAL D 71 30.77 23.50 -39.73
C VAL D 71 30.22 22.07 -39.71
N LYS D 72 29.08 21.86 -39.05
CA LYS D 72 28.53 20.52 -38.73
C LYS D 72 27.11 20.37 -39.28
N CYS D 73 26.88 19.29 -40.03
CA CYS D 73 25.54 18.79 -40.45
C CYS D 73 24.85 18.15 -39.24
N ALA D 74 23.52 18.23 -39.17
CA ALA D 74 22.70 17.64 -38.10
C ALA D 74 22.93 16.12 -38.07
N THR D 75 23.01 15.54 -36.88
CA THR D 75 23.33 14.10 -36.64
C THR D 75 22.23 13.44 -35.80
N ILE D 76 22.02 12.13 -35.98
CA ILE D 76 21.10 11.29 -35.16
C ILE D 76 21.72 11.11 -33.77
N THR D 77 20.98 11.43 -32.71
CA THR D 77 21.30 11.07 -31.30
C THR D 77 20.61 9.75 -30.99
N PRO D 78 21.36 8.64 -30.82
CA PRO D 78 20.76 7.32 -30.58
C PRO D 78 19.84 7.25 -29.35
N ASP D 79 18.62 6.73 -29.55
CA ASP D 79 17.70 6.26 -28.50
C ASP D 79 17.52 4.73 -28.68
N GLU D 80 16.62 4.11 -27.93
CA GLU D 80 16.36 2.64 -27.99
C GLU D 80 15.93 2.25 -29.41
N LYS D 81 15.06 3.05 -30.04
CA LYS D 81 14.50 2.77 -31.39
C LYS D 81 15.63 2.78 -32.44
N ARG D 82 16.57 3.73 -32.31
CA ARG D 82 17.70 3.91 -33.26
C ARG D 82 18.68 2.73 -33.15
N VAL D 83 18.91 2.21 -31.93
CA VAL D 83 19.81 1.05 -31.66
C VAL D 83 19.29 -0.15 -32.46
N GLU D 84 17.98 -0.38 -32.46
CA GLU D 84 17.31 -1.51 -33.17
C GLU D 84 17.36 -1.28 -34.68
N GLU D 85 17.21 -0.03 -35.13
CA GLU D 85 17.13 0.35 -36.56
C GLU D 85 18.46 0.07 -37.27
N PHE D 86 19.59 0.45 -36.64
CA PHE D 86 20.96 0.41 -37.22
C PHE D 86 21.79 -0.73 -36.61
N LYS D 87 21.21 -1.48 -35.65
CA LYS D 87 21.89 -2.60 -34.94
C LYS D 87 23.18 -2.06 -34.30
N LEU D 88 23.07 -0.94 -33.57
CA LEU D 88 24.22 -0.20 -33.00
C LEU D 88 24.87 -1.04 -31.89
N LYS D 89 26.20 -0.96 -31.77
CA LYS D 89 27.02 -1.67 -30.75
C LYS D 89 26.64 -1.13 -29.36
N GLN D 90 26.53 0.20 -29.24
CA GLN D 90 26.15 0.89 -27.98
CA GLN D 90 26.12 0.88 -27.97
C GLN D 90 25.21 2.06 -28.33
N MET D 91 24.48 2.57 -27.33
CA MET D 91 23.66 3.81 -27.46
C MET D 91 24.61 5.00 -27.32
N TRP D 92 25.24 5.41 -28.42
CA TRP D 92 26.32 6.44 -28.45
C TRP D 92 25.76 7.78 -27.94
N LYS D 93 26.58 8.52 -27.19
CA LYS D 93 26.26 9.88 -26.68
C LYS D 93 26.10 10.84 -27.87
N SER D 94 25.28 11.87 -27.72
CA SER D 94 25.06 12.97 -28.70
C SER D 94 26.40 13.53 -29.16
N PRO D 95 26.72 13.49 -30.48
CA PRO D 95 27.95 14.10 -30.99
C PRO D 95 28.14 15.57 -30.57
N ASN D 96 27.04 16.34 -30.53
CA ASN D 96 27.02 17.76 -30.09
C ASN D 96 27.56 17.84 -28.66
N GLY D 97 27.10 16.95 -27.78
CA GLY D 97 27.51 16.87 -26.37
C GLY D 97 29.00 16.63 -26.23
N THR D 98 29.53 15.64 -26.97
CA THR D 98 30.96 15.25 -26.99
C THR D 98 31.82 16.45 -27.42
N ILE D 99 31.39 17.16 -28.48
CA ILE D 99 32.12 18.32 -29.07
C ILE D 99 32.08 19.49 -28.08
N ARG D 100 30.91 19.81 -27.51
CA ARG D 100 30.72 20.90 -26.52
C ARG D 100 31.60 20.64 -25.29
N ASN D 101 31.65 19.38 -24.83
CA ASN D 101 32.42 18.96 -23.63
C ASN D 101 33.92 19.19 -23.85
N ILE D 102 34.40 18.99 -25.09
CA ILE D 102 35.85 19.09 -25.44
C ILE D 102 36.22 20.55 -25.71
N LEU D 103 35.41 21.28 -26.50
CA LEU D 103 35.69 22.67 -26.92
C LEU D 103 35.30 23.66 -25.81
N GLY D 104 34.17 23.42 -25.15
CA GLY D 104 33.57 24.35 -24.18
C GLY D 104 32.97 25.56 -24.89
N GLY D 105 32.69 26.63 -24.14
CA GLY D 105 32.16 27.90 -24.67
C GLY D 105 30.65 27.99 -24.55
N THR D 106 30.08 29.07 -25.11
CA THR D 106 28.65 29.45 -25.03
C THR D 106 28.01 29.30 -26.41
N VAL D 107 26.81 28.68 -26.45
CA VAL D 107 25.99 28.51 -27.68
C VAL D 107 25.17 29.78 -27.89
N PHE D 108 25.21 30.35 -29.11
CA PHE D 108 24.45 31.55 -29.51
C PHE D 108 23.54 31.19 -30.69
N ARG D 109 22.25 31.50 -30.58
CA ARG D 109 21.22 31.24 -31.62
C ARG D 109 20.89 32.56 -32.33
N GLU D 110 20.73 32.51 -33.66
CA GLU D 110 20.42 33.69 -34.52
C GLU D 110 19.40 33.27 -35.60
N ALA D 111 18.24 33.93 -35.63
CA ALA D 111 17.18 33.71 -36.64
C ALA D 111 17.55 34.46 -37.93
N ILE D 112 17.19 33.91 -39.08
CA ILE D 112 17.33 34.59 -40.42
C ILE D 112 16.01 35.32 -40.70
N ILE D 113 16.09 36.63 -40.95
CA ILE D 113 14.91 37.54 -41.12
C ILE D 113 14.73 37.87 -42.60
N CYS D 114 13.54 37.62 -43.13
CA CYS D 114 13.07 38.06 -44.49
C CYS D 114 11.85 38.97 -44.30
N LYS D 115 11.74 40.03 -45.09
CA LYS D 115 10.73 41.11 -44.95
C LYS D 115 9.33 40.59 -45.28
N ASN D 116 9.23 39.57 -46.14
CA ASN D 116 7.93 39.00 -46.60
C ASN D 116 7.54 37.80 -45.71
N ILE D 117 8.35 37.46 -44.71
CA ILE D 117 8.09 36.36 -43.74
C ILE D 117 7.75 36.99 -42.38
N PRO D 118 6.54 36.76 -41.82
CA PRO D 118 6.16 37.36 -40.55
C PRO D 118 7.12 37.06 -39.40
N ARG D 119 7.13 37.93 -38.38
CA ARG D 119 7.95 37.79 -37.14
C ARG D 119 7.02 37.89 -35.94
N LEU D 120 7.39 37.24 -34.83
CA LEU D 120 6.69 37.32 -33.52
C LEU D 120 6.42 38.78 -33.19
N VAL D 121 7.45 39.63 -33.31
CA VAL D 121 7.37 41.13 -33.21
C VAL D 121 7.71 41.72 -34.58
N SER D 122 6.76 42.39 -35.22
CA SER D 122 6.88 42.94 -36.61
C SER D 122 7.98 44.00 -36.65
N GLY D 123 8.24 44.68 -35.52
CA GLY D 123 9.30 45.70 -35.38
C GLY D 123 10.69 45.13 -35.60
N TRP D 124 10.90 43.85 -35.27
CA TRP D 124 12.20 43.13 -35.44
C TRP D 124 12.50 42.96 -36.93
N VAL D 125 13.37 43.81 -37.48
CA VAL D 125 13.78 43.81 -38.91
C VAL D 125 15.24 43.33 -39.03
N LYS D 126 15.96 43.25 -37.92
CA LYS D 126 17.33 42.68 -37.83
C LYS D 126 17.32 41.57 -36.78
N PRO D 127 18.17 40.52 -36.92
CA PRO D 127 18.17 39.42 -35.96
C PRO D 127 18.58 39.83 -34.55
N ILE D 128 18.10 39.07 -33.56
CA ILE D 128 18.55 39.14 -32.14
C ILE D 128 19.29 37.84 -31.83
N ILE D 129 20.51 37.93 -31.31
CA ILE D 129 21.37 36.75 -30.99
C ILE D 129 21.27 36.47 -29.49
N ILE D 130 20.71 35.31 -29.14
CA ILE D 130 20.47 34.86 -27.73
C ILE D 130 21.60 33.89 -27.35
N GLY D 131 22.30 34.20 -26.24
CA GLY D 131 23.31 33.32 -25.63
C GLY D 131 22.88 32.88 -24.25
N HIS D 132 22.71 31.57 -24.05
CA HIS D 132 22.33 30.95 -22.74
C HIS D 132 23.57 30.40 -22.04
N HIS D 133 23.59 30.48 -20.72
CA HIS D 133 24.62 29.86 -19.82
C HIS D 133 24.22 28.42 -19.52
N ALA D 141 21.22 20.78 -10.45
CA ALA D 141 20.64 21.25 -9.17
C ALA D 141 20.26 20.05 -8.30
N THR D 142 20.32 20.22 -6.97
CA THR D 142 20.01 19.18 -5.95
C THR D 142 18.69 19.53 -5.25
N ASP D 143 17.60 18.87 -5.64
CA ASP D 143 16.24 19.05 -5.05
C ASP D 143 15.85 17.79 -4.27
N PHE D 144 15.01 17.94 -3.25
CA PHE D 144 14.48 16.85 -2.41
C PHE D 144 13.15 17.27 -1.76
N VAL D 145 12.38 16.29 -1.29
CA VAL D 145 11.09 16.49 -0.56
C VAL D 145 11.40 16.65 0.94
N VAL D 146 10.84 17.68 1.57
CA VAL D 146 10.84 17.88 3.05
C VAL D 146 9.62 17.16 3.61
N PRO D 147 9.79 16.01 4.29
CA PRO D 147 8.67 15.15 4.67
C PRO D 147 7.74 15.76 5.73
N GLY D 148 8.30 16.51 6.67
CA GLY D 148 7.54 17.17 7.76
C GLY D 148 8.35 18.32 8.37
N PRO D 149 7.87 18.92 9.49
CA PRO D 149 8.59 20.02 10.14
C PRO D 149 10.07 19.75 10.41
N GLY D 150 10.87 20.82 10.46
CA GLY D 150 12.34 20.77 10.64
C GLY D 150 13.02 21.99 10.03
N LYS D 151 14.34 22.08 10.18
CA LYS D 151 15.18 23.21 9.72
C LYS D 151 15.99 22.76 8.50
N VAL D 152 15.84 23.45 7.37
CA VAL D 152 16.66 23.24 6.14
C VAL D 152 17.73 24.34 6.09
N GLU D 153 19.01 23.94 6.05
CA GLU D 153 20.18 24.86 6.04
C GLU D 153 21.10 24.47 4.88
N ILE D 154 21.84 25.44 4.35
CA ILE D 154 22.90 25.23 3.31
C ILE D 154 24.25 25.66 3.92
N THR D 155 25.27 24.80 3.83
CA THR D 155 26.57 24.93 4.54
C THR D 155 27.73 24.92 3.54
N TYR D 156 28.74 25.77 3.77
CA TYR D 156 30.01 25.85 3.00
C TYR D 156 31.17 25.45 3.92
N THR D 157 31.84 24.33 3.63
CA THR D 157 33.03 23.82 4.36
C THR D 157 34.29 24.11 3.54
N PRO D 158 35.11 25.12 3.93
CA PRO D 158 36.35 25.43 3.23
C PRO D 158 37.33 24.26 3.17
N SER D 159 38.02 24.11 2.03
CA SER D 159 39.01 23.04 1.77
C SER D 159 40.26 23.22 2.63
N ASP D 160 40.52 24.46 3.11
CA ASP D 160 41.72 24.81 3.91
C ASP D 160 41.51 24.42 5.39
N GLY D 161 40.32 23.96 5.76
CA GLY D 161 40.01 23.42 7.10
C GLY D 161 39.64 24.50 8.09
N THR D 162 39.39 25.73 7.64
CA THR D 162 38.90 26.86 8.48
C THR D 162 37.43 26.60 8.83
N GLN D 163 36.83 27.48 9.64
CA GLN D 163 35.46 27.32 10.22
C GLN D 163 34.44 27.11 9.10
N LYS D 164 33.50 26.18 9.32
CA LYS D 164 32.32 25.91 8.46
C LYS D 164 31.30 27.04 8.63
N VAL D 165 30.70 27.51 7.53
CA VAL D 165 29.69 28.61 7.49
C VAL D 165 28.33 28.00 7.13
N THR D 166 27.28 28.39 7.86
CA THR D 166 25.91 27.83 7.78
C THR D 166 24.91 28.97 7.53
N TYR D 167 23.99 28.79 6.58
CA TYR D 167 22.90 29.74 6.23
C TYR D 167 21.55 29.03 6.38
N LEU D 168 20.59 29.70 7.02
CA LEU D 168 19.19 29.20 7.17
C LEU D 168 18.44 29.43 5.85
N VAL D 169 17.91 28.36 5.25
CA VAL D 169 17.07 28.42 4.03
C VAL D 169 15.61 28.67 4.45
N HIS D 170 15.07 27.78 5.28
CA HIS D 170 13.71 27.92 5.87
C HIS D 170 13.53 26.95 7.05
N ASN D 171 12.86 27.42 8.11
CA ASN D 171 12.42 26.59 9.27
C ASN D 171 10.95 26.23 9.05
N PHE D 172 10.67 24.96 8.69
CA PHE D 172 9.31 24.40 8.51
C PHE D 172 8.73 24.11 9.90
N GLU D 173 7.77 24.93 10.36
CA GLU D 173 7.22 24.89 11.74
C GLU D 173 5.94 24.06 11.79
N GLU D 174 5.06 24.23 10.80
CA GLU D 174 3.91 23.32 10.51
C GLU D 174 4.10 22.79 9.09
N GLY D 175 3.97 21.48 8.91
CA GLY D 175 3.91 20.82 7.60
C GLY D 175 5.26 20.67 6.94
N GLY D 176 5.25 20.04 5.76
CA GLY D 176 6.44 19.79 4.93
C GLY D 176 6.46 20.65 3.69
N GLY D 177 7.11 20.18 2.63
CA GLY D 177 7.27 20.90 1.36
C GLY D 177 8.44 20.37 0.54
N VAL D 178 9.14 21.25 -0.18
CA VAL D 178 10.33 20.92 -1.02
C VAL D 178 11.39 21.99 -0.81
N ALA D 179 12.66 21.62 -1.03
CA ALA D 179 13.84 22.51 -1.00
C ALA D 179 14.87 22.03 -2.03
N MET D 180 15.68 22.95 -2.55
CA MET D 180 16.73 22.64 -3.56
C MET D 180 17.89 23.61 -3.42
N GLY D 181 19.10 23.15 -3.75
CA GLY D 181 20.33 23.96 -3.82
C GLY D 181 20.84 24.03 -5.25
N MET D 182 21.19 25.24 -5.72
CA MET D 182 21.86 25.48 -7.02
C MET D 182 23.24 26.09 -6.76
N TYR D 183 24.13 26.06 -7.75
CA TYR D 183 25.50 26.63 -7.67
C TYR D 183 25.96 27.12 -9.05
N ASN D 184 27.10 27.81 -9.09
CA ASN D 184 27.76 28.27 -10.33
C ASN D 184 29.20 28.67 -9.99
N GLN D 185 30.19 28.13 -10.73
CA GLN D 185 31.63 28.43 -10.54
C GLN D 185 31.98 29.74 -11.25
N ASP D 186 32.96 30.48 -10.70
CA ASP D 186 33.45 31.76 -11.26
C ASP D 186 33.96 31.54 -12.69
N LYS D 187 34.73 30.47 -12.91
CA LYS D 187 35.36 30.14 -14.22
C LYS D 187 34.27 30.07 -15.30
N SER D 188 33.14 29.42 -14.99
CA SER D 188 31.96 29.26 -15.89
C SER D 188 31.44 30.64 -16.29
N ILE D 189 31.29 31.55 -15.33
CA ILE D 189 30.74 32.93 -15.54
C ILE D 189 31.74 33.73 -16.39
N GLU D 190 33.04 33.61 -16.09
CA GLU D 190 34.15 34.28 -16.81
C GLU D 190 34.12 33.86 -18.29
N ASP D 191 34.02 32.55 -18.55
CA ASP D 191 33.96 31.95 -19.91
C ASP D 191 32.74 32.50 -20.66
N PHE D 192 31.58 32.56 -19.98
CA PHE D 192 30.30 33.06 -20.52
C PHE D 192 30.45 34.53 -20.93
N ALA D 193 31.11 35.33 -20.10
CA ALA D 193 31.39 36.77 -20.33
C ALA D 193 32.29 36.94 -21.56
N HIS D 194 33.48 36.33 -21.54
CA HIS D 194 34.48 36.37 -22.65
C HIS D 194 33.79 36.04 -23.97
N SER D 195 33.14 34.88 -24.05
CA SER D 195 32.39 34.40 -25.24
C SER D 195 31.42 35.48 -25.73
N SER D 196 30.68 36.11 -24.81
CA SER D 196 29.63 37.13 -25.10
C SER D 196 30.27 38.40 -25.69
N PHE D 197 31.43 38.81 -25.16
CA PHE D 197 32.19 40.01 -25.62
C PHE D 197 32.81 39.73 -27.00
N GLN D 198 33.38 38.53 -27.17
CA GLN D 198 33.97 38.06 -28.45
C GLN D 198 32.90 38.12 -29.55
N MET D 199 31.71 37.57 -29.27
CA MET D 199 30.56 37.50 -30.22
C MET D 199 30.13 38.92 -30.62
N ALA D 200 30.04 39.83 -29.66
CA ALA D 200 29.62 41.24 -29.86
C ALA D 200 30.57 41.95 -30.83
N LEU D 201 31.89 41.82 -30.59
CA LEU D 201 32.96 42.43 -31.43
C LEU D 201 32.96 41.79 -32.83
N SER D 202 32.83 40.46 -32.88
CA SER D 202 32.79 39.65 -34.12
C SER D 202 31.67 40.12 -35.05
N LYS D 203 30.49 40.45 -34.50
CA LYS D 203 29.28 40.87 -35.25
C LYS D 203 29.22 42.39 -35.38
N GLY D 204 29.96 43.12 -34.53
CA GLY D 204 29.95 44.59 -34.48
C GLY D 204 28.63 45.15 -33.96
N TRP D 205 27.96 44.41 -33.06
CA TRP D 205 26.68 44.79 -32.42
C TRP D 205 26.89 44.98 -30.92
N PRO D 206 26.05 45.81 -30.25
CA PRO D 206 26.13 45.96 -28.80
C PRO D 206 25.66 44.69 -28.06
N LEU D 207 26.14 44.50 -26.82
CA LEU D 207 25.84 43.33 -25.96
C LEU D 207 24.99 43.79 -24.78
N TYR D 208 24.08 42.92 -24.32
CA TYR D 208 23.29 43.11 -23.07
C TYR D 208 23.30 41.80 -22.27
N LEU D 209 23.58 41.89 -20.97
CA LEU D 209 23.37 40.81 -19.97
C LEU D 209 22.09 41.12 -19.21
N SER D 210 21.18 40.14 -19.11
CA SER D 210 19.95 40.20 -18.27
C SER D 210 20.12 39.28 -17.06
N THR D 211 19.79 39.79 -15.86
CA THR D 211 19.75 39.02 -14.59
C THR D 211 18.56 39.51 -13.75
N LYS D 212 18.41 38.93 -12.55
CA LYS D 212 17.39 39.32 -11.53
C LYS D 212 18.13 39.69 -10.24
N ASN D 213 19.10 40.62 -10.34
CA ASN D 213 20.05 40.96 -9.24
C ASN D 213 19.35 41.80 -8.16
N THR D 214 18.15 42.33 -8.44
CA THR D 214 17.29 43.02 -7.44
C THR D 214 16.83 42.01 -6.38
N ILE D 215 16.53 40.78 -6.81
CA ILE D 215 16.00 39.68 -5.94
C ILE D 215 17.17 38.81 -5.47
N LEU D 216 17.97 38.28 -6.41
CA LEU D 216 19.17 37.44 -6.13
C LEU D 216 20.41 38.34 -6.12
N LYS D 217 20.55 39.15 -5.07
CA LYS D 217 21.54 40.26 -4.97
C LYS D 217 22.96 39.71 -5.00
N LYS D 218 23.19 38.50 -4.45
CA LYS D 218 24.53 37.88 -4.38
C LYS D 218 24.76 36.99 -5.61
N TYR D 219 23.85 36.05 -5.88
CA TYR D 219 23.94 35.03 -6.95
C TYR D 219 24.05 35.71 -8.33
N ASP D 220 23.03 36.50 -8.69
CA ASP D 220 22.96 37.20 -10.00
C ASP D 220 23.88 38.42 -9.97
N GLY D 221 24.11 39.00 -8.78
CA GLY D 221 25.09 40.08 -8.57
C GLY D 221 26.47 39.68 -9.04
N ARG D 222 26.87 38.43 -8.80
CA ARG D 222 28.20 37.87 -9.19
C ARG D 222 28.35 37.92 -10.71
N PHE D 223 27.30 37.57 -11.46
CA PHE D 223 27.27 37.61 -12.94
C PHE D 223 27.53 39.05 -13.42
N LYS D 224 26.74 40.01 -12.91
CA LYS D 224 26.84 41.45 -13.28
C LYS D 224 28.27 41.95 -13.02
N ASP D 225 28.83 41.63 -11.86
CA ASP D 225 30.18 42.09 -11.41
C ASP D 225 31.25 41.54 -12.35
N ILE D 226 31.30 40.21 -12.52
CA ILE D 226 32.34 39.51 -13.33
C ILE D 226 32.31 40.05 -14.77
N PHE D 227 31.12 40.27 -15.34
CA PHE D 227 30.93 40.82 -16.71
C PHE D 227 31.54 42.22 -16.77
N GLN D 228 31.17 43.09 -15.82
CA GLN D 228 31.62 44.51 -15.75
C GLN D 228 33.14 44.57 -15.60
N GLU D 229 33.70 43.77 -14.68
CA GLU D 229 35.17 43.68 -14.41
C GLU D 229 35.89 43.36 -15.73
N ILE D 230 35.51 42.26 -16.39
CA ILE D 230 36.16 41.75 -17.63
C ILE D 230 35.99 42.78 -18.75
N TYR D 231 34.83 43.42 -18.85
CA TYR D 231 34.52 44.45 -19.87
C TYR D 231 35.49 45.63 -19.74
N ASP D 232 35.52 46.25 -18.55
CA ASP D 232 36.31 47.47 -18.24
C ASP D 232 37.80 47.22 -18.51
N LYS D 233 38.31 46.06 -18.11
CA LYS D 233 39.78 45.77 -18.07
CA LYS D 233 39.78 45.75 -18.06
C LYS D 233 40.29 45.28 -19.43
N GLN D 234 39.43 44.61 -20.23
CA GLN D 234 39.90 43.87 -21.44
C GLN D 234 39.23 44.34 -22.74
N TYR D 235 37.95 44.73 -22.71
CA TYR D 235 37.12 44.86 -23.94
C TYR D 235 36.63 46.30 -24.20
N LYS D 236 36.44 47.13 -23.17
CA LYS D 236 35.71 48.43 -23.27
C LYS D 236 36.28 49.29 -24.41
N SER D 237 37.61 49.39 -24.52
CA SER D 237 38.32 50.21 -25.54
C SER D 237 37.99 49.70 -26.95
N GLN D 238 37.99 48.38 -27.14
CA GLN D 238 37.77 47.71 -28.46
C GLN D 238 36.31 47.92 -28.91
N PHE D 239 35.37 47.96 -27.96
CA PHE D 239 33.93 48.23 -28.19
C PHE D 239 33.74 49.67 -28.69
N GLU D 240 34.35 50.63 -27.98
CA GLU D 240 34.28 52.09 -28.30
C GLU D 240 34.88 52.34 -29.70
N ALA D 241 35.85 51.52 -30.11
CA ALA D 241 36.51 51.58 -31.44
C ALA D 241 35.50 51.26 -32.55
N GLN D 242 34.52 50.38 -32.30
CA GLN D 242 33.50 49.94 -33.29
C GLN D 242 32.15 50.63 -33.01
N LYS D 243 32.13 51.65 -32.14
CA LYS D 243 30.93 52.48 -31.83
C LYS D 243 29.83 51.62 -31.19
N ILE D 244 30.20 50.56 -30.46
CA ILE D 244 29.26 49.65 -29.74
C ILE D 244 29.59 49.72 -28.24
N TRP D 245 28.76 49.06 -27.41
CA TRP D 245 28.79 49.15 -25.93
C TRP D 245 28.25 47.86 -25.30
N TYR D 246 28.56 47.64 -24.03
CA TYR D 246 27.94 46.59 -23.16
C TYR D 246 27.23 47.29 -21.99
N GLU D 247 26.02 46.81 -21.65
CA GLU D 247 25.24 47.27 -20.47
C GLU D 247 24.50 46.08 -19.87
N HIS D 248 24.42 46.03 -18.53
CA HIS D 248 23.56 45.11 -17.76
C HIS D 248 22.12 45.66 -17.77
N ARG D 249 21.13 44.77 -17.78
CA ARG D 249 19.68 45.10 -17.67
C ARG D 249 19.01 44.10 -16.74
N LEU D 250 17.97 44.54 -16.03
CA LEU D 250 17.05 43.62 -15.30
C LEU D 250 16.14 42.95 -16.33
N ILE D 251 15.99 41.63 -16.25
CA ILE D 251 15.24 40.78 -17.23
C ILE D 251 13.90 41.46 -17.54
N ASP D 252 13.21 42.00 -16.52
CA ASP D 252 11.89 42.67 -16.64
C ASP D 252 12.00 43.83 -17.63
N ASP D 253 13.00 44.69 -17.47
CA ASP D 253 13.26 45.86 -18.36
C ASP D 253 13.73 45.37 -19.73
N MET D 254 14.59 44.36 -19.78
CA MET D 254 15.24 43.86 -21.02
C MET D 254 14.18 43.34 -22.00
N VAL D 255 13.18 42.60 -21.50
CA VAL D 255 12.08 42.03 -22.34
C VAL D 255 11.34 43.17 -23.02
N ALA D 256 10.97 44.21 -22.27
CA ALA D 256 10.25 45.41 -22.75
C ALA D 256 11.11 46.14 -23.79
N GLN D 257 12.38 46.43 -23.45
CA GLN D 257 13.35 47.12 -24.33
C GLN D 257 13.52 46.32 -25.63
N ALA D 258 13.78 45.00 -25.51
CA ALA D 258 14.00 44.06 -26.63
C ALA D 258 12.83 44.13 -27.62
N MET D 259 11.59 44.16 -27.12
CA MET D 259 10.35 44.10 -27.94
C MET D 259 10.06 45.45 -28.59
N LYS D 260 10.46 46.55 -27.95
CA LYS D 260 10.31 47.93 -28.49
CA LYS D 260 10.29 47.93 -28.51
C LYS D 260 11.45 48.24 -29.47
N SER D 261 12.52 47.44 -29.41
CA SER D 261 13.73 47.55 -30.30
C SER D 261 13.41 47.01 -31.70
N GLU D 262 14.33 47.21 -32.64
CA GLU D 262 14.22 46.70 -34.04
C GLU D 262 15.23 45.56 -34.26
N GLY D 263 15.80 45.03 -33.16
CA GLY D 263 16.78 43.93 -33.18
C GLY D 263 18.19 44.44 -33.46
N GLY D 264 19.10 43.52 -33.82
CA GLY D 264 20.50 43.83 -34.15
C GLY D 264 21.35 44.07 -32.90
N PHE D 265 21.28 43.16 -31.92
CA PHE D 265 22.08 43.19 -30.67
C PHE D 265 22.26 41.77 -30.12
N ILE D 266 23.30 41.57 -29.30
CA ILE D 266 23.58 40.29 -28.58
C ILE D 266 22.87 40.36 -27.22
N TRP D 267 22.24 39.26 -26.81
CA TRP D 267 21.48 39.13 -25.54
C TRP D 267 22.03 37.93 -24.76
N ALA D 268 22.85 38.19 -23.75
CA ALA D 268 23.32 37.17 -22.76
C ALA D 268 22.23 36.98 -21.72
N CYS D 269 21.77 35.73 -21.58
CA CYS D 269 20.62 35.40 -20.75
C CYS D 269 21.01 34.49 -19.60
N LYS D 270 20.87 34.98 -18.36
CA LYS D 270 21.11 34.15 -17.19
C LYS D 270 19.81 33.42 -16.81
N ASN D 271 19.73 32.13 -17.13
CA ASN D 271 18.52 31.28 -16.96
C ASN D 271 18.89 29.82 -17.25
N GLN D 277 12.63 28.30 -23.44
CA GLN D 277 13.77 28.02 -24.35
C GLN D 277 13.55 28.74 -25.70
N SER D 278 14.64 29.09 -26.37
CA SER D 278 14.68 29.70 -27.73
C SER D 278 14.16 28.69 -28.77
N ASP D 279 14.49 27.41 -28.61
CA ASP D 279 14.13 26.32 -29.56
C ASP D 279 12.62 26.11 -29.56
N SER D 280 12.01 26.01 -28.37
CA SER D 280 10.56 25.78 -28.17
C SER D 280 9.73 26.83 -28.91
N VAL D 281 10.16 28.10 -28.82
CA VAL D 281 9.47 29.26 -29.47
C VAL D 281 9.56 29.10 -30.99
N ALA D 282 10.73 28.69 -31.50
CA ALA D 282 10.98 28.44 -32.94
C ALA D 282 10.11 27.29 -33.44
N GLN D 283 10.01 26.21 -32.64
CA GLN D 283 9.16 25.02 -32.93
C GLN D 283 7.70 25.46 -33.00
N GLY D 284 7.25 26.24 -32.00
CA GLY D 284 5.88 26.76 -31.89
C GLY D 284 5.51 27.65 -33.07
N TYR D 285 6.46 28.48 -33.52
CA TYR D 285 6.28 29.46 -34.61
C TYR D 285 6.46 28.78 -35.98
N GLY D 286 7.09 27.60 -36.00
CA GLY D 286 7.34 26.80 -37.22
C GLY D 286 8.46 27.40 -38.06
N SER D 287 9.54 27.85 -37.42
CA SER D 287 10.65 28.60 -38.06
C SER D 287 12.02 27.99 -37.71
N LEU D 288 12.06 26.69 -37.46
CA LEU D 288 13.29 25.92 -37.12
C LEU D 288 14.28 25.97 -38.30
N GLY D 289 13.76 25.94 -39.53
CA GLY D 289 14.58 25.94 -40.77
C GLY D 289 15.27 27.27 -41.01
N MET D 290 15.01 28.27 -40.15
CA MET D 290 15.51 29.66 -40.31
C MET D 290 16.26 30.11 -39.04
N MET D 291 16.82 29.17 -38.26
CA MET D 291 17.61 29.47 -37.04
C MET D 291 18.94 28.68 -37.07
N THR D 292 20.06 29.37 -36.86
CA THR D 292 21.43 28.79 -36.73
C THR D 292 21.85 28.77 -35.26
N SER D 293 22.82 27.92 -34.92
CA SER D 293 23.35 27.69 -33.55
C SER D 293 24.88 27.60 -33.59
N VAL D 294 25.58 28.67 -33.18
CA VAL D 294 27.07 28.76 -33.21
C VAL D 294 27.61 28.66 -31.77
N LEU D 295 28.51 27.70 -31.54
CA LEU D 295 29.26 27.53 -30.26
C LEU D 295 30.52 28.41 -30.32
N VAL D 296 30.58 29.46 -29.48
CA VAL D 296 31.70 30.43 -29.45
C VAL D 296 32.55 30.18 -28.19
N CYS D 297 33.76 29.65 -28.38
CA CYS D 297 34.76 29.41 -27.30
C CYS D 297 35.27 30.75 -26.76
N PRO D 298 35.65 30.82 -25.47
CA PRO D 298 36.06 32.10 -24.86
C PRO D 298 37.44 32.62 -25.27
N ASP D 299 38.25 31.81 -25.98
CA ASP D 299 39.58 32.21 -26.49
C ASP D 299 39.44 33.22 -27.64
N GLY D 300 38.27 33.26 -28.30
CA GLY D 300 37.93 34.24 -29.35
C GLY D 300 38.29 33.74 -30.74
N LYS D 301 38.99 32.60 -30.84
CA LYS D 301 39.51 32.02 -32.10
C LYS D 301 38.60 30.88 -32.57
N THR D 302 38.25 29.96 -31.68
CA THR D 302 37.52 28.69 -31.99
C THR D 302 36.01 28.95 -32.07
N VAL D 303 35.37 28.39 -33.10
CA VAL D 303 33.91 28.54 -33.40
C VAL D 303 33.42 27.24 -34.07
N GLU D 304 32.24 26.76 -33.69
CA GLU D 304 31.57 25.60 -34.33
C GLU D 304 30.12 25.98 -34.68
N ALA D 305 29.83 26.10 -35.98
CA ALA D 305 28.53 26.58 -36.53
C ALA D 305 27.70 25.38 -37.02
N GLU D 306 26.39 25.44 -36.83
CA GLU D 306 25.41 24.40 -37.28
C GLU D 306 23.99 24.96 -37.23
N ALA D 307 23.05 24.29 -37.88
CA ALA D 307 21.60 24.57 -37.82
C ALA D 307 21.10 24.23 -36.41
N ALA D 308 20.07 24.94 -35.94
CA ALA D 308 19.43 24.72 -34.62
C ALA D 308 18.49 23.50 -34.71
N HIS D 309 18.09 23.10 -35.91
CA HIS D 309 17.17 21.95 -36.15
C HIS D 309 17.95 20.64 -36.24
N GLY D 310 17.24 19.50 -36.29
CA GLY D 310 17.79 18.14 -36.41
C GLY D 310 17.85 17.68 -37.86
N THR D 311 17.82 16.36 -38.07
CA THR D 311 18.05 15.68 -39.38
C THR D 311 16.77 15.67 -40.22
N VAL D 312 15.63 16.09 -39.64
CA VAL D 312 14.31 16.18 -40.32
C VAL D 312 13.89 14.79 -40.81
N THR D 313 13.81 13.83 -39.88
CA THR D 313 13.57 12.39 -40.15
C THR D 313 12.27 12.20 -40.96
N ARG D 314 11.19 12.91 -40.59
CA ARG D 314 9.87 12.75 -41.24
C ARG D 314 10.00 12.99 -42.75
N HIS D 315 10.71 14.06 -43.15
CA HIS D 315 10.97 14.44 -44.57
C HIS D 315 11.79 13.35 -45.27
N TYR D 316 12.75 12.75 -44.56
CA TYR D 316 13.69 11.72 -45.09
C TYR D 316 12.91 10.44 -45.45
N ARG D 317 11.92 10.06 -44.63
CA ARG D 317 11.06 8.86 -44.86
C ARG D 317 10.32 9.02 -46.19
N MET D 318 9.84 10.24 -46.50
CA MET D 318 9.14 10.55 -47.77
C MET D 318 10.13 10.47 -48.94
N TYR D 319 11.36 10.96 -48.73
CA TYR D 319 12.46 10.92 -49.73
C TYR D 319 12.82 9.47 -50.04
N GLN D 320 12.86 8.61 -49.01
CA GLN D 320 13.21 7.16 -49.11
C GLN D 320 12.16 6.43 -49.97
N LYS D 321 10.90 6.87 -49.92
CA LYS D 321 9.76 6.29 -50.68
C LYS D 321 9.66 6.94 -52.06
N GLY D 322 10.59 7.84 -52.41
CA GLY D 322 10.68 8.50 -53.72
C GLY D 322 9.67 9.63 -53.87
N GLN D 323 9.05 10.07 -52.77
CA GLN D 323 8.05 11.18 -52.76
C GLN D 323 8.77 12.52 -52.78
N GLU D 324 8.10 13.56 -53.27
CA GLU D 324 8.62 14.95 -53.34
C GLU D 324 8.70 15.53 -51.92
N THR D 325 9.80 16.23 -51.61
CA THR D 325 10.05 16.87 -50.28
C THR D 325 10.35 18.37 -50.49
N SER D 326 10.01 19.20 -49.51
CA SER D 326 10.35 20.65 -49.46
C SER D 326 10.97 20.96 -48.09
N THR D 327 12.28 20.69 -47.95
CA THR D 327 13.08 20.88 -46.71
C THR D 327 13.87 22.19 -46.83
N ASN D 328 13.78 23.06 -45.81
CA ASN D 328 14.42 24.39 -45.78
C ASN D 328 15.92 24.25 -45.54
N PRO D 329 16.79 24.66 -46.50
CA PRO D 329 18.24 24.55 -46.33
C PRO D 329 18.94 25.77 -45.70
N ILE D 330 18.18 26.82 -45.42
CA ILE D 330 18.70 28.17 -45.05
C ILE D 330 19.57 28.04 -43.78
N ALA D 331 19.07 27.37 -42.75
CA ALA D 331 19.79 27.15 -41.48
C ALA D 331 21.14 26.48 -41.76
N SER D 332 21.14 25.42 -42.57
CA SER D 332 22.35 24.65 -42.96
C SER D 332 23.31 25.55 -43.76
N ILE D 333 22.78 26.33 -44.71
CA ILE D 333 23.56 27.28 -45.57
C ILE D 333 24.23 28.32 -44.68
N PHE D 334 23.49 28.87 -43.71
CA PHE D 334 23.98 29.97 -42.83
C PHE D 334 25.03 29.43 -41.85
N ALA D 335 25.00 28.12 -41.53
CA ALA D 335 26.06 27.44 -40.76
C ALA D 335 27.39 27.59 -41.51
N TRP D 336 27.38 27.38 -42.82
CA TRP D 336 28.57 27.53 -43.71
C TRP D 336 29.02 28.99 -43.75
N THR D 337 28.10 29.94 -43.95
CA THR D 337 28.40 31.39 -44.13
C THR D 337 29.00 31.96 -42.84
N ARG D 338 28.48 31.56 -41.67
CA ARG D 338 28.97 32.03 -40.34
C ARG D 338 30.37 31.47 -40.07
N GLY D 339 30.59 30.19 -40.41
CA GLY D 339 31.90 29.54 -40.32
C GLY D 339 32.94 30.24 -41.19
N LEU D 340 32.63 30.44 -42.48
CA LEU D 340 33.52 31.08 -43.48
C LEU D 340 33.76 32.55 -43.11
N ALA D 341 32.74 33.23 -42.57
CA ALA D 341 32.82 34.64 -42.11
C ALA D 341 33.85 34.76 -40.99
N HIS D 342 33.88 33.78 -40.09
CA HIS D 342 34.83 33.72 -38.95
C HIS D 342 36.24 33.42 -39.47
N ARG D 343 36.37 32.43 -40.36
CA ARG D 343 37.62 32.09 -41.09
C ARG D 343 38.20 33.38 -41.71
N ALA D 344 37.35 34.14 -42.41
CA ALA D 344 37.71 35.39 -43.13
C ALA D 344 38.25 36.44 -42.14
N LYS D 345 37.67 36.52 -40.94
CA LYS D 345 38.08 37.48 -39.87
C LYS D 345 39.47 37.10 -39.34
N LEU D 346 39.67 35.82 -39.02
CA LEU D 346 40.95 35.28 -38.47
C LEU D 346 42.10 35.52 -39.45
N ASP D 347 41.84 35.40 -40.76
CA ASP D 347 42.86 35.40 -41.84
C ASP D 347 42.93 36.76 -42.54
N ASN D 348 42.07 37.71 -42.16
CA ASN D 348 41.94 39.04 -42.83
C ASN D 348 41.74 38.82 -44.34
N ASN D 349 40.81 37.93 -44.70
CA ASN D 349 40.49 37.52 -46.09
C ASN D 349 39.21 38.23 -46.53
N LYS D 350 39.33 39.42 -47.10
CA LYS D 350 38.19 40.29 -47.48
C LYS D 350 37.38 39.64 -48.63
N GLU D 351 38.04 38.85 -49.49
CA GLU D 351 37.40 38.15 -50.63
C GLU D 351 36.41 37.11 -50.09
N LEU D 352 36.80 36.33 -49.08
CA LEU D 352 35.96 35.29 -48.45
C LEU D 352 34.84 35.96 -47.64
N ALA D 353 35.17 37.04 -46.91
CA ALA D 353 34.23 37.84 -46.11
C ALA D 353 33.07 38.30 -46.99
N PHE D 354 33.38 38.78 -48.20
CA PHE D 354 32.40 39.27 -49.21
C PHE D 354 31.50 38.12 -49.65
N PHE D 355 32.08 36.96 -49.96
CA PHE D 355 31.36 35.74 -50.45
C PHE D 355 30.36 35.28 -49.40
N ALA D 356 30.81 35.14 -48.14
CA ALA D 356 29.98 34.73 -46.98
C ALA D 356 28.73 35.62 -46.92
N ASN D 357 28.93 36.94 -46.97
CA ASN D 357 27.82 37.95 -46.95
C ASN D 357 26.96 37.82 -48.22
N ALA D 358 27.59 37.68 -49.38
CA ALA D 358 26.92 37.59 -50.70
C ALA D 358 25.92 36.43 -50.70
N LEU D 359 26.34 35.25 -50.22
CA LEU D 359 25.51 34.02 -50.14
C LEU D 359 24.33 34.26 -49.19
N GLU D 360 24.57 34.91 -48.05
CA GLU D 360 23.52 35.26 -47.05
C GLU D 360 22.48 36.17 -47.70
N GLU D 361 22.92 37.19 -48.45
CA GLU D 361 22.03 38.16 -49.16
C GLU D 361 21.22 37.43 -50.23
N VAL D 362 21.87 36.61 -51.07
CA VAL D 362 21.22 35.81 -52.15
C VAL D 362 20.08 35.00 -51.53
N SER D 363 20.35 34.31 -50.43
CA SER D 363 19.41 33.43 -49.69
C SER D 363 18.14 34.22 -49.31
N ILE D 364 18.32 35.38 -48.68
CA ILE D 364 17.23 36.26 -48.18
C ILE D 364 16.48 36.87 -49.39
N GLU D 365 17.21 37.38 -50.38
CA GLU D 365 16.66 38.02 -51.60
C GLU D 365 15.77 37.04 -52.36
N THR D 366 16.19 35.77 -52.45
CA THR D 366 15.49 34.67 -53.16
C THR D 366 14.11 34.46 -52.52
N ILE D 367 14.05 34.40 -51.19
CA ILE D 367 12.79 34.22 -50.40
C ILE D 367 11.95 35.49 -50.53
N GLU D 368 12.58 36.67 -50.48
CA GLU D 368 11.91 38.00 -50.59
C GLU D 368 11.35 38.18 -52.02
N ALA D 369 11.93 37.51 -53.00
CA ALA D 369 11.50 37.54 -54.43
C ALA D 369 10.29 36.62 -54.64
N GLY D 370 9.97 35.76 -53.67
CA GLY D 370 8.76 34.90 -53.68
C GLY D 370 9.07 33.42 -53.83
N PHE D 371 10.35 33.06 -54.02
CA PHE D 371 10.82 31.66 -54.20
C PHE D 371 11.26 31.11 -52.84
N MET D 372 10.55 30.10 -52.32
CA MET D 372 10.75 29.57 -50.95
C MET D 372 10.31 28.10 -50.87
N THR D 373 10.64 27.43 -49.77
CA THR D 373 10.22 26.05 -49.44
C THR D 373 8.85 26.10 -48.75
N LYS D 374 8.21 24.94 -48.57
CA LYS D 374 6.80 24.80 -48.13
C LYS D 374 6.58 25.44 -46.75
N ASP D 375 7.53 25.26 -45.83
CA ASP D 375 7.46 25.75 -44.42
C ASP D 375 7.26 27.28 -44.41
N LEU D 376 7.95 28.00 -45.31
CA LEU D 376 7.91 29.48 -45.40
C LEU D 376 6.57 29.94 -46.00
N ALA D 377 6.08 29.23 -47.03
CA ALA D 377 4.76 29.46 -47.66
C ALA D 377 3.66 29.29 -46.60
N ALA D 378 3.75 28.22 -45.80
CA ALA D 378 2.82 27.89 -44.70
C ALA D 378 2.86 29.00 -43.64
N CYS D 379 4.05 29.55 -43.37
CA CYS D 379 4.27 30.64 -42.37
CA CYS D 379 4.25 30.64 -42.36
C CYS D 379 3.53 31.91 -42.81
N ILE D 380 3.46 32.17 -44.12
CA ILE D 380 2.83 33.39 -44.70
C ILE D 380 1.30 33.28 -44.61
N LYS D 381 0.72 32.18 -45.11
CA LYS D 381 -0.74 32.08 -45.41
C LYS D 381 -1.40 30.88 -44.71
N GLY D 382 -0.70 30.19 -43.80
CA GLY D 382 -1.23 29.02 -43.06
C GLY D 382 -1.16 27.75 -43.90
N LEU D 383 -0.82 26.63 -43.27
CA LEU D 383 -0.53 25.32 -43.95
C LEU D 383 -1.74 24.85 -44.75
N PRO D 384 -2.99 24.94 -44.22
CA PRO D 384 -4.17 24.50 -44.98
C PRO D 384 -4.38 25.19 -46.33
N ASN D 385 -3.91 26.44 -46.49
CA ASN D 385 -4.16 27.28 -47.69
C ASN D 385 -3.04 27.13 -48.73
N VAL D 386 -1.95 26.44 -48.40
CA VAL D 386 -0.76 26.28 -49.30
C VAL D 386 -1.13 25.31 -50.43
N GLN D 387 -0.86 25.70 -51.69
CA GLN D 387 -0.94 24.83 -52.88
C GLN D 387 0.47 24.64 -53.45
N ARG D 388 0.66 23.70 -54.38
CA ARG D 388 1.99 23.26 -54.88
C ARG D 388 2.70 24.44 -55.58
N SER D 389 1.95 25.36 -56.19
CA SER D 389 2.49 26.52 -56.94
C SER D 389 3.02 27.61 -55.99
N ASP D 390 2.72 27.51 -54.69
CA ASP D 390 3.10 28.52 -53.66
C ASP D 390 4.57 28.34 -53.25
N TYR D 391 5.17 27.18 -53.49
CA TYR D 391 6.52 26.81 -52.97
C TYR D 391 7.28 25.98 -54.00
N LEU D 392 8.57 25.75 -53.73
CA LEU D 392 9.49 24.89 -54.53
C LEU D 392 9.93 23.71 -53.67
N ASN D 393 10.26 22.58 -54.30
CA ASN D 393 10.79 21.36 -53.62
C ASN D 393 12.26 21.60 -53.27
N THR D 394 12.84 20.71 -52.45
CA THR D 394 14.21 20.85 -51.88
C THR D 394 15.24 21.15 -52.97
N PHE D 395 15.15 20.46 -54.12
CA PHE D 395 16.14 20.51 -55.22
C PHE D 395 15.90 21.74 -56.11
N GLU D 396 14.64 22.06 -56.37
CA GLU D 396 14.22 23.27 -57.15
C GLU D 396 14.77 24.53 -56.47
N PHE D 397 14.61 24.63 -55.14
CA PHE D 397 15.03 25.81 -54.34
C PHE D 397 16.55 25.95 -54.36
N MET D 398 17.27 24.85 -54.18
CA MET D 398 18.77 24.82 -54.21
C MET D 398 19.26 25.28 -55.59
N ASP D 399 18.59 24.83 -56.66
CA ASP D 399 18.88 25.24 -58.07
C ASP D 399 18.71 26.76 -58.21
N LYS D 400 17.63 27.31 -57.65
CA LYS D 400 17.26 28.75 -57.74
C LYS D 400 18.31 29.60 -57.01
N LEU D 401 18.75 29.16 -55.83
CA LEU D 401 19.85 29.80 -55.05
C LEU D 401 21.13 29.78 -55.90
N GLY D 402 21.44 28.65 -56.52
CA GLY D 402 22.62 28.44 -57.38
C GLY D 402 22.68 29.45 -58.51
N GLU D 403 21.56 29.64 -59.23
CA GLU D 403 21.42 30.58 -60.37
C GLU D 403 21.62 32.02 -59.87
N ASN D 404 20.97 32.39 -58.75
CA ASN D 404 20.98 33.76 -58.17
C ASN D 404 22.37 34.09 -57.61
N LEU D 405 23.08 33.10 -57.07
CA LEU D 405 24.46 33.26 -56.53
C LEU D 405 25.44 33.55 -57.67
N LYS D 406 25.33 32.82 -58.78
CA LYS D 406 26.16 33.00 -60.01
C LYS D 406 26.02 34.43 -60.52
N ILE D 407 24.79 34.94 -60.57
CA ILE D 407 24.45 36.31 -61.07
C ILE D 407 25.06 37.36 -60.12
N LYS D 408 24.88 37.19 -58.80
CA LYS D 408 25.36 38.15 -57.77
C LYS D 408 26.89 38.24 -57.83
N LEU D 409 27.60 37.11 -57.96
CA LEU D 409 29.08 37.06 -57.94
C LEU D 409 29.64 37.58 -59.27
N ALA D 410 28.90 37.42 -60.38
CA ALA D 410 29.25 37.97 -61.71
C ALA D 410 29.24 39.51 -61.66
N GLN D 411 28.20 40.10 -61.05
CA GLN D 411 28.02 41.57 -60.90
C GLN D 411 29.25 42.18 -60.20
CAS R1R E . -35.76 24.90 41.98
CAU R1R E . -37.11 23.78 43.65
CAI R1R E . -40.81 25.33 37.19
CAK R1R E . -40.13 27.14 38.32
CAQ R1R E . -34.09 22.75 39.86
CAW R1R E . -38.96 23.09 45.16
CAR R1R E . -35.87 23.80 41.12
CAP R1R E . -35.27 23.77 39.86
CAT R1R E . -36.37 24.89 43.23
C4 R1R E . -37.71 26.79 38.43
C5 R1R E . -37.24 28.08 38.29
C6 R1R E . -35.91 28.35 38.56
N1 R1R E . -35.07 27.31 38.96
N3 R1R E . -36.85 25.82 38.82
CBD R1R E . -33.55 21.36 48.90
CBC R1R E . -34.76 21.76 49.70
SBA R1R E . -36.24 21.01 48.99
OBB R1R E . -37.42 21.48 49.82
OBE R1R E . -36.03 19.49 49.13
NAZ R1R E . -36.49 21.47 47.35
CAY R1R E . -37.73 22.27 47.17
CBF R1R E . -37.44 23.74 47.33
CBG R1R E . -36.96 24.33 46.01
CAX R1R E . -38.49 21.86 45.91
NAV R1R E . -37.69 23.78 44.87
CBH R1R E . -37.21 22.68 42.79
CBI R1R E . -36.60 22.69 41.54
NAO R1R E . -34.76 25.09 39.46
C2 R1R E . -35.57 26.07 39.08
F5 R1R E . -37.99 29.06 37.92
NAD R1R E . -38.99 26.43 38.19
OAL R1R E . -40.18 28.30 38.70
OAJ R1R E . -41.22 26.38 38.00
CAE R1R E . -39.41 25.07 37.74
CAF R1R E . -39.38 24.04 38.91
CAH R1R E . -40.20 24.49 40.13
CAG R1R E . -39.89 22.68 38.43
PA NDP F . -41.23 10.20 32.77
O1A NDP F . -40.52 11.36 33.40
O2A NDP F . -40.55 9.41 31.70
O5B NDP F . -42.66 10.68 32.22
C5B NDP F . -43.70 11.07 33.15
C4B NDP F . -44.53 12.17 32.56
O4B NDP F . -43.83 13.44 32.68
C3B NDP F . -44.85 12.08 31.06
O3B NDP F . -45.90 11.16 30.79
C2B NDP F . -45.22 13.53 30.78
O2B NDP F . -46.46 13.90 31.37
C1B NDP F . -44.09 14.23 31.53
N9A NDP F . -42.86 14.37 30.75
C8A NDP F . -41.63 13.81 31.03
N7A NDP F . -40.71 14.11 30.15
C5A NDP F . -41.36 14.93 29.25
C6A NDP F . -40.92 15.58 28.07
N6A NDP F . -39.67 15.51 27.61
N1A NDP F . -41.83 16.32 27.38
C2A NDP F . -43.08 16.39 27.86
N3A NDP F . -43.61 15.82 28.95
C4A NDP F . -42.69 15.09 29.60
O3 NDP F . -41.66 9.21 33.95
PN NDP F . -42.35 7.76 33.97
O1N NDP F . -42.80 7.49 35.38
O2N NDP F . -43.37 7.70 32.88
O5D NDP F . -41.10 6.84 33.63
C5D NDP F . -41.13 5.99 32.45
C4D NDP F . -39.83 5.22 32.37
O4D NDP F . -38.73 6.14 32.60
C3D NDP F . -39.67 4.06 33.37
O3D NDP F . -39.33 2.85 32.71
C2D NDP F . -38.56 4.57 34.30
O2D NDP F . -37.74 3.52 34.81
C1D NDP F . -37.78 5.51 33.42
N1N NDP F . -37.02 6.55 34.18
C2N NDP F . -35.65 6.57 34.16
C3N NDP F . -34.93 7.68 34.52
C7N NDP F . -33.57 7.85 33.93
O7N NDP F . -33.19 7.12 33.00
N7N NDP F . -32.77 8.78 34.44
C4N NDP F . -35.59 8.61 35.48
C5N NDP F . -37.06 8.49 35.52
C6N NDP F . -37.69 7.47 34.97
P2B NDP F . -47.76 13.80 30.41
O1X NDP F . -48.87 14.58 31.06
O2X NDP F . -48.07 12.31 30.34
O3X NDP F . -47.38 14.37 29.05
C1 GOL G . -13.43 10.17 41.03
O1 GOL G . -14.43 10.98 41.63
C2 GOL G . -13.76 9.84 39.59
O2 GOL G . -12.59 9.40 38.91
C3 GOL G . -14.85 8.80 39.43
O3 GOL G . -14.69 7.70 40.34
C1 GOL H . -14.00 27.66 27.67
O1 GOL H . -14.23 27.14 28.99
C2 GOL H . -12.51 27.68 27.34
O2 GOL H . -12.33 28.24 26.05
C3 GOL H . -11.69 28.45 28.36
O3 GOL H . -10.96 27.56 29.21
C1 PEG I . -17.45 21.27 36.93
O1 PEG I . -16.94 20.28 37.81
C2 PEG I . -18.95 21.34 36.98
O2 PEG I . -19.49 21.29 35.66
C3 PEG I . -20.85 21.69 35.59
C4 PEG I . -21.39 21.48 34.20
O4 PEG I . -22.80 21.48 34.17
C1 PEG J . -11.96 15.40 17.74
O1 PEG J . -10.68 15.33 18.31
C2 PEG J . -11.94 15.19 16.25
O2 PEG J . -12.20 13.82 15.97
C3 PEG J . -11.37 13.29 14.94
C4 PEG J . -10.01 12.97 15.49
O4 PEG J . -9.67 11.60 15.34
C1 GOL K . -12.06 14.53 46.87
O1 GOL K . -11.62 13.82 45.73
C2 GOL K . -11.12 15.68 47.21
O2 GOL K . -9.91 15.17 47.74
C3 GOL K . -10.84 16.59 46.02
O3 GOL K . -10.13 17.76 46.41
C1 GOL L . -48.10 -1.35 19.12
O1 GOL L . -46.77 -1.80 18.97
C2 GOL L . -48.62 -1.59 20.53
O2 GOL L . -48.27 -0.50 21.37
C3 GOL L . -50.11 -1.83 20.59
O3 GOL L . -50.80 -1.12 19.56
C1 PEG M . -12.39 16.69 59.49
O1 PEG M . -13.43 16.84 60.43
C2 PEG M . -12.88 16.21 58.16
O2 PEG M . -12.17 16.87 57.11
C3 PEG M . -12.77 18.10 56.70
C4 PEG M . -11.72 19.07 56.25
O4 PEG M . -11.23 18.75 54.96
C1 PEG N . -14.20 26.92 36.28
O1 PEG N . -13.72 27.58 37.43
C2 PEG N . -14.82 27.86 35.30
O2 PEG N . -15.94 27.23 34.67
C3 PEG N . -16.44 27.96 33.56
C4 PEG N . -17.66 27.27 33.01
O4 PEG N . -17.43 26.71 31.73
CAS R1R O . -2.86 -25.56 4.38
CAU R1R O . -1.67 -24.52 2.55
CAI R1R O . -8.64 -26.82 0.69
CAK R1R O . -7.25 -28.48 1.30
CAQ R1R O . -4.70 -23.36 6.29
CAW R1R O . 0.73 -24.99 2.13
CAR R1R O . -3.80 -24.53 4.37
CAP R1R O . -4.88 -24.50 5.27
CAT R1R O . -1.80 -25.55 3.48
C4 R1R O . -6.60 -27.85 3.56
C5 R1R O . -6.52 -29.10 4.19
C6 R1R O . -5.91 -29.19 5.44
N1 R1R O . -5.40 -28.04 6.04
N3 R1R O . -6.09 -26.79 4.20
CBD R1R O . 4.06 -21.38 4.38
CBC R1R O . 4.51 -21.95 3.07
SBA R1R O . 3.40 -21.29 1.76
OBB R1R O . 3.89 -21.81 0.42
OBE R1R O . 3.55 -19.78 1.75
NAZ R1R O . 1.68 -21.41 2.03
CAY R1R O . 0.93 -22.61 1.74
CBF R1R O . 0.76 -22.94 0.30
CBG R1R O . -0.54 -23.80 0.37
CAX R1R O . 1.54 -23.79 2.45
NAV R1R O . -0.60 -24.49 1.70
CBH R1R O . -2.60 -23.48 2.56
CBI R1R O . -3.67 -23.49 3.46
NAO R1R O . -5.03 -25.78 5.99
C2 R1R O . -5.51 -26.87 5.42
F5 R1R O . -6.99 -30.17 3.64
NAD R1R O . -7.17 -27.65 2.36
OAL R1R O . -6.79 -29.62 1.27
OAJ R1R O . -7.89 -27.89 0.25
CAE R1R O . -7.83 -26.40 1.94
CAF R1R O . -6.78 -25.29 1.56
CAH R1R O . -5.73 -25.76 0.53
CAG R1R O . -7.49 -24.02 1.05
PA NDP P . -14.75 -12.03 0.12
O1A NDP P . -15.74 -11.28 0.95
O2A NDP P . -13.80 -12.96 0.82
O5B NDP P . -15.52 -12.82 -1.02
C5B NDP P . -14.80 -13.22 -2.21
C4B NDP P . -15.50 -14.40 -2.85
O4B NDP P . -15.12 -15.62 -2.16
C3B NDP P . -17.04 -14.39 -2.78
O3B NDP P . -17.59 -13.54 -3.79
C2B NDP P . -17.32 -15.87 -2.96
O2B NDP P . -17.08 -16.33 -4.30
C1B NDP P . -16.25 -16.47 -2.04
N9A NDP P . -16.64 -16.51 -0.64
C8A NDP P . -16.06 -15.81 0.40
N7A NDP P . -16.62 -16.04 1.56
C5A NDP P . -17.63 -16.97 1.28
C6A NDP P . -18.57 -17.60 2.10
N6A NDP P . -18.66 -17.40 3.41
N1A NDP P . -19.43 -18.47 1.51
C2A NDP P . -19.33 -18.66 0.18
N3A NDP P . -18.48 -18.10 -0.68
C4A NDP P . -17.64 -17.25 -0.07
O3 NDP P . -13.88 -11.00 -0.75
PN NDP P . -14.26 -9.62 -1.49
O1N NDP P . -13.13 -9.23 -2.37
O2N NDP P . -15.62 -9.78 -2.09
O5D NDP P . -14.33 -8.62 -0.24
C5D NDP P . -15.59 -8.05 0.18
C4D NDP P . -15.35 -7.07 1.29
O4D NDP P . -14.73 -7.76 2.41
C3D NDP P . -14.43 -5.88 0.96
O3D NDP P . -15.02 -4.65 1.35
C2D NDP P . -13.16 -6.17 1.74
O2D NDP P . -12.52 -5.00 2.19
C1D NDP P . -13.66 -7.00 2.92
N1N NDP P . -12.61 -7.92 3.46
C2N NDP P . -12.19 -7.79 4.75
C3N NDP P . -11.70 -8.86 5.45
C7N NDP P . -11.89 -8.88 6.93
O7N NDP P . -12.83 -8.26 7.44
N7N NDP P . -11.02 -9.56 7.67
C4N NDP P . -11.02 -9.92 4.65
C5N NDP P . -11.18 -9.77 3.19
C6N NDP P . -12.04 -8.91 2.69
P2B NDP P . -18.37 -16.33 -5.27
O1X NDP P . -17.83 -16.98 -6.53
O2X NDP P . -18.77 -14.90 -5.50
O3X NDP P . -19.49 -17.14 -4.63
C1 GOL Q . -10.79 -28.33 12.53
O1 GOL Q . -10.46 -27.42 11.47
C2 GOL Q . -11.81 -29.37 12.10
O2 GOL Q . -11.41 -30.01 10.89
C3 GOL Q . -12.05 -30.41 13.17
O3 GOL Q . -12.45 -29.82 14.41
CAS R1R R . 2.22 -26.58 -12.17
CAU R1R R . 2.66 -25.79 -9.92
CAI R1R R . 0.88 -33.17 -10.27
CAK R1R R . -0.75 -31.79 -10.90
CAQ R1R R . 5.02 -27.77 -13.81
CAW R1R R . 2.59 -25.32 -7.49
CAR R1R R . 3.34 -27.44 -12.10
CAP R1R R . 3.71 -28.28 -13.17
CAT R1R R . 1.89 -25.78 -11.09
C4 R1R R . 0.29 -30.57 -12.74
C5 R1R R . -0.78 -30.44 -13.62
C6 R1R R . -0.67 -29.57 -14.70
N1 R1R R . 0.53 -28.86 -14.88
N3 R1R R . 1.41 -29.86 -12.97
CBD R1R R . 5.43 -19.54 -9.70
CBC R1R R . 4.48 -19.43 -8.53
SBA R1R R . 4.92 -20.76 -7.37
OBB R1R R . 4.03 -20.58 -6.13
OBE R1R R . 6.39 -20.60 -6.94
NAZ R1R R . 4.64 -22.32 -8.04
CAY R1R R . 3.50 -23.02 -7.35
CBF R1R R . 2.18 -22.67 -8.01
CBG R1R R . 1.94 -23.58 -9.20
CAX R1R R . 3.80 -24.50 -7.15
NAV R1R R . 2.35 -24.97 -8.90
CBH R1R R . 3.77 -26.63 -9.88
CBI R1R R . 4.10 -27.44 -10.95
NAO R1R R . 2.66 -28.34 -14.20
C2 R1R R . 1.53 -29.03 -14.01
F5 R1R R . -1.88 -31.08 -13.49
NAD R1R R . 0.27 -31.39 -11.66
OAL R1R R . -1.92 -31.43 -11.07
OAJ R1R R . -0.35 -32.58 -9.88
CAE R1R R . 1.47 -32.01 -11.06
CAF R1R R . 2.32 -31.01 -10.22
CAH R1R R . 1.49 -30.31 -9.14
CAG R1R R . 3.50 -31.73 -9.57
PA NDP S . 15.65 -38.12 -7.01
O1A NDP S . 14.86 -37.06 -7.70
O2A NDP S . 16.68 -38.86 -7.80
O5B NDP S . 14.66 -39.17 -6.32
C5B NDP S . 13.91 -38.75 -5.16
C4B NDP S . 12.71 -39.65 -5.01
O4B NDP S . 11.64 -39.20 -5.87
C3B NDP S . 12.91 -41.12 -5.39
O3B NDP S . 13.53 -41.86 -4.34
C2B NDP S . 11.48 -41.52 -5.68
O2B NDP S . 10.69 -41.60 -4.49
C1B NDP S . 11.02 -40.31 -6.49
N9A NDP S . 11.39 -40.34 -7.90
C8A NDP S . 12.15 -39.43 -8.57
N7A NDP S . 12.29 -39.70 -9.85
C5A NDP S . 11.58 -40.87 -10.03
C6A NDP S . 11.34 -41.67 -11.16
N6A NDP S . 11.83 -41.40 -12.36
N1A NDP S . 10.58 -42.78 -11.00
C2A NDP S . 10.09 -43.04 -9.79
N3A NDP S . 10.25 -42.38 -8.65
C4A NDP S . 11.01 -41.27 -8.83
O3 NDP S . 16.34 -37.45 -5.73
PN NDP S . 17.57 -37.88 -4.78
O1N NDP S . 17.58 -36.98 -3.60
O2N NDP S . 17.52 -39.36 -4.55
O5D NDP S . 18.80 -37.53 -5.74
C5D NDP S . 19.70 -38.58 -6.16
C4D NDP S . 20.90 -37.97 -6.86
O4D NDP S . 20.43 -37.23 -8.01
C3D NDP S . 21.74 -37.00 -6.01
O3D NDP S . 23.12 -37.26 -6.18
C2D NDP S . 21.32 -35.63 -6.57
O2D NDP S . 22.34 -34.65 -6.45
C1D NDP S . 21.05 -35.97 -8.04
N1N NDP S . 20.15 -35.00 -8.73
C2N NDP S . 20.29 -34.78 -10.08
C3N NDP S . 19.91 -33.60 -10.65
C7N NDP S . 20.48 -33.30 -11.99
O7N NDP S . 21.65 -33.59 -12.24
N7N NDP S . 19.69 -32.74 -12.90
C4N NDP S . 18.95 -32.74 -9.91
C5N NDP S . 18.51 -33.32 -8.63
C6N NDP S . 19.11 -34.36 -8.09
P2B NDP S . 10.59 -43.06 -3.79
O1X NDP S . 11.92 -43.29 -3.13
O2X NDP S . 10.30 -44.08 -4.88
O3X NDP S . 9.46 -42.97 -2.78
C1 GOL T . 16.54 -11.78 -7.09
O1 GOL T . 15.32 -12.12 -6.43
C2 GOL T . 17.68 -12.67 -6.66
O2 GOL T . 18.63 -12.79 -7.72
C3 GOL T . 18.38 -12.19 -5.40
O3 GOL T . 18.36 -13.18 -4.38
CAS R1R U . 15.06 35.84 -30.43
CAU R1R U . 13.79 34.94 -28.58
CAI R1R U . 10.59 33.84 -35.36
CAK R1R U . 10.78 36.00 -34.74
CAQ R1R U . 17.31 33.63 -31.79
CAW R1R U . 11.95 34.30 -27.05
CAR R1R U . 15.28 34.56 -30.94
CAP R1R U . 16.00 34.32 -32.12
CAT R1R U . 14.31 36.03 -29.27
C4 R1R U . 13.19 36.24 -34.44
C5 R1R U . 13.42 37.52 -34.94
C6 R1R U . 14.65 38.14 -34.70
N1 R1R U . 15.63 37.47 -33.97
N3 R1R U . 14.17 35.64 -33.75
CBD R1R U . 17.01 34.93 -22.61
CBC R1R U . 15.65 35.34 -22.07
SBA R1R U . 14.46 34.05 -22.58
OBB R1R U . 13.10 34.48 -22.04
OBE R1R U . 14.91 32.74 -21.93
NAZ R1R U . 14.35 33.89 -24.30
CAY R1R U . 13.04 34.36 -24.81
CBF R1R U . 13.05 35.88 -25.09
CBG R1R U . 13.62 36.13 -26.46
CAX R1R U . 12.53 33.46 -25.94
NAV R1R U . 13.10 35.14 -27.44
CBH R1R U . 14.02 33.66 -29.08
CBI R1R U . 14.75 33.46 -30.25
NAO R1R U . 16.29 35.58 -32.83
C2 R1R U . 15.36 36.24 -33.53
F5 R1R U . 12.52 38.14 -35.62
NAD R1R U . 12.04 35.55 -34.62
OAL R1R U . 10.46 37.18 -34.72
OAJ R1R U . 9.89 34.97 -34.86
CAE R1R U . 11.94 34.07 -34.69
CAF R1R U . 12.04 33.41 -33.28
CAH R1R U . 11.04 33.99 -32.26
CAG R1R U . 11.84 31.88 -33.35
PA NDP V . 13.73 18.38 -36.26
O1A NDP V . 14.34 19.10 -35.10
O2A NDP V . 14.19 18.74 -37.63
O5B NDP V . 12.13 18.52 -36.18
C5B NDP V . 11.30 17.71 -37.05
C4B NDP V . 10.23 18.56 -37.69
O4B NDP V . 10.60 19.96 -37.61
C3B NDP V . 9.99 18.29 -39.17
O3B NDP V . 9.10 17.19 -39.33
C2B NDP V . 9.44 19.63 -39.63
O2B NDP V . 8.06 19.80 -39.28
C1B NDP V . 10.28 20.61 -38.83
N9A NDP V . 11.54 21.00 -39.48
C8A NDP V . 12.77 21.02 -38.88
N7A NDP V . 13.73 21.42 -39.69
C5A NDP V . 13.09 21.70 -40.88
C6A NDP V . 13.57 22.17 -42.12
N6A NDP V . 14.84 22.46 -42.36
N1A NDP V . 12.66 22.36 -43.11
C2A NDP V . 11.38 22.07 -42.86
N3A NDP V . 10.81 21.62 -41.74
C4A NDP V . 11.73 21.45 -40.77
O3 NDP V . 13.95 16.81 -36.09
PN NDP V . 13.26 15.70 -35.16
O1N NDP V . 12.75 16.37 -33.93
O2N NDP V . 12.34 14.89 -36.01
O5D NDP V . 14.55 14.81 -34.79
C5D NDP V . 15.08 13.93 -35.81
C4D NDP V . 16.50 13.57 -35.46
O4D NDP V . 17.25 14.80 -35.27
C3D NDP V . 16.70 12.74 -34.18
O3D NDP V . 17.50 11.60 -34.42
C2D NDP V . 17.37 13.74 -33.22
O2D NDP V . 18.26 13.12 -32.31
C1D NDP V . 18.11 14.66 -34.17
N1N NDP V . 18.39 16.01 -33.60
C2N NDP V . 19.68 16.46 -33.46
C3N NDP V . 19.98 17.78 -33.54
C7N NDP V . 21.31 18.18 -34.06
O7N NDP V . 21.96 17.37 -34.75
N7N NDP V . 21.77 19.39 -33.80
C4N NDP V . 18.92 18.73 -33.07
C5N NDP V . 17.60 18.10 -32.83
C6N NDP V . 17.36 16.85 -33.21
P2B NDP V . 6.99 19.26 -40.38
O1X NDP V . 7.50 19.63 -41.76
O2X NDP V . 5.69 19.96 -40.02
O3X NDP V . 6.91 17.76 -40.18
C1 GOL W . 42.85 35.03 -55.63
O1 GOL W . 43.31 33.69 -55.51
C2 GOL W . 41.49 35.24 -54.98
O2 GOL W . 41.66 35.37 -53.56
C3 GOL W . 40.73 36.42 -55.53
O3 GOL W . 39.32 36.18 -55.54
C1 PEG X . 8.53 37.49 -26.04
O1 PEG X . 9.72 37.79 -26.76
C2 PEG X . 8.61 36.19 -25.31
O2 PEG X . 9.32 36.35 -24.08
C3 PEG X . 8.94 35.42 -23.07
C4 PEG X . 9.53 34.07 -23.34
O4 PEG X . 8.55 33.04 -23.32
#